data_4HNK
#
_entry.id   4HNK
#
_cell.length_a   178.785
_cell.length_b   105.853
_cell.length_c   186.402
_cell.angle_alpha   90.000
_cell.angle_beta   118.100
_cell.angle_gamma   90.000
#
_symmetry.space_group_name_H-M   'C 1 2 1'
#
loop_
_entity.id
_entity.type
_entity.pdbx_description
1 polymer 'ATP-dependent Clp protease proteolytic subunit'
2 non-polymer GLYCEROL
3 water water
#
_entity_poly.entity_id   1
_entity_poly.type   'polypeptide(L)'
_entity_poly.pdbx_seq_one_letter_code
;MGSSHHHHHHSSGRENLYFQGHMSYNEHHKYNINIPSLLLSKRIIFLSSPIYPHISEQIISQLLYLEYESKRKPIHLYIN
STGDIDNNKIINLNGITDVISIVDVINYISSDVYTYCLGKAYGIACILASSGKKGYRFSLKNSSFCLNQSYSIIPFNQAT
NIEIQNKEIMNTKKKVIEIISKNTEKDTNVISNVLERDKYFNADEAVDFKLIDHILEKE
;
_entity_poly.pdbx_strand_id   A,B,C,D,E,F,G,H,I,J,K,L,M,N
#
# COMPACT_ATOMS: atom_id res chain seq x y z
N PRO A 36 -16.64 12.30 5.45
CA PRO A 36 -16.70 11.11 6.32
C PRO A 36 -17.92 10.92 7.24
N SER A 37 -19.13 10.79 6.73
CA SER A 37 -20.26 11.04 7.62
C SER A 37 -20.89 9.82 8.31
N LEU A 38 -20.64 9.66 9.61
CA LEU A 38 -21.62 9.02 10.47
C LEU A 38 -22.16 7.76 9.85
N LEU A 39 -23.36 7.92 9.31
CA LEU A 39 -24.10 6.89 8.59
C LEU A 39 -23.22 6.06 7.64
N LEU A 40 -22.27 6.73 6.99
CA LEU A 40 -21.33 6.05 6.12
C LEU A 40 -20.50 5.05 6.93
N SER A 41 -20.12 5.44 8.14
CA SER A 41 -19.26 4.61 8.95
C SER A 41 -19.92 3.25 9.18
N LYS A 42 -21.25 3.25 9.12
CA LYS A 42 -22.08 2.07 9.31
C LYS A 42 -22.51 1.41 8.01
N ARG A 43 -21.96 1.89 6.89
CA ARG A 43 -22.28 1.32 5.58
C ARG A 43 -23.76 1.57 5.26
N ILE A 44 -24.24 2.72 5.68
CA ILE A 44 -25.58 3.17 5.38
C ILE A 44 -25.56 4.33 4.37
N ILE A 45 -26.40 4.23 3.35
CA ILE A 45 -26.66 5.32 2.44
C ILE A 45 -28.13 5.63 2.52
N PHE A 46 -28.48 6.87 2.82
CA PHE A 46 -29.87 7.23 3.07
C PHE A 46 -30.27 8.29 2.10
N LEU A 47 -31.10 7.91 1.13
CA LEU A 47 -31.64 8.87 0.18
C LEU A 47 -32.97 9.37 0.70
N SER A 48 -32.97 10.59 1.23
CA SER A 48 -34.15 11.17 1.86
C SER A 48 -34.89 12.20 1.02
N SER A 49 -34.43 12.43 -0.20
CA SER A 49 -34.95 13.51 -1.01
C SER A 49 -35.34 13.05 -2.42
N PRO A 50 -35.86 13.98 -3.23
CA PRO A 50 -36.04 13.69 -4.66
C PRO A 50 -34.66 13.48 -5.22
N ILE A 51 -34.53 12.82 -6.37
CA ILE A 51 -33.18 12.58 -6.84
C ILE A 51 -32.81 13.71 -7.75
N TYR A 52 -32.07 14.67 -7.20
CA TYR A 52 -31.63 15.85 -7.92
C TYR A 52 -30.37 15.47 -8.68
N PRO A 53 -29.94 16.33 -9.60
CA PRO A 53 -28.77 16.02 -10.42
C PRO A 53 -27.57 15.59 -9.58
N HIS A 54 -27.31 16.31 -8.50
CA HIS A 54 -26.13 16.02 -7.68
C HIS A 54 -26.25 14.75 -6.85
N ILE A 55 -27.46 14.19 -6.76
CA ILE A 55 -27.67 13.05 -5.88
C ILE A 55 -27.02 11.80 -6.43
N SER A 56 -27.18 11.55 -7.73
CA SER A 56 -26.58 10.39 -8.38
C SER A 56 -25.08 10.37 -8.12
N GLU A 57 -24.43 11.52 -8.23
CA GLU A 57 -23.00 11.59 -8.00
C GLU A 57 -22.64 11.17 -6.57
N GLN A 58 -23.49 11.55 -5.61
CA GLN A 58 -23.22 11.25 -4.21
C GLN A 58 -23.35 9.76 -3.95
N ILE A 59 -24.46 9.20 -4.42
CA ILE A 59 -24.75 7.80 -4.18
C ILE A 59 -23.67 6.91 -4.77
N ILE A 60 -23.26 7.21 -5.98
CA ILE A 60 -22.17 6.46 -6.63
C ILE A 60 -20.85 6.60 -5.87
N SER A 61 -20.48 7.82 -5.52
CA SER A 61 -19.27 8.04 -4.73
C SER A 61 -19.32 7.19 -3.49
N GLN A 62 -20.45 7.21 -2.79
CA GLN A 62 -20.55 6.43 -1.59
C GLN A 62 -20.43 4.93 -1.83
N LEU A 63 -21.08 4.42 -2.86
CA LEU A 63 -20.94 2.99 -3.20
C LEU A 63 -19.49 2.64 -3.49
N LEU A 64 -18.85 3.39 -4.38
CA LEU A 64 -17.43 3.14 -4.67
C LEU A 64 -16.58 3.16 -3.41
N TYR A 65 -16.79 4.17 -2.56
CA TYR A 65 -16.02 4.24 -1.31
C TYR A 65 -16.23 3.00 -0.45
N LEU A 66 -17.49 2.65 -0.19
CA LEU A 66 -17.79 1.50 0.65
C LEU A 66 -17.19 0.22 0.08
N GLU A 67 -17.30 0.06 -1.23
CA GLU A 67 -16.75 -1.13 -1.89
C GLU A 67 -15.25 -1.24 -1.67
N TYR A 68 -14.54 -0.12 -1.81
CA TYR A 68 -13.08 -0.13 -1.65
C TYR A 68 -12.66 -0.26 -0.19
N GLU A 69 -13.57 0.08 0.72
CA GLU A 69 -13.29 -0.04 2.15
C GLU A 69 -13.30 -1.51 2.59
N SER A 70 -14.41 -2.20 2.32
CA SER A 70 -14.57 -3.59 2.65
C SER A 70 -15.23 -4.27 1.48
N LYS A 71 -14.55 -5.30 0.95
CA LYS A 71 -14.87 -5.94 -0.32
C LYS A 71 -16.19 -6.72 -0.45
N ARG A 72 -16.55 -7.53 0.55
CA ARG A 72 -17.83 -8.20 0.49
C ARG A 72 -18.89 -7.85 1.55
N LYS A 73 -18.57 -6.90 2.41
CA LYS A 73 -19.52 -6.44 3.42
C LYS A 73 -20.73 -5.78 2.77
N PRO A 74 -21.94 -6.09 3.26
CA PRO A 74 -23.15 -5.53 2.68
C PRO A 74 -23.28 -4.04 2.89
N ILE A 75 -24.07 -3.41 2.03
CA ILE A 75 -24.32 -1.97 2.08
C ILE A 75 -25.81 -1.75 2.23
N HIS A 76 -26.20 -0.84 3.11
CA HIS A 76 -27.62 -0.64 3.38
C HIS A 76 -28.14 0.66 2.83
N LEU A 77 -28.95 0.55 1.78
CA LEU A 77 -29.48 1.71 1.08
C LEU A 77 -30.91 1.96 1.53
N TYR A 78 -31.12 3.03 2.31
CA TYR A 78 -32.46 3.37 2.77
C TYR A 78 -33.06 4.40 1.84
N ILE A 79 -34.30 4.19 1.44
CA ILE A 79 -34.92 5.05 0.43
C ILE A 79 -36.25 5.63 0.85
N ASN A 80 -36.33 6.95 0.94
CA ASN A 80 -37.62 7.61 0.97
C ASN A 80 -37.58 8.76 -0.03
N SER A 81 -38.19 8.56 -1.20
CA SER A 81 -38.02 9.48 -2.30
C SER A 81 -39.14 9.48 -3.32
N THR A 82 -39.42 10.65 -3.90
CA THR A 82 -40.43 10.79 -4.96
C THR A 82 -39.85 10.68 -6.35
N GLY A 83 -38.58 10.32 -6.43
CA GLY A 83 -37.88 10.21 -7.70
C GLY A 83 -37.48 11.54 -8.29
N ASP A 84 -37.81 11.75 -9.57
CA ASP A 84 -37.41 12.95 -10.29
C ASP A 84 -38.44 14.08 -10.28
N ILE A 85 -39.52 13.90 -9.53
CA ILE A 85 -40.52 14.95 -9.40
C ILE A 85 -40.64 15.43 -7.95
N ASP A 86 -40.85 16.74 -7.78
CA ASP A 86 -41.13 17.30 -6.47
C ASP A 86 -42.25 18.34 -6.58
N ASN A 87 -43.36 18.12 -5.88
CA ASN A 87 -44.51 19.01 -5.95
C ASN A 87 -44.93 19.27 -7.40
N ASN A 88 -45.09 18.16 -8.10
CA ASN A 88 -45.48 18.04 -9.49
C ASN A 88 -44.55 18.74 -10.50
N LYS A 89 -43.33 19.04 -10.07
CA LYS A 89 -42.35 19.64 -10.96
C LYS A 89 -41.15 18.74 -11.14
N ILE A 90 -40.73 18.52 -12.39
CA ILE A 90 -39.58 17.68 -12.63
C ILE A 90 -38.34 18.39 -12.13
N ILE A 91 -37.64 17.79 -11.18
CA ILE A 91 -36.43 18.38 -10.64
C ILE A 91 -35.15 17.77 -11.19
N ASN A 92 -35.28 16.76 -12.05
CA ASN A 92 -34.13 16.24 -12.78
C ASN A 92 -34.49 15.83 -14.20
N LEU A 93 -33.84 16.44 -15.19
CA LEU A 93 -34.13 16.10 -16.57
C LEU A 93 -33.37 14.84 -16.96
N ASN A 94 -32.38 14.49 -16.17
CA ASN A 94 -31.56 13.31 -16.37
C ASN A 94 -31.95 12.09 -15.54
N GLY A 95 -33.07 12.19 -14.84
CA GLY A 95 -33.40 11.21 -13.83
C GLY A 95 -33.23 9.77 -14.24
N ILE A 96 -33.83 9.39 -15.37
CA ILE A 96 -33.71 8.01 -15.84
C ILE A 96 -32.25 7.60 -16.00
N THR A 97 -31.52 8.24 -16.91
CA THR A 97 -30.13 7.87 -17.15
C THR A 97 -29.32 7.87 -15.87
N ASP A 98 -29.63 8.78 -14.96
CA ASP A 98 -28.95 8.83 -13.66
C ASP A 98 -29.16 7.58 -12.83
N VAL A 99 -30.42 7.22 -12.59
CA VAL A 99 -30.73 6.00 -11.84
C VAL A 99 -30.10 4.79 -12.50
N ILE A 100 -30.15 4.72 -13.84
CA ILE A 100 -29.53 3.63 -14.56
C ILE A 100 -28.05 3.51 -14.22
N SER A 101 -27.36 4.64 -14.13
CA SER A 101 -25.95 4.62 -13.75
C SER A 101 -25.77 3.98 -12.39
N ILE A 102 -26.61 4.37 -11.45
CA ILE A 102 -26.52 3.83 -10.09
C ILE A 102 -26.67 2.31 -10.09
N VAL A 103 -27.71 1.82 -10.74
CA VAL A 103 -27.99 0.40 -10.72
C VAL A 103 -26.82 -0.34 -11.33
N ASP A 104 -26.24 0.24 -12.39
CA ASP A 104 -25.10 -0.39 -13.06
C ASP A 104 -23.90 -0.57 -12.16
N VAL A 105 -23.58 0.45 -11.38
CA VAL A 105 -22.55 0.35 -10.35
C VAL A 105 -22.94 -0.65 -9.27
N ILE A 106 -24.22 -0.62 -8.88
CA ILE A 106 -24.73 -1.55 -7.89
C ILE A 106 -24.46 -2.98 -8.36
N ASN A 107 -24.57 -3.19 -9.66
CA ASN A 107 -24.33 -4.52 -10.21
C ASN A 107 -22.86 -4.81 -10.42
N TYR A 108 -22.06 -3.75 -10.50
CA TYR A 108 -20.62 -3.89 -10.74
C TYR A 108 -19.89 -4.31 -9.48
N ILE A 109 -20.25 -3.72 -8.35
CA ILE A 109 -19.49 -3.97 -7.12
C ILE A 109 -19.83 -5.31 -6.52
N SER A 110 -18.90 -5.81 -5.71
CA SER A 110 -19.01 -7.14 -5.08
C SER A 110 -19.85 -7.13 -3.83
N SER A 111 -19.84 -6.01 -3.12
CA SER A 111 -20.68 -5.85 -1.94
C SER A 111 -22.14 -5.87 -2.33
N ASP A 112 -22.91 -6.69 -1.62
CA ASP A 112 -24.35 -6.75 -1.86
C ASP A 112 -24.98 -5.47 -1.33
N VAL A 113 -25.96 -4.95 -2.06
CA VAL A 113 -26.70 -3.81 -1.59
C VAL A 113 -28.08 -4.29 -1.17
N TYR A 114 -28.41 -4.03 0.09
CA TYR A 114 -29.77 -4.21 0.57
C TYR A 114 -30.53 -2.89 0.44
N THR A 115 -31.83 -2.97 0.18
CA THR A 115 -32.65 -1.76 0.12
C THR A 115 -33.81 -1.78 1.11
N TYR A 116 -34.13 -0.61 1.63
CA TYR A 116 -35.18 -0.46 2.63
C TYR A 116 -35.98 0.77 2.26
N CYS A 117 -37.26 0.57 1.97
CA CYS A 117 -38.07 1.70 1.63
C CYS A 117 -38.74 2.18 2.91
N LEU A 118 -38.54 3.45 3.28
CA LEU A 118 -39.08 3.94 4.57
C LEU A 118 -40.39 4.75 4.59
N GLY A 119 -40.49 5.79 3.75
CA GLY A 119 -41.77 6.33 3.30
C GLY A 119 -42.30 5.98 1.91
N LYS A 120 -41.51 6.29 0.89
CA LYS A 120 -41.98 6.17 -0.48
C LYS A 120 -40.84 5.85 -1.41
N ALA A 121 -41.11 5.06 -2.43
CA ALA A 121 -40.25 5.02 -3.60
C ALA A 121 -41.11 5.20 -4.83
N TYR A 122 -41.01 6.36 -5.47
CA TYR A 122 -41.82 6.63 -6.66
C TYR A 122 -40.91 6.79 -7.86
N GLY A 123 -41.43 6.48 -9.04
CA GLY A 123 -40.67 6.65 -10.27
C GLY A 123 -39.30 6.01 -10.19
N ILE A 124 -38.26 6.76 -10.53
CA ILE A 124 -36.91 6.22 -10.51
C ILE A 124 -36.49 5.68 -9.14
N ALA A 125 -37.11 6.19 -8.07
CA ALA A 125 -36.80 5.70 -6.73
C ALA A 125 -37.29 4.27 -6.56
N CYS A 126 -38.40 3.95 -7.23
CA CYS A 126 -38.93 2.59 -7.18
C CYS A 126 -38.01 1.66 -7.95
N ILE A 127 -37.60 2.08 -9.14
CA ILE A 127 -36.65 1.32 -9.92
C ILE A 127 -35.42 1.03 -9.11
N LEU A 128 -35.00 2.03 -8.34
CA LEU A 128 -33.81 1.91 -7.52
C LEU A 128 -34.03 0.92 -6.39
N ALA A 129 -35.16 1.06 -5.69
CA ALA A 129 -35.43 0.20 -4.55
C ALA A 129 -35.39 -1.26 -4.97
N SER A 130 -36.00 -1.55 -6.10
CA SER A 130 -36.12 -2.93 -6.58
C SER A 130 -34.84 -3.51 -7.13
N SER A 131 -33.80 -2.70 -7.26
CA SER A 131 -32.55 -3.19 -7.80
C SER A 131 -31.61 -3.77 -6.73
N GLY A 132 -32.06 -3.75 -5.48
CA GLY A 132 -31.29 -4.36 -4.42
C GLY A 132 -31.21 -5.85 -4.57
N LYS A 133 -30.33 -6.49 -3.81
CA LYS A 133 -30.13 -7.93 -3.90
C LYS A 133 -31.40 -8.66 -3.63
N LYS A 134 -31.72 -9.63 -4.49
CA LYS A 134 -32.96 -10.38 -4.32
C LYS A 134 -32.97 -11.15 -3.03
N GLY A 135 -34.03 -10.96 -2.25
CA GLY A 135 -34.16 -11.51 -0.92
C GLY A 135 -33.82 -10.49 0.15
N TYR A 136 -33.04 -9.49 -0.26
CA TYR A 136 -32.68 -8.36 0.57
C TYR A 136 -33.39 -7.01 0.34
N ARG A 137 -34.45 -7.01 -0.46
CA ARG A 137 -35.21 -5.79 -0.67
C ARG A 137 -36.35 -5.66 0.34
N PHE A 138 -36.30 -4.62 1.17
CA PHE A 138 -37.23 -4.48 2.29
C PHE A 138 -38.11 -3.25 2.22
N SER A 139 -39.22 -3.31 2.93
CA SER A 139 -40.10 -2.15 3.11
C SER A 139 -40.73 -2.17 4.50
N LEU A 140 -41.14 -1.01 4.98
CA LEU A 140 -41.90 -0.95 6.21
C LEU A 140 -43.39 -1.10 5.88
N LYS A 141 -44.22 -1.15 6.91
CA LYS A 141 -45.62 -1.50 6.72
C LYS A 141 -46.36 -0.51 5.84
N ASN A 142 -46.16 0.77 6.11
CA ASN A 142 -46.94 1.82 5.48
C ASN A 142 -46.31 2.42 4.23
N SER A 143 -45.22 1.83 3.76
CA SER A 143 -44.53 2.32 2.57
C SER A 143 -45.40 2.25 1.31
N SER A 144 -45.16 3.17 0.39
CA SER A 144 -45.89 3.21 -0.87
C SER A 144 -44.90 3.18 -2.03
N PHE A 145 -45.31 2.52 -3.12
CA PHE A 145 -44.48 2.43 -4.30
C PHE A 145 -45.23 2.89 -5.56
N CYS A 146 -44.49 3.35 -6.56
CA CYS A 146 -45.09 3.73 -7.81
C CYS A 146 -44.14 3.57 -8.98
N LEU A 147 -44.68 3.20 -10.15
CA LEU A 147 -43.85 3.06 -11.35
C LEU A 147 -44.03 4.36 -12.14
N ASN A 148 -42.93 4.82 -12.73
CA ASN A 148 -42.77 5.37 -14.08
C ASN A 148 -43.30 6.79 -14.24
N GLN A 149 -43.21 7.30 -15.46
CA GLN A 149 -42.26 8.38 -15.78
C GLN A 149 -42.95 9.60 -16.36
N SER A 150 -42.60 10.78 -15.85
CA SER A 150 -41.58 11.63 -16.46
C SER A 150 -42.08 12.20 -17.80
N TYR A 151 -41.20 12.96 -18.45
CA TYR A 151 -41.62 13.80 -19.58
C TYR A 151 -40.57 13.69 -20.71
N SER A 152 -39.39 13.17 -20.35
CA SER A 152 -38.21 13.12 -21.22
C SER A 152 -37.99 14.46 -21.91
N ILE A 153 -38.39 15.54 -21.24
CA ILE A 153 -38.63 16.82 -21.92
C ILE A 153 -37.41 17.33 -22.70
N ILE A 154 -37.64 17.70 -23.94
CA ILE A 154 -36.61 18.23 -24.80
C ILE A 154 -36.93 19.68 -25.14
N PRO A 155 -36.12 20.60 -24.57
CA PRO A 155 -36.27 22.04 -24.69
C PRO A 155 -35.82 22.52 -26.05
N PHE A 156 -36.35 23.67 -26.48
CA PHE A 156 -35.99 24.24 -27.77
C PHE A 156 -34.78 25.15 -27.66
N ASN A 157 -33.66 24.59 -27.18
CA ASN A 157 -32.43 25.35 -27.03
C ASN A 157 -32.32 26.46 -28.06
N ASN A 161 -30.32 21.56 -31.31
CA ASN A 161 -30.12 20.65 -30.20
C ASN A 161 -29.98 19.21 -30.67
N ILE A 162 -28.77 18.80 -31.07
CA ILE A 162 -28.51 17.37 -31.22
C ILE A 162 -29.47 16.66 -32.18
N GLU A 163 -30.34 15.87 -31.58
CA GLU A 163 -31.29 14.95 -32.22
C GLU A 163 -30.64 13.80 -32.95
N ILE A 164 -29.40 13.49 -32.60
CA ILE A 164 -29.03 12.12 -32.27
C ILE A 164 -29.93 11.91 -31.08
N GLN A 165 -30.06 13.00 -30.34
CA GLN A 165 -30.82 13.01 -29.11
C GLN A 165 -32.16 12.39 -29.42
N ASN A 166 -32.88 11.95 -28.39
CA ASN A 166 -34.21 11.38 -28.59
C ASN A 166 -34.10 10.01 -29.24
N LYS A 167 -32.90 9.70 -29.70
CA LYS A 167 -32.58 8.39 -30.24
C LYS A 167 -32.15 7.60 -29.05
N GLU A 168 -31.48 8.30 -28.13
CA GLU A 168 -31.03 7.69 -26.91
C GLU A 168 -32.23 7.41 -26.00
N ILE A 169 -33.24 8.26 -26.10
CA ILE A 169 -34.51 7.98 -25.44
C ILE A 169 -35.17 6.64 -25.86
N MET A 170 -35.14 6.25 -27.14
CA MET A 170 -35.63 4.91 -27.46
C MET A 170 -34.77 3.91 -26.70
N ASN A 171 -33.46 4.06 -26.84
CA ASN A 171 -32.49 3.22 -26.16
C ASN A 171 -32.66 3.22 -24.65
N THR A 172 -32.98 4.39 -24.11
CA THR A 172 -33.13 4.56 -22.68
C THR A 172 -34.41 3.94 -22.15
N LYS A 173 -35.54 4.26 -22.77
CA LYS A 173 -36.83 3.69 -22.35
C LYS A 173 -36.81 2.17 -22.39
N LYS A 174 -35.92 1.60 -23.19
CA LYS A 174 -35.83 0.15 -23.32
C LYS A 174 -35.04 -0.43 -22.16
N LYS A 175 -33.97 0.26 -21.76
CA LYS A 175 -33.12 -0.20 -20.68
C LYS A 175 -33.86 -0.23 -19.35
N VAL A 176 -34.77 0.72 -19.14
CA VAL A 176 -35.53 0.79 -17.91
C VAL A 176 -36.55 -0.34 -17.84
N ILE A 177 -37.29 -0.55 -18.93
CA ILE A 177 -38.17 -1.72 -19.02
C ILE A 177 -37.39 -2.99 -18.69
N GLU A 178 -36.21 -3.12 -19.30
CA GLU A 178 -35.35 -4.28 -19.12
C GLU A 178 -34.94 -4.46 -17.66
N ILE A 179 -34.69 -3.36 -16.96
CA ILE A 179 -34.29 -3.42 -15.56
C ILE A 179 -35.44 -3.84 -14.65
N ILE A 180 -36.59 -3.18 -14.82
CA ILE A 180 -37.79 -3.58 -14.07
C ILE A 180 -38.14 -5.05 -14.27
N SER A 181 -38.07 -5.52 -15.53
CA SER A 181 -38.31 -6.92 -15.85
C SER A 181 -37.43 -7.88 -15.06
N LYS A 182 -36.12 -7.68 -15.14
CA LYS A 182 -35.19 -8.55 -14.44
C LYS A 182 -35.50 -8.53 -12.94
N ASN A 183 -35.81 -7.33 -12.42
CA ASN A 183 -36.07 -7.13 -11.01
C ASN A 183 -37.32 -7.83 -10.51
N THR A 184 -38.41 -7.65 -11.25
CA THR A 184 -39.70 -8.23 -10.87
C THR A 184 -39.96 -9.60 -11.50
N GLU A 185 -38.97 -10.14 -12.20
CA GLU A 185 -39.10 -11.46 -12.79
C GLU A 185 -40.36 -11.57 -13.66
N LYS A 186 -40.50 -10.61 -14.56
CA LYS A 186 -41.60 -10.58 -15.53
C LYS A 186 -41.08 -10.33 -16.95
N ASP A 187 -41.92 -10.62 -17.94
CA ASP A 187 -41.54 -10.46 -19.33
C ASP A 187 -41.62 -9.00 -19.74
N THR A 188 -40.75 -8.60 -20.68
CA THR A 188 -40.70 -7.20 -21.10
C THR A 188 -42.07 -6.69 -21.55
N ASN A 189 -42.89 -7.57 -22.09
CA ASN A 189 -44.19 -7.16 -22.59
C ASN A 189 -45.13 -6.74 -21.47
N VAL A 190 -45.26 -7.58 -20.46
CA VAL A 190 -46.18 -7.32 -19.37
C VAL A 190 -45.80 -6.08 -18.58
N ILE A 191 -44.50 -5.78 -18.57
CA ILE A 191 -44.02 -4.56 -17.92
C ILE A 191 -44.38 -3.31 -18.70
N SER A 192 -44.13 -3.33 -20.00
CA SER A 192 -44.44 -2.18 -20.85
C SER A 192 -45.93 -1.85 -20.82
N ASN A 193 -46.74 -2.85 -20.51
CA ASN A 193 -48.17 -2.65 -20.30
C ASN A 193 -48.44 -1.95 -18.98
N VAL A 194 -47.85 -2.47 -17.92
CA VAL A 194 -48.01 -1.88 -16.59
C VAL A 194 -47.60 -0.41 -16.56
N LEU A 195 -46.65 -0.03 -17.42
CA LEU A 195 -46.16 1.34 -17.42
C LEU A 195 -47.06 2.31 -18.19
N GLU A 196 -48.03 1.77 -18.93
CA GLU A 196 -48.94 2.61 -19.69
C GLU A 196 -49.84 3.39 -18.74
N ARG A 197 -50.09 2.81 -17.57
CA ARG A 197 -50.90 3.45 -16.52
C ARG A 197 -50.09 3.67 -15.26
N ASP A 198 -50.25 4.83 -14.63
CA ASP A 198 -49.64 5.05 -13.33
C ASP A 198 -50.26 4.07 -12.35
N LYS A 199 -49.41 3.29 -11.69
CA LYS A 199 -49.88 2.24 -10.81
C LYS A 199 -49.21 2.36 -9.45
N TYR A 200 -50.02 2.49 -8.40
CA TYR A 200 -49.50 2.61 -7.04
C TYR A 200 -49.64 1.29 -6.26
N PHE A 201 -48.60 0.96 -5.50
CA PHE A 201 -48.60 -0.23 -4.66
C PHE A 201 -48.54 0.17 -3.20
N ASN A 202 -49.12 -0.65 -2.33
CA ASN A 202 -48.80 -0.60 -0.92
C ASN A 202 -47.79 -1.71 -0.68
N ALA A 203 -47.31 -1.86 0.55
CA ALA A 203 -46.26 -2.83 0.81
C ALA A 203 -46.60 -4.21 0.28
N ASP A 204 -47.74 -4.75 0.69
CA ASP A 204 -48.13 -6.09 0.29
C ASP A 204 -48.28 -6.22 -1.21
N GLU A 205 -48.90 -5.23 -1.85
CA GLU A 205 -49.03 -5.22 -3.29
C GLU A 205 -47.66 -5.31 -3.96
N ALA A 206 -46.70 -4.57 -3.41
CA ALA A 206 -45.34 -4.50 -3.96
C ALA A 206 -44.60 -5.82 -3.79
N VAL A 207 -44.92 -6.57 -2.75
CA VAL A 207 -44.30 -7.85 -2.50
C VAL A 207 -44.81 -8.93 -3.46
N ASP A 208 -46.07 -8.83 -3.84
CA ASP A 208 -46.66 -9.78 -4.79
C ASP A 208 -46.14 -9.51 -6.19
N PHE A 209 -46.02 -8.24 -6.54
CA PHE A 209 -45.50 -7.87 -7.85
C PHE A 209 -44.00 -8.16 -7.94
N LYS A 210 -43.40 -8.54 -6.81
CA LYS A 210 -41.98 -8.86 -6.72
C LYS A 210 -41.03 -7.66 -6.90
N LEU A 211 -41.50 -6.47 -6.54
CA LEU A 211 -40.62 -5.31 -6.41
C LEU A 211 -39.84 -5.41 -5.09
N ILE A 212 -40.49 -6.00 -4.10
CA ILE A 212 -39.95 -6.12 -2.76
C ILE A 212 -39.97 -7.60 -2.33
N ASP A 213 -39.14 -7.92 -1.35
CA ASP A 213 -39.08 -9.29 -0.82
C ASP A 213 -39.81 -9.43 0.49
N HIS A 214 -39.39 -8.66 1.49
CA HIS A 214 -39.97 -8.77 2.81
C HIS A 214 -40.49 -7.46 3.40
N ILE A 215 -41.48 -7.57 4.27
CA ILE A 215 -41.94 -6.45 5.05
C ILE A 215 -41.37 -6.56 6.47
N LEU A 216 -40.78 -5.49 6.97
CA LEU A 216 -40.16 -5.47 8.28
C LEU A 216 -41.13 -5.19 9.41
N GLU A 217 -41.04 -5.98 10.48
CA GLU A 217 -41.77 -5.75 11.72
C GLU A 217 -40.74 -5.75 12.84
N LYS A 218 -41.15 -5.74 14.11
CA LYS A 218 -40.11 -5.78 15.15
C LYS A 218 -39.47 -7.14 15.36
N PRO B 36 -11.47 28.40 21.92
CA PRO B 36 -10.29 28.11 22.74
C PRO B 36 -9.03 28.77 22.20
N SER B 37 -9.10 30.08 21.97
CA SER B 37 -8.12 30.77 21.14
C SER B 37 -6.78 31.06 21.78
N LEU B 38 -5.75 30.32 21.38
CA LEU B 38 -4.41 30.89 21.37
C LEU B 38 -4.24 31.59 22.70
N LEU B 39 -4.36 32.92 22.67
CA LEU B 39 -3.96 33.76 23.77
C LEU B 39 -4.64 33.22 25.01
N LEU B 40 -5.84 32.68 24.84
CA LEU B 40 -6.59 32.19 25.98
C LEU B 40 -5.77 31.10 26.65
N SER B 41 -5.10 30.29 25.84
CA SER B 41 -4.33 29.16 26.37
C SER B 41 -3.26 29.67 27.35
N LYS B 42 -2.83 30.91 27.15
CA LYS B 42 -1.82 31.53 27.97
C LYS B 42 -2.41 32.42 29.07
N ARG B 43 -3.72 32.36 29.23
CA ARG B 43 -4.42 33.16 30.24
C ARG B 43 -4.32 34.64 29.93
N ILE B 44 -4.31 34.96 28.65
CA ILE B 44 -4.30 36.34 28.18
C ILE B 44 -5.66 36.75 27.61
N ILE B 45 -6.14 37.91 28.03
CA ILE B 45 -7.30 38.51 27.43
C ILE B 45 -6.85 39.85 26.89
N PHE B 46 -7.08 40.07 25.60
CA PHE B 46 -6.60 41.28 24.95
C PHE B 46 -7.76 42.09 24.38
N LEU B 47 -8.05 43.22 25.01
CA LEU B 47 -9.11 44.09 24.52
C LEU B 47 -8.43 45.13 23.63
N SER B 48 -8.59 44.96 22.33
CA SER B 48 -7.95 45.83 21.35
C SER B 48 -8.88 46.87 20.71
N SER B 49 -10.14 46.93 21.14
CA SER B 49 -11.14 47.76 20.48
C SER B 49 -11.90 48.66 21.46
N PRO B 50 -12.83 49.46 20.94
CA PRO B 50 -13.75 50.17 21.83
C PRO B 50 -14.61 49.10 22.49
N ILE B 51 -15.29 49.41 23.57
CA ILE B 51 -16.00 48.32 24.20
C ILE B 51 -17.43 48.36 23.71
N TYR B 52 -17.69 47.51 22.73
CA TYR B 52 -19.00 47.41 22.12
C TYR B 52 -19.86 46.54 23.00
N PRO B 53 -21.16 46.51 22.74
CA PRO B 53 -22.07 45.72 23.57
C PRO B 53 -21.59 44.27 23.75
N HIS B 54 -21.12 43.65 22.68
CA HIS B 54 -20.75 42.24 22.72
C HIS B 54 -19.42 41.98 23.42
N ILE B 55 -18.65 43.05 23.65
CA ILE B 55 -17.35 42.89 24.28
C ILE B 55 -17.41 42.48 25.76
N SER B 56 -18.27 43.13 26.52
CA SER B 56 -18.49 42.76 27.91
C SER B 56 -18.77 41.26 28.03
N GLU B 57 -19.69 40.76 27.22
CA GLU B 57 -20.02 39.33 27.27
C GLU B 57 -18.74 38.49 27.09
N GLN B 58 -17.90 38.88 26.13
CA GLN B 58 -16.70 38.09 25.82
C GLN B 58 -15.69 38.07 26.95
N ILE B 59 -15.40 39.26 27.45
CA ILE B 59 -14.46 39.36 28.56
C ILE B 59 -14.92 38.58 29.79
N ILE B 60 -16.20 38.70 30.14
CA ILE B 60 -16.72 37.93 31.26
C ILE B 60 -16.61 36.42 31.02
N SER B 61 -17.06 35.97 29.85
CA SER B 61 -16.97 34.55 29.54
C SER B 61 -15.54 34.08 29.71
N GLN B 62 -14.59 34.87 29.21
CA GLN B 62 -13.20 34.47 29.31
C GLN B 62 -12.72 34.43 30.76
N LEU B 63 -13.11 35.42 31.55
CA LEU B 63 -12.74 35.38 32.97
C LEU B 63 -13.28 34.13 33.66
N LEU B 64 -14.59 33.90 33.55
CA LEU B 64 -15.21 32.69 34.08
C LEU B 64 -14.47 31.44 33.64
N TYR B 65 -14.27 31.31 32.33
CA TYR B 65 -13.53 30.14 31.84
C TYR B 65 -12.16 29.99 32.52
N LEU B 66 -11.37 31.06 32.54
CA LEU B 66 -10.02 30.95 33.09
C LEU B 66 -10.04 30.61 34.57
N GLU B 67 -10.99 31.19 35.28
CA GLU B 67 -11.19 30.90 36.70
C GLU B 67 -11.51 29.42 36.94
N TYR B 68 -12.44 28.86 36.18
CA TYR B 68 -12.76 27.44 36.31
C TYR B 68 -11.63 26.53 35.86
N GLU B 69 -10.75 27.02 35.00
CA GLU B 69 -9.65 26.19 34.52
C GLU B 69 -8.57 25.98 35.58
N SER B 70 -8.06 27.09 36.10
CA SER B 70 -7.06 27.07 37.16
C SER B 70 -7.42 28.13 38.19
N LYS B 71 -7.59 27.71 39.43
CA LYS B 71 -8.25 28.58 40.40
C LYS B 71 -7.43 29.80 40.73
N ARG B 72 -6.22 29.62 41.22
CA ARG B 72 -5.46 30.80 41.63
C ARG B 72 -4.38 31.34 40.69
N LYS B 73 -4.25 30.74 39.51
CA LYS B 73 -3.33 31.25 38.49
C LYS B 73 -3.77 32.63 37.99
N PRO B 74 -2.81 33.56 37.82
CA PRO B 74 -3.13 34.93 37.41
C PRO B 74 -3.65 35.00 35.99
N ILE B 75 -4.40 36.05 35.71
CA ILE B 75 -4.95 36.33 34.40
C ILE B 75 -4.42 37.66 33.88
N HIS B 76 -3.98 37.69 32.64
CA HIS B 76 -3.36 38.90 32.09
C HIS B 76 -4.26 39.61 31.09
N LEU B 77 -4.74 40.78 31.50
CA LEU B 77 -5.69 41.55 30.70
C LEU B 77 -4.97 42.73 30.09
N TYR B 78 -4.74 42.66 28.78
CA TYR B 78 -4.08 43.73 28.05
C TYR B 78 -5.13 44.66 27.47
N ILE B 79 -4.92 45.96 27.63
CA ILE B 79 -5.95 46.91 27.24
C ILE B 79 -5.41 48.00 26.33
N ASN B 80 -5.91 48.06 25.10
CA ASN B 80 -5.78 49.26 24.30
C ASN B 80 -7.15 49.65 23.75
N SER B 81 -7.78 50.67 24.34
CA SER B 81 -9.18 50.98 24.08
C SER B 81 -9.60 52.42 24.38
N THR B 82 -10.53 52.93 23.59
CA THR B 82 -11.10 54.26 23.77
C THR B 82 -12.38 54.25 24.59
N GLY B 83 -12.71 53.10 25.16
CA GLY B 83 -13.93 52.92 25.93
C GLY B 83 -15.20 52.79 25.11
N ASP B 84 -16.21 53.58 25.46
CA ASP B 84 -17.50 53.54 24.77
C ASP B 84 -17.67 54.53 23.62
N ILE B 85 -16.61 55.26 23.28
CA ILE B 85 -16.65 56.16 22.15
C ILE B 85 -15.67 55.73 21.05
N ASP B 86 -16.08 55.89 19.80
CA ASP B 86 -15.20 55.66 18.65
C ASP B 86 -15.40 56.75 17.61
N ASN B 87 -14.34 57.49 17.29
CA ASN B 87 -14.43 58.62 16.36
C ASN B 87 -15.56 59.57 16.74
N ASN B 88 -15.56 59.94 18.01
CA ASN B 88 -16.50 60.87 18.63
C ASN B 88 -17.94 60.40 18.74
N LYS B 89 -18.19 59.15 18.35
CA LYS B 89 -19.53 58.57 18.42
C LYS B 89 -19.64 57.51 19.51
N ILE B 90 -20.68 57.59 20.34
CA ILE B 90 -20.89 56.59 21.37
C ILE B 90 -21.27 55.27 20.72
N ILE B 91 -20.44 54.25 20.93
CA ILE B 91 -20.70 52.94 20.35
C ILE B 91 -21.31 51.95 21.33
N ASN B 92 -21.45 52.37 22.59
CA ASN B 92 -22.18 51.58 23.58
C ASN B 92 -23.02 52.45 24.51
N LEU B 93 -24.33 52.26 24.51
CA LEU B 93 -25.20 53.03 25.41
C LEU B 93 -25.19 52.44 26.80
N ASN B 94 -24.71 51.21 26.91
CA ASN B 94 -24.59 50.50 28.17
C ASN B 94 -23.19 50.51 28.79
N GLY B 95 -22.28 51.27 28.19
CA GLY B 95 -20.87 51.14 28.53
C GLY B 95 -20.59 51.10 30.02
N ILE B 96 -21.09 52.08 30.78
CA ILE B 96 -20.87 52.13 32.22
C ILE B 96 -21.30 50.84 32.93
N THR B 97 -22.60 50.55 32.92
CA THR B 97 -23.12 49.33 33.54
C THR B 97 -22.34 48.08 33.08
N ASP B 98 -21.91 48.07 31.83
CA ASP B 98 -21.17 46.92 31.30
C ASP B 98 -19.82 46.77 32.00
N VAL B 99 -19.03 47.84 31.99
CA VAL B 99 -17.73 47.80 32.66
C VAL B 99 -17.91 47.42 34.13
N ILE B 100 -18.94 47.98 34.77
CA ILE B 100 -19.22 47.66 36.16
C ILE B 100 -19.39 46.16 36.38
N SER B 101 -20.12 45.52 35.46
CA SER B 101 -20.29 44.08 35.54
C SER B 101 -18.93 43.39 35.52
N ILE B 102 -18.05 43.86 34.62
CA ILE B 102 -16.76 43.22 34.47
C ILE B 102 -15.97 43.28 35.77
N VAL B 103 -15.87 44.48 36.34
CA VAL B 103 -15.06 44.68 37.53
C VAL B 103 -15.62 43.82 38.65
N ASP B 104 -16.95 43.74 38.71
CA ASP B 104 -17.60 42.91 39.73
C ASP B 104 -17.17 41.46 39.68
N VAL B 105 -17.17 40.88 38.48
CA VAL B 105 -16.65 39.54 38.27
C VAL B 105 -15.16 39.46 38.58
N ILE B 106 -14.43 40.49 38.17
CA ILE B 106 -13.01 40.57 38.45
C ILE B 106 -12.79 40.44 39.95
N ASN B 107 -13.69 41.04 40.73
CA ASN B 107 -13.59 40.98 42.19
C ASN B 107 -14.14 39.70 42.77
N TYR B 108 -15.00 39.03 42.02
CA TYR B 108 -15.63 37.79 42.47
C TYR B 108 -14.66 36.62 42.39
N ILE B 109 -13.91 36.53 41.30
CA ILE B 109 -13.04 35.38 41.08
C ILE B 109 -11.79 35.40 41.96
N SER B 110 -11.24 34.21 42.19
CA SER B 110 -10.07 34.03 43.03
C SER B 110 -8.77 34.34 42.31
N SER B 111 -8.75 34.09 41.01
CA SER B 111 -7.59 34.41 40.21
C SER B 111 -7.36 35.92 40.17
N ASP B 112 -6.13 36.34 40.46
CA ASP B 112 -5.80 37.77 40.38
C ASP B 112 -5.77 38.16 38.92
N VAL B 113 -6.25 39.37 38.62
CA VAL B 113 -6.16 39.89 37.28
C VAL B 113 -5.11 41.00 37.26
N TYR B 114 -4.11 40.83 36.41
CA TYR B 114 -3.15 41.88 36.15
C TYR B 114 -3.64 42.68 34.93
N THR B 115 -3.34 43.97 34.90
CA THR B 115 -3.68 44.76 33.73
C THR B 115 -2.48 45.45 33.11
N TYR B 116 -2.48 45.51 31.78
CA TYR B 116 -1.40 46.15 31.04
C TYR B 116 -2.01 47.06 30.00
N CYS B 117 -1.76 48.36 30.11
CA CYS B 117 -2.27 49.27 29.13
C CYS B 117 -1.23 49.41 28.03
N LEU B 118 -1.60 49.09 26.79
CA LEU B 118 -0.63 49.17 25.68
C LEU B 118 -0.65 50.54 25.03
N GLY B 119 -1.66 50.83 24.22
CA GLY B 119 -1.84 52.19 23.75
C GLY B 119 -2.60 53.19 24.61
N LYS B 120 -3.85 52.87 24.93
CA LYS B 120 -4.75 53.85 25.55
C LYS B 120 -5.75 53.14 26.43
N ALA B 121 -6.09 53.77 27.55
CA ALA B 121 -7.31 53.40 28.25
C ALA B 121 -8.11 54.66 28.53
N TYR B 122 -9.21 54.85 27.81
CA TYR B 122 -10.00 56.05 27.97
C TYR B 122 -11.37 55.67 28.52
N GLY B 123 -12.00 56.61 29.20
CA GLY B 123 -13.32 56.36 29.72
C GLY B 123 -13.39 55.04 30.48
N ILE B 124 -14.37 54.22 30.12
CA ILE B 124 -14.59 52.99 30.86
C ILE B 124 -13.38 52.06 30.77
N ALA B 125 -12.55 52.24 29.75
CA ALA B 125 -11.34 51.43 29.63
C ALA B 125 -10.35 51.77 30.74
N CYS B 126 -10.33 53.05 31.12
CA CYS B 126 -9.48 53.49 32.21
C CYS B 126 -9.96 52.92 33.53
N ILE B 127 -11.25 53.05 33.79
CA ILE B 127 -11.87 52.41 34.96
C ILE B 127 -11.51 50.94 35.02
N LEU B 128 -11.53 50.28 33.86
CA LEU B 128 -11.22 48.87 33.78
C LEU B 128 -9.75 48.60 34.08
N ALA B 129 -8.86 49.36 33.45
CA ALA B 129 -7.44 49.17 33.68
C ALA B 129 -7.07 49.26 35.16
N SER B 130 -7.63 50.26 35.82
CA SER B 130 -7.31 50.53 37.23
C SER B 130 -7.92 49.51 38.21
N SER B 131 -8.78 48.64 37.73
CA SER B 131 -9.41 47.66 38.60
C SER B 131 -8.60 46.37 38.77
N GLY B 132 -7.46 46.29 38.10
CA GLY B 132 -6.59 45.14 38.26
C GLY B 132 -6.04 45.10 39.67
N LYS B 133 -5.42 43.97 40.02
CA LYS B 133 -4.84 43.79 41.35
C LYS B 133 -3.84 44.87 41.67
N LYS B 134 -3.96 45.46 42.86
CA LYS B 134 -3.03 46.52 43.23
C LYS B 134 -1.60 45.99 43.29
N GLY B 135 -0.71 46.71 42.60
CA GLY B 135 0.70 46.36 42.47
C GLY B 135 0.94 45.66 41.15
N TYR B 136 -0.13 45.11 40.60
CA TYR B 136 -0.12 44.48 39.28
C TYR B 136 -0.72 45.24 38.12
N ARG B 137 -1.03 46.51 38.32
CA ARG B 137 -1.50 47.35 37.22
C ARG B 137 -0.35 48.01 36.46
N PHE B 138 -0.19 47.65 35.19
CA PHE B 138 0.96 48.08 34.39
C PHE B 138 0.60 48.97 33.20
N SER B 139 1.60 49.72 32.74
CA SER B 139 1.49 50.51 31.53
C SER B 139 2.82 50.58 30.83
N LEU B 140 2.79 50.83 29.52
CA LEU B 140 4.03 51.02 28.76
C LEU B 140 4.36 52.50 28.81
N LYS B 141 5.51 52.86 28.24
CA LYS B 141 6.02 54.21 28.43
C LYS B 141 5.09 55.26 27.83
N ASN B 142 4.62 54.99 26.62
CA ASN B 142 3.87 55.98 25.85
C ASN B 142 2.36 55.91 25.99
N SER B 143 1.87 55.05 26.88
CA SER B 143 0.44 54.89 27.11
C SER B 143 -0.23 56.17 27.60
N SER B 144 -1.51 56.32 27.28
CA SER B 144 -2.29 57.49 27.67
C SER B 144 -3.55 57.04 28.39
N PHE B 145 -3.99 57.83 29.35
CA PHE B 145 -5.18 57.50 30.12
C PHE B 145 -6.14 58.69 30.16
N CYS B 146 -7.41 58.40 30.33
CA CYS B 146 -8.41 59.44 30.48
C CYS B 146 -9.61 59.01 31.30
N LEU B 147 -10.14 59.92 32.10
CA LEU B 147 -11.40 59.70 32.79
C LEU B 147 -12.44 60.68 32.26
N ASN B 148 -13.65 60.21 32.04
CA ASN B 148 -14.67 61.02 31.38
C ASN B 148 -15.89 61.30 32.23
N ILE B 169 -29.52 55.67 37.04
CA ILE B 169 -28.67 56.74 36.54
C ILE B 169 -27.91 57.40 37.69
N MET B 170 -28.65 57.77 38.73
CA MET B 170 -28.04 58.30 39.93
C MET B 170 -27.26 57.17 40.60
N ASN B 171 -27.91 56.03 40.73
CA ASN B 171 -27.30 54.85 41.34
C ASN B 171 -26.03 54.45 40.61
N THR B 172 -26.07 54.55 39.29
CA THR B 172 -24.94 54.15 38.46
C THR B 172 -23.76 55.11 38.57
N LYS B 173 -24.02 56.40 38.39
CA LYS B 173 -22.95 57.40 38.48
C LYS B 173 -22.24 57.36 39.82
N LYS B 174 -22.93 56.86 40.83
CA LYS B 174 -22.38 56.75 42.18
C LYS B 174 -21.46 55.55 42.31
N LYS B 175 -21.85 54.44 41.68
CA LYS B 175 -21.06 53.22 41.72
C LYS B 175 -19.71 53.40 41.02
N VAL B 176 -19.71 54.13 39.90
CA VAL B 176 -18.49 54.46 39.16
C VAL B 176 -17.49 55.36 39.90
N ILE B 177 -18.01 56.39 40.57
CA ILE B 177 -17.20 57.20 41.48
C ILE B 177 -16.61 56.31 42.57
N GLU B 178 -17.45 55.45 43.13
CA GLU B 178 -17.04 54.55 44.21
C GLU B 178 -15.92 53.59 43.80
N ILE B 179 -15.98 53.12 42.56
CA ILE B 179 -14.94 52.23 42.04
C ILE B 179 -13.61 52.96 41.80
N ILE B 180 -13.65 54.08 41.11
CA ILE B 180 -12.44 54.87 40.93
C ILE B 180 -11.79 55.21 42.28
N SER B 181 -12.60 55.59 43.26
CA SER B 181 -12.11 55.96 44.58
C SER B 181 -11.31 54.83 45.19
N LYS B 182 -11.94 53.66 45.28
CA LYS B 182 -11.28 52.51 45.87
C LYS B 182 -9.97 52.21 45.12
N ASN B 183 -10.02 52.32 43.80
CA ASN B 183 -8.89 52.02 42.94
C ASN B 183 -7.73 52.97 43.15
N THR B 184 -8.02 54.27 43.16
CA THR B 184 -6.99 55.30 43.26
C THR B 184 -6.73 55.73 44.70
N GLU B 185 -7.38 55.06 45.65
CA GLU B 185 -7.22 55.39 47.07
C GLU B 185 -7.44 56.87 47.35
N LYS B 186 -8.56 57.40 46.90
CA LYS B 186 -8.94 58.79 47.13
C LYS B 186 -10.37 58.85 47.62
N ASP B 187 -10.75 59.99 48.19
CA ASP B 187 -12.08 60.18 48.75
C ASP B 187 -13.09 60.46 47.64
N THR B 188 -14.32 60.02 47.87
CA THR B 188 -15.38 60.16 46.87
C THR B 188 -15.51 61.60 46.36
N ASN B 189 -15.25 62.57 47.25
CA ASN B 189 -15.38 63.98 46.89
C ASN B 189 -14.35 64.42 45.85
N VAL B 190 -13.08 64.12 46.12
CA VAL B 190 -12.01 64.60 45.25
C VAL B 190 -12.14 63.98 43.86
N ILE B 191 -12.69 62.77 43.81
CA ILE B 191 -12.92 62.09 42.55
C ILE B 191 -14.03 62.75 41.73
N SER B 192 -15.17 63.01 42.37
CA SER B 192 -16.28 63.66 41.69
C SER B 192 -15.89 65.03 41.13
N ASN B 193 -14.88 65.64 41.75
CA ASN B 193 -14.32 66.90 41.26
C ASN B 193 -13.49 66.67 40.00
N VAL B 194 -12.58 65.70 40.08
CA VAL B 194 -11.75 65.34 38.93
C VAL B 194 -12.57 65.00 37.70
N LEU B 195 -13.79 64.49 37.92
CA LEU B 195 -14.63 64.06 36.80
C LEU B 195 -15.38 65.20 36.15
N GLU B 196 -15.40 66.36 36.80
CA GLU B 196 -16.08 67.52 36.23
C GLU B 196 -15.38 68.00 34.97
N ARG B 197 -14.07 67.76 34.90
CA ARG B 197 -13.26 68.13 33.73
C ARG B 197 -12.63 66.91 33.11
N ASP B 198 -12.63 66.84 31.78
CA ASP B 198 -11.89 65.78 31.10
C ASP B 198 -10.42 65.95 31.42
N LYS B 199 -9.81 64.90 31.95
CA LYS B 199 -8.42 64.96 32.39
C LYS B 199 -7.63 63.82 31.78
N TYR B 200 -6.56 64.17 31.07
CA TYR B 200 -5.71 63.18 30.43
C TYR B 200 -4.40 62.98 31.20
N PHE B 201 -3.98 61.72 31.33
CA PHE B 201 -2.73 61.38 31.99
C PHE B 201 -1.77 60.77 30.99
N ASN B 202 -0.48 60.94 31.26
CA ASN B 202 0.57 60.16 30.63
C ASN B 202 0.99 59.11 31.65
N ALA B 203 1.74 58.10 31.23
CA ALA B 203 2.10 57.04 32.16
C ALA B 203 2.44 57.56 33.57
N ASP B 204 3.47 58.39 33.66
CA ASP B 204 3.90 58.87 34.97
C ASP B 204 2.80 59.59 35.73
N GLU B 205 2.05 60.45 35.05
CA GLU B 205 0.92 61.12 35.68
C GLU B 205 -0.05 60.10 36.27
N ALA B 206 -0.30 59.02 35.53
CA ALA B 206 -1.25 57.99 35.94
C ALA B 206 -0.75 57.19 37.13
N VAL B 207 0.58 57.10 37.26
CA VAL B 207 1.16 56.36 38.37
C VAL B 207 1.04 57.16 39.67
N ASP B 208 1.18 58.48 39.57
CA ASP B 208 1.08 59.35 40.73
C ASP B 208 -0.35 59.41 41.21
N PHE B 209 -1.29 59.46 40.26
CA PHE B 209 -2.71 59.51 40.61
C PHE B 209 -3.17 58.17 41.18
N LYS B 210 -2.29 57.16 41.09
CA LYS B 210 -2.58 55.81 41.56
C LYS B 210 -3.64 55.05 40.74
N LEU B 211 -3.75 55.36 39.45
CA LEU B 211 -4.50 54.54 38.51
C LEU B 211 -3.67 53.33 38.14
N ILE B 212 -2.35 53.53 38.11
CA ILE B 212 -1.39 52.52 37.70
C ILE B 212 -0.35 52.32 38.79
N ASP B 213 0.32 51.17 38.78
CA ASP B 213 1.37 50.88 39.73
C ASP B 213 2.75 51.07 39.14
N HIS B 214 3.04 50.33 38.07
CA HIS B 214 4.37 50.34 37.47
C HIS B 214 4.40 50.61 35.97
N ILE B 215 5.51 51.17 35.49
CA ILE B 215 5.75 51.34 34.08
C ILE B 215 6.76 50.30 33.63
N LEU B 216 6.45 49.60 32.54
CA LEU B 216 7.27 48.49 32.07
C LEU B 216 8.38 48.96 31.14
N GLU B 217 9.58 48.43 31.35
CA GLU B 217 10.67 48.63 30.41
C GLU B 217 11.50 47.36 30.33
N PRO C 36 -21.69 14.75 14.11
CA PRO C 36 -21.70 13.91 15.31
C PRO C 36 -22.08 14.74 16.54
N SER C 37 -23.35 15.17 16.65
CA SER C 37 -23.60 16.26 17.57
C SER C 37 -23.90 15.81 18.99
N LEU C 38 -22.92 15.95 19.88
CA LEU C 38 -23.24 16.22 21.26
C LEU C 38 -24.36 15.24 21.59
N LEU C 39 -25.57 15.77 21.68
CA LEU C 39 -26.70 15.09 22.28
C LEU C 39 -26.76 13.70 21.67
N LEU C 40 -26.37 13.60 20.40
CA LEU C 40 -26.44 12.32 19.71
C LEU C 40 -25.55 11.34 20.47
N SER C 41 -24.42 11.84 20.95
CA SER C 41 -23.45 10.97 21.62
C SER C 41 -24.12 10.31 22.82
N LYS C 42 -25.15 10.97 23.35
CA LYS C 42 -25.88 10.48 24.53
C LYS C 42 -27.17 9.75 24.18
N ARG C 43 -27.38 9.51 22.89
CA ARG C 43 -28.57 8.83 22.40
C ARG C 43 -29.82 9.67 22.67
N ILE C 44 -29.62 10.99 22.56
CA ILE C 44 -30.71 11.95 22.65
C ILE C 44 -31.07 12.55 21.29
N ILE C 45 -32.36 12.60 21.01
CA ILE C 45 -32.87 13.33 19.87
C ILE C 45 -33.83 14.36 20.44
N PHE C 46 -33.59 15.62 20.13
CA PHE C 46 -34.40 16.69 20.66
C PHE C 46 -35.14 17.44 19.57
N LEU C 47 -36.44 17.26 19.47
CA LEU C 47 -37.22 17.98 18.47
C LEU C 47 -37.75 19.22 19.18
N SER C 48 -37.14 20.36 18.86
CA SER C 48 -37.51 21.63 19.50
C SER C 48 -38.36 22.58 18.65
N SER C 49 -38.73 22.14 17.46
CA SER C 49 -39.42 23.01 16.50
C SER C 49 -40.72 22.39 15.94
N PRO C 50 -41.41 23.14 15.08
CA PRO C 50 -42.51 22.55 14.30
C PRO C 50 -41.90 21.48 13.43
N ILE C 51 -42.68 20.55 12.92
CA ILE C 51 -42.03 19.54 12.12
C ILE C 51 -42.07 19.97 10.66
N TYR C 52 -40.95 20.51 10.22
CA TYR C 52 -40.82 21.00 8.85
C TYR C 52 -40.49 19.82 7.99
N PRO C 53 -40.56 20.00 6.68
CA PRO C 53 -40.26 18.90 5.77
C PRO C 53 -38.92 18.21 6.09
N HIS C 54 -37.88 19.01 6.36
CA HIS C 54 -36.55 18.45 6.57
C HIS C 54 -36.39 17.77 7.92
N ILE C 55 -37.34 17.96 8.82
CA ILE C 55 -37.22 17.41 10.15
C ILE C 55 -37.36 15.89 10.16
N SER C 56 -38.37 15.37 9.47
CA SER C 56 -38.58 13.92 9.37
C SER C 56 -37.28 13.24 8.92
N GLU C 57 -36.65 13.76 7.87
CA GLU C 57 -35.39 13.20 7.40
C GLU C 57 -34.37 13.11 8.54
N GLN C 58 -34.25 14.17 9.32
CA GLN C 58 -33.24 14.22 10.38
C GLN C 58 -33.50 13.21 11.48
N ILE C 59 -34.73 13.19 11.95
CA ILE C 59 -35.11 12.27 13.00
C ILE C 59 -34.89 10.81 12.58
N ILE C 60 -35.30 10.46 11.36
CA ILE C 60 -35.08 9.10 10.85
C ILE C 60 -33.60 8.76 10.73
N SER C 61 -32.81 9.65 10.13
CA SER C 61 -31.37 9.45 10.07
C SER C 61 -30.77 9.20 11.43
N GLN C 62 -31.16 10.01 12.40
CA GLN C 62 -30.66 9.81 13.76
C GLN C 62 -31.08 8.47 14.38
N LEU C 63 -32.35 8.08 14.22
CA LEU C 63 -32.78 6.77 14.68
C LEU C 63 -31.97 5.63 14.04
N LEU C 64 -31.91 5.60 12.72
CA LEU C 64 -31.10 4.63 12.01
C LEU C 64 -29.68 4.61 12.54
N TYR C 65 -29.06 5.80 12.65
CA TYR C 65 -27.69 5.84 13.17
C TYR C 65 -27.57 5.21 14.57
N LEU C 66 -28.44 5.62 15.48
CA LEU C 66 -28.35 5.14 16.85
C LEU C 66 -28.56 3.62 16.91
N GLU C 67 -29.49 3.15 16.09
CA GLU C 67 -29.78 1.73 16.04
C GLU C 67 -28.57 0.94 15.59
N TYR C 68 -27.89 1.43 14.55
CA TYR C 68 -26.69 0.74 14.05
C TYR C 68 -25.49 0.88 14.98
N GLU C 69 -25.50 1.89 15.84
CA GLU C 69 -24.40 2.07 16.79
C GLU C 69 -24.46 1.06 17.92
N SER C 70 -25.61 0.99 18.59
CA SER C 70 -25.82 0.05 19.68
C SER C 70 -27.22 -0.51 19.54
N LYS C 71 -27.28 -1.84 19.42
CA LYS C 71 -28.47 -2.58 18.99
C LYS C 71 -29.71 -2.55 19.90
N ARG C 72 -29.53 -2.70 21.22
CA ARG C 72 -30.68 -2.60 22.12
C ARG C 72 -30.67 -1.48 23.15
N LYS C 73 -29.67 -0.61 23.10
CA LYS C 73 -29.63 0.55 23.98
C LYS C 73 -30.80 1.50 23.68
N PRO C 74 -31.42 2.04 24.73
CA PRO C 74 -32.58 2.91 24.55
C PRO C 74 -32.21 4.24 23.91
N ILE C 75 -33.20 4.85 23.26
CA ILE C 75 -33.04 6.15 22.63
C ILE C 75 -34.00 7.15 23.26
N HIS C 76 -33.52 8.35 23.54
CA HIS C 76 -34.35 9.30 24.26
C HIS C 76 -34.79 10.44 23.36
N LEU C 77 -36.07 10.45 23.02
CA LEU C 77 -36.64 11.44 22.12
C LEU C 77 -37.38 12.52 22.91
N TYR C 78 -36.80 13.71 22.97
CA TYR C 78 -37.41 14.81 23.69
C TYR C 78 -38.23 15.65 22.72
N ILE C 79 -39.44 16.01 23.11
CA ILE C 79 -40.35 16.67 22.18
C ILE C 79 -40.93 17.94 22.76
N ASN C 80 -40.63 19.08 22.14
CA ASN C 80 -41.45 20.28 22.35
C ASN C 80 -41.81 20.88 20.98
N SER C 81 -43.05 20.65 20.55
CA SER C 81 -43.42 20.98 19.17
C SER C 81 -44.91 21.21 18.95
N THR C 82 -45.22 22.10 18.01
CA THR C 82 -46.60 22.38 17.62
C THR C 82 -47.09 21.55 16.43
N GLY C 83 -46.28 20.58 16.03
CA GLY C 83 -46.59 19.74 14.88
C GLY C 83 -46.34 20.41 13.54
N ASP C 84 -47.34 20.35 12.68
CA ASP C 84 -47.23 20.89 11.32
C ASP C 84 -47.75 22.31 11.17
N ILE C 85 -48.14 22.95 12.29
CA ILE C 85 -48.57 24.34 12.22
C ILE C 85 -47.64 25.25 13.02
N ASP C 86 -47.39 26.45 12.52
CA ASP C 86 -46.64 27.47 13.25
C ASP C 86 -47.30 28.84 13.09
N ASN C 87 -47.72 29.46 14.19
CA ASN C 87 -48.42 30.73 14.14
C ASN C 87 -49.59 30.70 13.15
N ASN C 88 -50.41 29.66 13.34
CA ASN C 88 -51.61 29.33 12.58
C ASN C 88 -51.41 29.11 11.09
N LYS C 89 -50.17 28.84 10.70
CA LYS C 89 -49.87 28.55 9.30
C LYS C 89 -49.29 27.16 9.16
N ILE C 90 -49.81 26.38 8.21
CA ILE C 90 -49.31 25.04 8.00
C ILE C 90 -47.91 25.15 7.41
N ILE C 91 -46.93 24.61 8.13
CA ILE C 91 -45.55 24.64 7.65
C ILE C 91 -45.07 23.33 7.00
N ASN C 92 -45.93 22.30 7.03
CA ASN C 92 -45.65 21.07 6.30
C ASN C 92 -46.92 20.48 5.69
N LEU C 93 -46.94 20.33 4.37
CA LEU C 93 -48.10 19.77 3.70
C LEU C 93 -48.07 18.25 3.80
N ASN C 94 -46.91 17.72 4.13
CA ASN C 94 -46.69 16.29 4.28
C ASN C 94 -46.72 15.79 5.72
N GLY C 95 -47.08 16.66 6.66
CA GLY C 95 -46.91 16.35 8.07
C GLY C 95 -47.37 14.97 8.50
N ILE C 96 -48.61 14.63 8.19
CA ILE C 96 -49.12 13.31 8.55
C ILE C 96 -48.22 12.19 8.02
N THR C 97 -48.13 12.05 6.70
CA THR C 97 -47.34 10.97 6.11
C THR C 97 -45.93 10.95 6.68
N ASP C 98 -45.39 12.12 6.98
CA ASP C 98 -44.04 12.22 7.54
C ASP C 98 -43.96 11.59 8.91
N VAL C 99 -44.87 11.98 9.80
CA VAL C 99 -44.87 11.45 11.15
C VAL C 99 -45.07 9.94 11.09
N ILE C 100 -45.93 9.50 10.18
CA ILE C 100 -46.19 8.08 10.03
C ILE C 100 -44.93 7.30 9.69
N SER C 101 -44.12 7.86 8.79
CA SER C 101 -42.82 7.27 8.48
C SER C 101 -41.97 7.10 9.73
N ILE C 102 -41.90 8.15 10.55
CA ILE C 102 -41.10 8.10 11.77
C ILE C 102 -41.53 6.96 12.69
N VAL C 103 -42.84 6.90 12.97
CA VAL C 103 -43.36 5.90 13.89
C VAL C 103 -43.06 4.51 13.35
N ASP C 104 -43.19 4.36 12.03
CA ASP C 104 -42.88 3.08 11.37
C ASP C 104 -41.45 2.60 11.61
N VAL C 105 -40.49 3.51 11.44
CA VAL C 105 -39.10 3.24 11.78
C VAL C 105 -38.91 2.99 13.28
N ILE C 106 -39.60 3.78 14.09
CA ILE C 106 -39.59 3.59 15.54
C ILE C 106 -40.01 2.17 15.88
N ASN C 107 -40.96 1.63 15.12
CA ASN C 107 -41.42 0.26 15.34
C ASN C 107 -40.52 -0.79 14.70
N TYR C 108 -39.76 -0.37 13.70
CA TYR C 108 -38.87 -1.28 12.99
C TYR C 108 -37.62 -1.59 13.81
N ILE C 109 -37.02 -0.57 14.42
CA ILE C 109 -35.75 -0.77 15.13
C ILE C 109 -35.91 -1.49 16.45
N SER C 110 -34.82 -2.13 16.88
CA SER C 110 -34.81 -2.94 18.10
C SER C 110 -34.67 -2.09 19.36
N SER C 111 -33.95 -0.99 19.23
CA SER C 111 -33.77 -0.09 20.35
C SER C 111 -35.12 0.49 20.72
N ASP C 112 -35.44 0.48 22.02
CA ASP C 112 -36.67 1.10 22.51
C ASP C 112 -36.50 2.60 22.48
N VAL C 113 -37.56 3.31 22.10
CA VAL C 113 -37.52 4.76 22.11
C VAL C 113 -38.39 5.24 23.25
N TYR C 114 -37.79 6.01 24.15
CA TYR C 114 -38.55 6.66 25.20
C TYR C 114 -38.91 8.05 24.70
N THR C 115 -40.04 8.59 25.14
CA THR C 115 -40.40 9.94 24.79
C THR C 115 -40.62 10.83 26.00
N TYR C 116 -40.24 12.10 25.87
CA TYR C 116 -40.37 13.07 26.93
C TYR C 116 -40.93 14.32 26.32
N CYS C 117 -42.12 14.71 26.74
CA CYS C 117 -42.68 15.96 26.27
C CYS C 117 -42.27 17.08 27.22
N LEU C 118 -41.58 18.08 26.68
CA LEU C 118 -41.10 19.18 27.52
C LEU C 118 -42.13 20.29 27.62
N GLY C 119 -42.26 21.11 26.59
CA GLY C 119 -43.36 22.06 26.54
C GLY C 119 -44.71 21.61 25.99
N LYS C 120 -44.70 21.14 24.75
CA LYS C 120 -45.94 20.89 24.04
C LYS C 120 -45.75 19.77 23.03
N ALA C 121 -46.79 18.96 22.86
CA ALA C 121 -46.85 18.12 21.69
C ALA C 121 -48.24 18.28 21.09
N TYR C 122 -48.32 18.97 19.96
CA TYR C 122 -49.60 19.22 19.33
C TYR C 122 -49.66 18.50 18.00
N GLY C 123 -50.87 18.15 17.56
CA GLY C 123 -51.03 17.52 16.27
C GLY C 123 -50.09 16.35 16.10
N ILE C 124 -49.37 16.32 15.00
CA ILE C 124 -48.52 15.18 14.71
C ILE C 124 -47.44 14.96 15.78
N ALA C 125 -47.09 16.01 16.50
CA ALA C 125 -46.14 15.87 17.63
C ALA C 125 -46.73 15.01 18.75
N CYS C 126 -48.03 15.15 18.99
CA CYS C 126 -48.71 14.33 19.97
C CYS C 126 -48.74 12.86 19.55
N ILE C 127 -49.13 12.63 18.29
CA ILE C 127 -49.06 11.31 17.71
C ILE C 127 -47.69 10.70 17.91
N LEU C 128 -46.67 11.53 17.70
CA LEU C 128 -45.29 11.09 17.82
C LEU C 128 -44.95 10.76 19.27
N ALA C 129 -45.27 11.68 20.18
CA ALA C 129 -44.97 11.46 21.58
C ALA C 129 -45.54 10.14 22.06
N SER C 130 -46.81 9.87 21.73
CA SER C 130 -47.50 8.69 22.22
C SER C 130 -47.02 7.38 21.60
N SER C 131 -46.12 7.46 20.62
CA SER C 131 -45.67 6.25 19.95
C SER C 131 -44.44 5.66 20.63
N GLY C 132 -43.95 6.33 21.67
CA GLY C 132 -42.83 5.80 22.44
C GLY C 132 -43.19 4.49 23.10
N LYS C 133 -42.18 3.77 23.60
CA LYS C 133 -42.40 2.50 24.28
C LYS C 133 -43.39 2.63 25.43
N LYS C 134 -44.38 1.74 25.49
CA LYS C 134 -45.36 1.81 26.55
C LYS C 134 -44.69 1.62 27.91
N GLY C 135 -44.96 2.57 28.80
CA GLY C 135 -44.35 2.61 30.11
C GLY C 135 -43.23 3.61 30.15
N TYR C 136 -42.69 3.87 28.98
CA TYR C 136 -41.62 4.85 28.80
C TYR C 136 -41.98 6.20 28.18
N ARG C 137 -43.27 6.48 28.06
CA ARG C 137 -43.71 7.78 27.58
C ARG C 137 -43.90 8.78 28.72
N PHE C 138 -43.10 9.85 28.71
CA PHE C 138 -43.05 10.79 29.83
C PHE C 138 -43.49 12.19 29.47
N SER C 139 -43.86 12.94 30.51
CA SER C 139 -44.14 14.36 30.39
C SER C 139 -43.73 15.11 31.64
N LEU C 140 -43.49 16.41 31.50
CA LEU C 140 -43.22 17.22 32.67
C LEU C 140 -44.56 17.74 33.18
N LYS C 141 -44.54 18.44 34.31
CA LYS C 141 -45.77 18.82 34.98
C LYS C 141 -46.66 19.71 34.14
N ASN C 142 -46.04 20.72 33.52
CA ASN C 142 -46.78 21.77 32.82
C ASN C 142 -46.98 21.56 31.32
N SER C 143 -46.60 20.38 30.84
CA SER C 143 -46.73 20.06 29.43
C SER C 143 -48.19 20.05 28.98
N SER C 144 -48.39 20.34 27.71
CA SER C 144 -49.72 20.37 27.11
C SER C 144 -49.75 19.48 25.89
N PHE C 145 -50.88 18.84 25.64
CA PHE C 145 -51.06 17.97 24.49
C PHE C 145 -52.31 18.30 23.69
N CYS C 146 -52.29 17.98 22.40
CA CYS C 146 -53.44 18.21 21.55
C CYS C 146 -53.51 17.21 20.39
N LEU C 147 -54.72 16.79 20.05
CA LEU C 147 -54.94 16.00 18.84
C LEU C 147 -55.80 16.82 17.89
N ASN C 148 -55.45 16.80 16.60
CA ASN C 148 -56.10 17.67 15.62
C ASN C 148 -56.84 16.91 14.55
N ASN C 166 -57.67 10.31 -4.26
CA ASN C 166 -58.39 10.63 -3.02
C ASN C 166 -58.53 9.46 -2.02
N LYS C 167 -58.06 8.27 -2.39
CA LYS C 167 -57.92 7.20 -1.41
C LYS C 167 -56.57 7.39 -0.72
N GLU C 168 -55.92 8.50 -1.06
CA GLU C 168 -54.74 8.98 -0.35
C GLU C 168 -55.19 9.59 0.98
N ILE C 169 -56.01 10.64 0.90
CA ILE C 169 -56.63 11.19 2.11
C ILE C 169 -57.24 10.05 2.91
N MET C 170 -57.86 9.11 2.22
CA MET C 170 -58.64 8.11 2.94
C MET C 170 -57.73 7.11 3.62
N ASN C 171 -56.81 6.54 2.85
CA ASN C 171 -55.85 5.58 3.38
C ASN C 171 -55.03 6.16 4.52
N THR C 172 -54.66 7.43 4.36
CA THR C 172 -53.83 8.11 5.35
C THR C 172 -54.58 8.43 6.64
N LYS C 173 -55.75 9.05 6.51
CA LYS C 173 -56.56 9.39 7.68
C LYS C 173 -56.91 8.15 8.50
N LYS C 174 -56.88 6.99 7.87
CA LYS C 174 -57.20 5.73 8.53
C LYS C 174 -56.01 5.22 9.32
N LYS C 175 -54.82 5.38 8.75
CA LYS C 175 -53.59 4.92 9.40
C LYS C 175 -53.31 5.69 10.68
N VAL C 176 -53.66 6.97 10.71
CA VAL C 176 -53.41 7.80 11.87
C VAL C 176 -54.36 7.46 13.01
N ILE C 177 -55.65 7.32 12.70
CA ILE C 177 -56.62 6.79 13.67
C ILE C 177 -56.13 5.46 14.25
N GLU C 178 -55.69 4.56 13.38
CA GLU C 178 -55.17 3.25 13.78
C GLU C 178 -53.97 3.35 14.72
N ILE C 179 -53.11 4.35 14.49
CA ILE C 179 -51.94 4.54 15.33
C ILE C 179 -52.34 5.05 16.70
N ILE C 180 -53.13 6.12 16.73
CA ILE C 180 -53.61 6.64 18.02
C ILE C 180 -54.32 5.57 18.84
N SER C 181 -55.15 4.77 18.18
CA SER C 181 -55.86 3.67 18.85
C SER C 181 -54.93 2.72 19.55
N LYS C 182 -53.98 2.16 18.81
CA LYS C 182 -53.03 1.21 19.38
C LYS C 182 -52.28 1.88 20.54
N ASN C 183 -51.95 3.16 20.38
CA ASN C 183 -51.19 3.89 21.38
C ASN C 183 -51.95 4.09 22.67
N THR C 184 -53.19 4.56 22.54
CA THR C 184 -54.02 4.88 23.69
C THR C 184 -54.90 3.72 24.14
N GLU C 185 -54.72 2.56 23.50
CA GLU C 185 -55.50 1.37 23.82
C GLU C 185 -57.02 1.65 23.83
N LYS C 186 -57.50 2.20 22.73
CA LYS C 186 -58.91 2.49 22.55
C LYS C 186 -59.38 1.98 21.19
N ASP C 187 -60.69 1.88 21.01
CA ASP C 187 -61.27 1.39 19.77
C ASP C 187 -61.22 2.47 18.69
N THR C 188 -61.11 2.04 17.43
CA THR C 188 -61.03 2.98 16.33
C THR C 188 -62.19 3.97 16.33
N ASN C 189 -63.36 3.50 16.79
CA ASN C 189 -64.56 4.31 16.79
C ASN C 189 -64.48 5.49 17.76
N VAL C 190 -64.11 5.21 19.00
CA VAL C 190 -64.04 6.25 20.02
C VAL C 190 -62.97 7.29 19.70
N ILE C 191 -61.92 6.88 18.99
CA ILE C 191 -60.89 7.80 18.57
C ILE C 191 -61.38 8.75 17.48
N SER C 192 -62.02 8.20 16.45
CA SER C 192 -62.52 9.02 15.34
C SER C 192 -63.52 10.05 15.84
N ASN C 193 -64.17 9.76 16.96
CA ASN C 193 -65.05 10.72 17.62
C ASN C 193 -64.26 11.83 18.30
N VAL C 194 -63.26 11.44 19.08
CA VAL C 194 -62.39 12.40 19.75
C VAL C 194 -61.75 13.38 18.77
N LEU C 195 -61.52 12.94 17.55
CA LEU C 195 -60.86 13.76 16.55
C LEU C 195 -61.80 14.76 15.87
N GLU C 196 -63.10 14.60 16.08
CA GLU C 196 -64.07 15.51 15.48
C GLU C 196 -63.95 16.90 16.11
N ARG C 197 -63.52 16.93 17.37
CA ARG C 197 -63.31 18.19 18.09
C ARG C 197 -61.87 18.35 18.52
N ASP C 198 -61.32 19.56 18.38
CA ASP C 198 -60.00 19.84 18.91
C ASP C 198 -60.06 19.67 20.42
N LYS C 199 -59.19 18.81 20.95
CA LYS C 199 -59.21 18.48 22.37
C LYS C 199 -57.82 18.67 22.96
N TYR C 200 -57.72 19.51 23.99
CA TYR C 200 -56.44 19.76 24.65
C TYR C 200 -56.34 19.03 25.97
N PHE C 201 -55.17 18.46 26.25
CA PHE C 201 -54.91 17.79 27.52
C PHE C 201 -53.85 18.54 28.30
N ASN C 202 -53.93 18.44 29.63
CA ASN C 202 -52.78 18.76 30.45
C ASN C 202 -52.12 17.43 30.78
N ALA C 203 -51.01 17.45 31.51
CA ALA C 203 -50.29 16.22 31.76
C ALA C 203 -51.21 15.14 32.32
N ASP C 204 -51.90 15.42 33.42
CA ASP C 204 -52.74 14.41 34.07
C ASP C 204 -53.83 13.90 33.14
N GLU C 205 -54.47 14.82 32.41
CA GLU C 205 -55.49 14.44 31.44
C GLU C 205 -54.91 13.46 30.42
N ALA C 206 -53.68 13.74 29.99
CA ALA C 206 -53.02 12.93 28.97
C ALA C 206 -52.68 11.55 29.49
N VAL C 207 -52.45 11.45 30.79
CA VAL C 207 -52.05 10.17 31.37
C VAL C 207 -53.26 9.26 31.50
N ASP C 208 -54.41 9.86 31.77
CA ASP C 208 -55.66 9.11 31.90
C ASP C 208 -56.10 8.61 30.53
N PHE C 209 -55.93 9.46 29.52
CA PHE C 209 -56.32 9.08 28.16
C PHE C 209 -55.35 8.05 27.61
N LYS C 210 -54.27 7.80 28.36
CA LYS C 210 -53.23 6.86 27.97
C LYS C 210 -52.40 7.30 26.75
N LEU C 211 -52.25 8.60 26.55
CA LEU C 211 -51.26 9.11 25.61
C LEU C 211 -49.87 9.06 26.26
N ILE C 212 -49.86 9.21 27.57
CA ILE C 212 -48.63 9.25 28.36
C ILE C 212 -48.70 8.20 29.44
N ASP C 213 -47.54 7.83 29.97
CA ASP C 213 -47.45 6.88 31.07
C ASP C 213 -47.20 7.58 32.41
N HIS C 214 -46.09 8.30 32.50
CA HIS C 214 -45.71 8.91 33.76
C HIS C 214 -45.42 10.40 33.68
N ILE C 215 -45.62 11.09 34.80
CA ILE C 215 -45.22 12.49 34.92
C ILE C 215 -43.95 12.57 35.74
N LEU C 216 -42.96 13.31 35.23
CA LEU C 216 -41.69 13.47 35.93
C LEU C 216 -41.70 14.73 36.78
N GLU C 217 -41.73 14.54 38.10
CA GLU C 217 -41.74 15.67 39.03
C GLU C 217 -40.51 15.65 39.92
N LYS C 218 -39.84 16.79 40.02
CA LYS C 218 -38.63 16.91 40.83
C LYS C 218 -37.75 15.68 40.68
N SER D 37 -1.49 21.86 4.71
CA SER D 37 -2.21 21.16 3.66
C SER D 37 -1.42 20.04 2.98
N LEU D 38 -1.69 18.79 3.35
CA LEU D 38 -1.55 17.70 2.37
C LEU D 38 -0.21 17.76 1.65
N LEU D 39 -0.28 18.24 0.41
CA LEU D 39 0.89 18.49 -0.42
C LEU D 39 2.08 19.11 0.34
N LEU D 40 1.80 20.01 1.27
CA LEU D 40 2.85 20.60 2.08
C LEU D 40 3.57 19.52 2.87
N SER D 41 2.80 18.55 3.36
CA SER D 41 3.33 17.52 4.24
C SER D 41 4.43 16.77 3.50
N LYS D 42 4.32 16.79 2.17
CA LYS D 42 5.25 16.10 1.28
C LYS D 42 6.33 17.02 0.74
N ARG D 43 6.36 18.27 1.22
CA ARG D 43 7.33 19.25 0.75
C ARG D 43 7.08 19.62 -0.72
N ILE D 44 5.81 19.60 -1.09
CA ILE D 44 5.38 20.03 -2.40
C ILE D 44 4.70 21.39 -2.36
N ILE D 45 5.09 22.25 -3.29
CA ILE D 45 4.39 23.49 -3.51
C ILE D 45 3.94 23.45 -4.95
N PHE D 46 2.64 23.61 -5.17
CA PHE D 46 2.07 23.54 -6.50
C PHE D 46 1.42 24.85 -6.91
N LEU D 47 2.06 25.56 -7.83
CA LEU D 47 1.47 26.79 -8.34
C LEU D 47 0.70 26.42 -9.60
N SER D 48 -0.64 26.40 -9.47
CA SER D 48 -1.53 26.00 -10.56
C SER D 48 -2.24 27.15 -11.27
N SER D 49 -1.93 28.38 -10.88
CA SER D 49 -2.66 29.55 -11.39
C SER D 49 -1.75 30.66 -11.91
N PRO D 50 -2.34 31.76 -12.43
CA PRO D 50 -1.55 32.96 -12.72
C PRO D 50 -0.99 33.44 -11.40
N ILE D 51 0.04 34.25 -11.41
CA ILE D 51 0.57 34.65 -10.12
C ILE D 51 -0.11 35.94 -9.72
N TYR D 52 -1.13 35.82 -8.89
CA TYR D 52 -1.88 36.96 -8.41
C TYR D 52 -1.10 37.57 -7.26
N PRO D 53 -1.50 38.77 -6.83
CA PRO D 53 -0.80 39.43 -5.72
C PRO D 53 -0.62 38.51 -4.49
N HIS D 54 -1.67 37.79 -4.12
CA HIS D 54 -1.61 36.97 -2.90
C HIS D 54 -0.80 35.68 -3.07
N ILE D 55 -0.42 35.35 -4.29
CA ILE D 55 0.31 34.13 -4.54
C ILE D 55 1.75 34.18 -4.03
N SER D 56 2.45 35.27 -4.31
CA SER D 56 3.80 35.45 -3.82
C SER D 56 3.86 35.23 -2.31
N GLU D 57 2.96 35.88 -1.58
CA GLU D 57 2.93 35.71 -0.12
C GLU D 57 2.85 34.22 0.25
N GLN D 58 1.98 33.46 -0.41
CA GLN D 58 1.77 32.05 -0.11
C GLN D 58 3.02 31.20 -0.36
N ILE D 59 3.58 31.35 -1.54
CA ILE D 59 4.78 30.61 -1.90
C ILE D 59 5.93 30.89 -0.93
N ILE D 60 6.14 32.16 -0.59
CA ILE D 60 7.19 32.49 0.36
C ILE D 60 6.92 31.88 1.72
N SER D 61 5.69 32.02 2.21
CA SER D 61 5.34 31.45 3.51
C SER D 61 5.62 29.96 3.51
N GLN D 62 5.25 29.29 2.43
CA GLN D 62 5.50 27.85 2.36
C GLN D 62 7.00 27.51 2.31
N LEU D 63 7.78 28.28 1.57
CA LEU D 63 9.24 28.07 1.57
C LEU D 63 9.83 28.23 2.96
N LEU D 64 9.59 29.39 3.59
CA LEU D 64 10.02 29.60 4.97
C LEU D 64 9.60 28.44 5.86
N TYR D 65 8.33 28.06 5.81
CA TYR D 65 7.87 26.97 6.67
C TYR D 65 8.65 25.68 6.44
N LEU D 66 8.79 25.28 5.19
CA LEU D 66 9.50 24.03 4.87
C LEU D 66 10.96 24.09 5.30
N GLU D 67 11.58 25.25 5.12
CA GLU D 67 12.95 25.44 5.51
C GLU D 67 13.11 25.26 7.01
N TYR D 68 12.21 25.84 7.79
CA TYR D 68 12.28 25.75 9.25
C TYR D 68 11.91 24.37 9.77
N GLU D 69 11.16 23.60 8.97
CA GLU D 69 10.78 22.24 9.35
C GLU D 69 11.95 21.27 9.24
N SER D 70 12.57 21.22 8.06
CA SER D 70 13.73 20.37 7.82
C SER D 70 14.74 21.14 7.01
N LYS D 71 15.96 21.28 7.53
CA LYS D 71 16.88 22.27 6.99
C LYS D 71 17.34 21.95 5.58
N ARG D 72 17.93 20.78 5.38
CA ARG D 72 18.46 20.48 4.04
C ARG D 72 17.64 19.57 3.11
N LYS D 73 16.47 19.13 3.57
CA LYS D 73 15.56 18.36 2.73
C LYS D 73 15.04 19.18 1.54
N PRO D 74 15.03 18.57 0.35
CA PRO D 74 14.63 19.28 -0.87
C PRO D 74 13.18 19.69 -0.85
N ILE D 75 12.85 20.69 -1.65
CA ILE D 75 11.49 21.17 -1.79
C ILE D 75 11.09 21.05 -3.25
N HIS D 76 9.89 20.55 -3.50
CA HIS D 76 9.44 20.35 -4.87
C HIS D 76 8.39 21.35 -5.32
N LEU D 77 8.79 22.24 -6.21
CA LEU D 77 7.93 23.32 -6.70
C LEU D 77 7.40 22.97 -8.09
N TYR D 78 6.11 22.65 -8.15
CA TYR D 78 5.49 22.30 -9.43
C TYR D 78 4.82 23.53 -10.01
N ILE D 79 5.06 23.79 -11.28
CA ILE D 79 4.58 25.01 -11.89
C ILE D 79 3.77 24.78 -13.16
N ASN D 80 2.51 25.18 -13.14
CA ASN D 80 1.76 25.37 -14.38
C ASN D 80 1.08 26.73 -14.31
N SER D 81 1.63 27.70 -15.03
CA SER D 81 1.19 29.09 -14.86
C SER D 81 1.47 30.00 -16.06
N THR D 82 0.60 30.98 -16.26
CA THR D 82 0.77 31.96 -17.32
C THR D 82 1.48 33.23 -16.85
N GLY D 83 1.97 33.20 -15.63
CA GLY D 83 2.61 34.36 -15.02
C GLY D 83 1.65 35.44 -14.55
N ASP D 84 1.92 36.68 -14.95
CA ASP D 84 1.11 37.82 -14.53
C ASP D 84 -0.03 38.21 -15.48
N ILE D 85 -0.24 37.41 -16.52
CA ILE D 85 -1.36 37.66 -17.43
C ILE D 85 -2.36 36.50 -17.41
N ASP D 86 -3.64 36.83 -17.50
CA ASP D 86 -4.69 35.82 -17.63
C ASP D 86 -5.72 36.29 -18.66
N ASN D 87 -5.90 35.50 -19.73
CA ASN D 87 -6.79 35.87 -20.82
C ASN D 87 -6.53 37.30 -21.31
N ASN D 88 -5.25 37.52 -21.61
CA ASN D 88 -4.65 38.76 -22.11
C ASN D 88 -4.82 39.98 -21.21
N LYS D 89 -5.13 39.75 -19.94
CA LYS D 89 -5.27 40.84 -18.99
C LYS D 89 -4.25 40.69 -17.87
N ILE D 90 -3.54 41.77 -17.56
CA ILE D 90 -2.55 41.72 -16.49
C ILE D 90 -3.28 41.57 -15.16
N ILE D 91 -3.01 40.49 -14.46
CA ILE D 91 -3.66 40.25 -13.17
C ILE D 91 -2.77 40.61 -11.98
N ASN D 92 -1.53 40.99 -12.25
CA ASN D 92 -0.65 41.48 -11.19
C ASN D 92 0.23 42.62 -11.69
N LEU D 93 0.10 43.79 -11.06
CA LEU D 93 0.90 44.94 -11.48
C LEU D 93 2.29 44.86 -10.84
N ASN D 94 2.41 44.01 -9.82
CA ASN D 94 3.66 43.78 -9.11
C ASN D 94 4.44 42.53 -9.55
N GLY D 95 3.96 41.87 -10.60
CA GLY D 95 4.43 40.53 -10.93
C GLY D 95 5.95 40.39 -10.90
N ILE D 96 6.66 41.24 -11.63
CA ILE D 96 8.13 41.16 -11.64
C ILE D 96 8.72 41.21 -10.22
N THR D 97 8.58 42.34 -9.54
CA THR D 97 9.12 42.47 -8.18
C THR D 97 8.71 41.29 -7.29
N ASP D 98 7.50 40.78 -7.51
CA ASP D 98 7.01 39.66 -6.71
C ASP D 98 7.85 38.42 -6.94
N VAL D 99 7.96 38.01 -8.21
CA VAL D 99 8.76 36.84 -8.54
C VAL D 99 10.19 37.01 -8.04
N ILE D 100 10.73 38.22 -8.20
CA ILE D 100 12.08 38.48 -7.72
C ILE D 100 12.23 38.17 -6.23
N SER D 101 11.23 38.56 -5.44
CA SER D 101 11.25 38.25 -4.01
C SER D 101 11.33 36.75 -3.80
N ILE D 102 10.53 36.01 -4.55
CA ILE D 102 10.51 34.57 -4.42
C ILE D 102 11.90 33.97 -4.67
N VAL D 103 12.51 34.33 -5.79
CA VAL D 103 13.78 33.74 -6.18
C VAL D 103 14.79 34.07 -5.10
N ASP D 104 14.71 35.29 -4.58
CA ASP D 104 15.64 35.73 -3.54
C ASP D 104 15.59 34.83 -2.28
N VAL D 105 14.38 34.53 -1.83
CA VAL D 105 14.18 33.58 -0.74
C VAL D 105 14.66 32.19 -1.14
N ILE D 106 14.38 31.81 -2.37
CA ILE D 106 14.80 30.53 -2.90
C ILE D 106 16.33 30.41 -2.77
N ASN D 107 17.01 31.52 -3.00
CA ASN D 107 18.47 31.55 -2.88
C ASN D 107 18.95 31.68 -1.44
N TYR D 108 18.10 32.22 -0.57
CA TYR D 108 18.45 32.44 0.82
C TYR D 108 18.43 31.13 1.62
N ILE D 109 17.42 30.29 1.38
CA ILE D 109 17.26 29.09 2.18
C ILE D 109 18.26 28.00 1.79
N SER D 110 18.52 27.11 2.74
CA SER D 110 19.48 26.02 2.58
C SER D 110 18.90 24.82 1.82
N SER D 111 17.60 24.59 1.99
CA SER D 111 16.92 23.54 1.25
C SER D 111 16.96 23.82 -0.24
N ASP D 112 17.36 22.83 -1.03
CA ASP D 112 17.37 23.00 -2.47
C ASP D 112 15.92 22.96 -2.96
N VAL D 113 15.61 23.79 -3.94
CA VAL D 113 14.30 23.76 -4.57
C VAL D 113 14.44 23.16 -5.95
N TYR D 114 13.69 22.09 -6.18
CA TYR D 114 13.58 21.51 -7.51
C TYR D 114 12.36 22.12 -8.17
N THR D 115 12.41 22.29 -9.48
CA THR D 115 11.23 22.76 -10.19
C THR D 115 10.72 21.78 -11.27
N TYR D 116 9.41 21.68 -11.40
CA TYR D 116 8.80 20.84 -12.41
C TYR D 116 7.73 21.65 -13.14
N CYS D 117 7.91 21.82 -14.44
CA CYS D 117 6.89 22.50 -15.21
C CYS D 117 5.92 21.47 -15.75
N LEU D 118 4.62 21.62 -15.44
CA LEU D 118 3.63 20.59 -15.83
C LEU D 118 2.75 20.83 -17.08
N GLY D 119 2.10 21.99 -17.17
CA GLY D 119 1.67 22.57 -18.44
C GLY D 119 2.46 23.70 -19.07
N LYS D 120 2.65 24.79 -18.33
CA LYS D 120 3.21 26.01 -18.91
C LYS D 120 3.94 26.80 -17.87
N ALA D 121 5.04 27.42 -18.26
CA ALA D 121 5.60 28.52 -17.48
C ALA D 121 5.84 29.68 -18.42
N TYR D 122 5.02 30.73 -18.28
CA TYR D 122 5.13 31.90 -19.14
C TYR D 122 5.52 33.11 -18.31
N GLY D 123 6.21 34.05 -18.94
CA GLY D 123 6.59 35.27 -18.25
C GLY D 123 7.29 34.98 -16.93
N ILE D 124 6.82 35.63 -15.87
CA ILE D 124 7.47 35.48 -14.57
C ILE D 124 7.48 34.02 -14.08
N ALA D 125 6.54 33.20 -14.56
CA ALA D 125 6.54 31.78 -14.20
C ALA D 125 7.75 31.07 -14.81
N CYS D 126 8.16 31.50 -15.99
CA CYS D 126 9.33 30.92 -16.62
C CYS D 126 10.57 31.30 -15.82
N ILE D 127 10.69 32.59 -15.51
CA ILE D 127 11.77 33.07 -14.66
C ILE D 127 11.86 32.24 -13.41
N LEU D 128 10.68 31.94 -12.85
CA LEU D 128 10.58 31.17 -11.61
C LEU D 128 11.03 29.74 -11.81
N ALA D 129 10.53 29.09 -12.87
CA ALA D 129 10.89 27.70 -13.14
C ALA D 129 12.40 27.54 -13.26
N SER D 130 13.04 28.49 -13.93
CA SER D 130 14.47 28.38 -14.22
C SER D 130 15.36 28.70 -13.04
N SER D 131 14.78 29.18 -11.95
CA SER D 131 15.57 29.54 -10.78
C SER D 131 15.79 28.36 -9.83
N GLY D 132 15.18 27.22 -10.14
CA GLY D 132 15.41 26.02 -9.35
C GLY D 132 16.86 25.60 -9.41
N LYS D 133 17.26 24.71 -8.50
CA LYS D 133 18.63 24.20 -8.44
C LYS D 133 19.10 23.63 -9.77
N LYS D 134 20.29 24.03 -10.21
CA LYS D 134 20.77 23.54 -11.49
C LYS D 134 20.94 22.03 -11.44
N GLY D 135 20.41 21.37 -12.47
CA GLY D 135 20.41 19.92 -12.56
C GLY D 135 19.10 19.37 -12.07
N TYR D 136 18.43 20.16 -11.23
CA TYR D 136 17.10 19.83 -10.72
C TYR D 136 15.88 20.53 -11.33
N ARG D 137 16.08 21.26 -12.43
CA ARG D 137 14.95 21.88 -13.12
C ARG D 137 14.33 20.95 -14.17
N PHE D 138 13.06 20.58 -13.97
CA PHE D 138 12.42 19.56 -14.80
C PHE D 138 11.22 20.07 -15.59
N SER D 139 10.90 19.33 -16.65
CA SER D 139 9.69 19.59 -17.42
C SER D 139 9.14 18.29 -17.97
N LEU D 140 7.85 18.29 -18.27
CA LEU D 140 7.23 17.14 -18.92
C LEU D 140 7.36 17.32 -20.42
N LYS D 141 6.95 16.31 -21.19
CA LYS D 141 7.21 16.30 -22.62
C LYS D 141 6.55 17.47 -23.35
N ASN D 142 5.29 17.72 -23.04
CA ASN D 142 4.48 18.68 -23.78
C ASN D 142 4.46 20.08 -23.17
N SER D 143 5.26 20.31 -22.14
CA SER D 143 5.31 21.62 -21.51
C SER D 143 5.74 22.71 -22.49
N SER D 144 5.29 23.93 -22.24
CA SER D 144 5.66 25.09 -23.03
C SER D 144 6.24 26.20 -22.15
N PHE D 145 7.19 26.95 -22.69
CA PHE D 145 7.82 28.04 -21.95
C PHE D 145 7.80 29.32 -22.75
N CYS D 146 7.82 30.44 -22.04
CA CYS D 146 7.87 31.75 -22.69
C CYS D 146 8.58 32.81 -21.84
N LEU D 147 9.34 33.67 -22.50
CA LEU D 147 9.91 34.85 -21.83
C LEU D 147 9.30 36.10 -22.45
N ASN D 148 8.93 37.05 -21.61
CA ASN D 148 8.18 38.22 -22.07
C ASN D 148 8.92 39.54 -21.88
N ILE D 169 11.64 49.65 -12.14
CA ILE D 169 11.62 50.47 -13.35
C ILE D 169 12.84 50.17 -14.21
N MET D 170 13.90 50.97 -14.02
CA MET D 170 15.20 50.66 -14.62
C MET D 170 15.93 49.62 -13.77
N ASN D 171 15.96 49.85 -12.46
CA ASN D 171 16.59 48.94 -11.53
C ASN D 171 15.99 47.55 -11.60
N THR D 172 14.67 47.49 -11.77
CA THR D 172 13.95 46.23 -11.81
C THR D 172 14.21 45.44 -13.09
N LYS D 173 14.04 46.10 -14.25
CA LYS D 173 14.26 45.44 -15.53
C LYS D 173 15.67 44.88 -15.64
N LYS D 174 16.59 45.46 -14.86
CA LYS D 174 18.00 45.03 -14.87
C LYS D 174 18.19 43.76 -14.04
N LYS D 175 17.50 43.70 -12.90
CA LYS D 175 17.60 42.55 -12.01
C LYS D 175 17.04 41.28 -12.68
N VAL D 176 15.95 41.45 -13.42
CA VAL D 176 15.33 40.33 -14.16
C VAL D 176 16.20 39.75 -15.28
N ILE D 177 16.83 40.64 -16.05
CA ILE D 177 17.85 40.23 -17.03
C ILE D 177 18.98 39.48 -16.33
N GLU D 178 19.43 40.03 -15.21
CA GLU D 178 20.52 39.46 -14.42
C GLU D 178 20.17 38.05 -13.93
N ILE D 179 18.92 37.85 -13.55
CA ILE D 179 18.48 36.55 -13.06
C ILE D 179 18.45 35.53 -14.19
N ILE D 180 17.81 35.89 -15.31
CA ILE D 180 17.74 34.98 -16.45
C ILE D 180 19.14 34.59 -16.91
N SER D 181 20.05 35.57 -16.93
CA SER D 181 21.43 35.34 -17.35
C SER D 181 22.09 34.26 -16.50
N LYS D 182 22.08 34.47 -15.19
CA LYS D 182 22.70 33.51 -14.27
C LYS D 182 22.08 32.12 -14.47
N ASN D 183 20.76 32.09 -14.64
CA ASN D 183 20.02 30.84 -14.78
C ASN D 183 20.39 30.08 -16.06
N THR D 184 20.39 30.79 -17.17
CA THR D 184 20.62 30.18 -18.47
C THR D 184 22.10 30.20 -18.89
N GLU D 185 22.95 30.70 -17.99
CA GLU D 185 24.39 30.77 -18.24
C GLU D 185 24.69 31.47 -19.56
N LYS D 186 24.12 32.67 -19.69
CA LYS D 186 24.34 33.51 -20.87
C LYS D 186 24.70 34.93 -20.44
N ASP D 187 25.28 35.70 -21.36
CA ASP D 187 25.70 37.08 -21.08
C ASP D 187 24.50 38.02 -21.08
N THR D 188 24.59 39.07 -20.27
CA THR D 188 23.48 40.00 -20.11
C THR D 188 23.02 40.56 -21.45
N ASN D 189 23.95 40.70 -22.39
CA ASN D 189 23.62 41.26 -23.70
C ASN D 189 22.70 40.35 -24.51
N VAL D 190 23.10 39.10 -24.67
CA VAL D 190 22.36 38.15 -25.49
C VAL D 190 20.95 37.92 -24.95
N ILE D 191 20.79 38.06 -23.63
CA ILE D 191 19.48 37.94 -23.00
C ILE D 191 18.58 39.14 -23.31
N SER D 192 19.11 40.35 -23.15
CA SER D 192 18.35 41.56 -23.44
C SER D 192 17.88 41.59 -24.89
N ASN D 193 18.62 40.91 -25.76
CA ASN D 193 18.21 40.74 -27.15
C ASN D 193 17.04 39.77 -27.27
N VAL D 194 17.18 38.60 -26.65
CA VAL D 194 16.12 37.59 -26.65
C VAL D 194 14.80 38.15 -26.13
N LEU D 195 14.88 39.13 -25.24
CA LEU D 195 13.68 39.70 -24.63
C LEU D 195 12.98 40.73 -25.50
N GLU D 196 13.66 41.20 -26.54
CA GLU D 196 13.06 42.15 -27.45
C GLU D 196 11.88 41.53 -28.22
N ARG D 197 11.95 40.21 -28.43
CA ARG D 197 10.89 39.48 -29.11
C ARG D 197 10.29 38.42 -28.19
N ASP D 198 8.96 38.28 -28.22
CA ASP D 198 8.33 37.18 -27.51
C ASP D 198 8.80 35.87 -28.14
N LYS D 199 9.36 35.00 -27.29
CA LYS D 199 9.95 33.76 -27.77
C LYS D 199 9.39 32.57 -26.99
N TYR D 200 8.80 31.62 -27.72
CA TYR D 200 8.23 30.43 -27.09
C TYR D 200 9.12 29.21 -27.29
N PHE D 201 9.24 28.41 -26.24
CA PHE D 201 10.03 27.18 -26.28
C PHE D 201 9.10 26.00 -26.10
N ASN D 202 9.47 24.86 -26.68
CA ASN D 202 8.93 23.59 -26.23
C ASN D 202 9.96 23.01 -25.27
N ALA D 203 9.67 21.84 -24.71
CA ALA D 203 10.59 21.25 -23.74
C ALA D 203 12.03 21.22 -24.25
N ASP D 204 12.27 20.52 -25.35
CA ASP D 204 13.62 20.39 -25.89
C ASP D 204 14.28 21.74 -26.15
N GLU D 205 13.54 22.68 -26.73
CA GLU D 205 14.05 24.03 -26.97
C GLU D 205 14.52 24.66 -25.68
N ALA D 206 13.71 24.47 -24.63
CA ALA D 206 14.00 25.03 -23.32
C ALA D 206 15.22 24.39 -22.67
N VAL D 207 15.49 23.13 -22.99
CA VAL D 207 16.64 22.43 -22.44
C VAL D 207 17.94 22.90 -23.09
N ASP D 208 17.89 23.21 -24.39
CA ASP D 208 19.05 23.71 -25.10
C ASP D 208 19.38 25.13 -24.63
N PHE D 209 18.34 25.93 -24.40
CA PHE D 209 18.54 27.31 -23.99
C PHE D 209 19.03 27.36 -22.55
N LYS D 210 19.01 26.19 -21.91
CA LYS D 210 19.40 26.03 -20.50
C LYS D 210 18.45 26.70 -19.49
N LEU D 211 17.16 26.80 -19.83
CA LEU D 211 16.14 27.16 -18.86
C LEU D 211 15.84 25.93 -18.01
N ILE D 212 15.94 24.77 -18.65
CA ILE D 212 15.61 23.50 -18.02
C ILE D 212 16.79 22.55 -18.12
N ASP D 213 16.82 21.55 -17.25
CA ASP D 213 17.88 20.54 -17.25
C ASP D 213 17.43 19.24 -17.90
N HIS D 214 16.39 18.63 -17.36
CA HIS D 214 15.92 17.33 -17.85
C HIS D 214 14.43 17.27 -18.20
N ILE D 215 14.09 16.39 -19.13
CA ILE D 215 12.72 16.09 -19.46
C ILE D 215 12.34 14.75 -18.84
N LEU D 216 11.23 14.73 -18.10
CA LEU D 216 10.78 13.54 -17.38
C LEU D 216 10.00 12.56 -18.23
N GLU D 217 10.34 11.29 -18.11
CA GLU D 217 9.54 10.23 -18.71
C GLU D 217 9.62 9.04 -17.76
N LYS D 218 9.13 7.87 -18.17
CA LYS D 218 9.16 6.65 -17.34
C LYS D 218 7.76 6.07 -17.18
N PRO E 36 -3.84 29.00 15.23
CA PRO E 36 -2.50 28.50 15.59
C PRO E 36 -1.75 28.08 14.33
N SER E 37 -1.38 29.04 13.49
CA SER E 37 -1.03 28.74 12.12
C SER E 37 0.43 28.45 11.89
N LEU E 38 0.73 27.17 11.64
CA LEU E 38 1.89 26.86 10.80
C LEU E 38 3.02 27.73 11.30
N LEU E 39 3.27 28.81 10.57
CA LEU E 39 4.47 29.59 10.71
C LEU E 39 4.60 29.95 12.18
N LEU E 40 3.48 30.13 12.85
CA LEU E 40 3.50 30.53 14.24
C LEU E 40 4.23 29.44 15.01
N SER E 41 4.00 28.19 14.63
CA SER E 41 4.54 27.05 15.36
C SER E 41 6.06 27.15 15.36
N LYS E 42 6.60 27.83 14.35
CA LYS E 42 8.03 28.00 14.19
C LYS E 42 8.53 29.34 14.72
N ARG E 43 7.64 30.06 15.39
CA ARG E 43 7.99 31.38 15.91
C ARG E 43 8.31 32.37 14.78
N ILE E 44 7.59 32.22 13.67
CA ILE E 44 7.70 33.14 12.54
C ILE E 44 6.45 34.02 12.43
N ILE E 45 6.69 35.31 12.25
CA ILE E 45 5.62 36.26 11.93
C ILE E 45 5.98 36.87 10.60
N PHE E 46 5.09 36.73 9.62
CA PHE E 46 5.38 37.21 8.28
C PHE E 46 4.42 38.31 7.88
N LEU E 47 4.90 39.55 7.82
CA LEU E 47 4.06 40.64 7.37
C LEU E 47 4.28 40.80 5.87
N SER E 48 3.30 40.33 5.09
CA SER E 48 3.40 40.33 3.63
C SER E 48 2.64 41.45 2.92
N SER E 49 2.00 42.32 3.69
CA SER E 49 1.10 43.32 3.13
C SER E 49 1.37 44.74 3.62
N PRO E 50 0.62 45.72 3.11
CA PRO E 50 0.66 47.06 3.70
C PRO E 50 0.16 46.92 5.12
N ILE E 51 0.38 47.89 5.99
CA ILE E 51 -0.05 47.66 7.35
C ILE E 51 -1.41 48.29 7.50
N TYR E 52 -2.44 47.46 7.39
CA TYR E 52 -3.82 47.89 7.53
C TYR E 52 -4.15 47.97 8.99
N PRO E 53 -5.30 48.56 9.31
CA PRO E 53 -5.67 48.74 10.72
C PRO E 53 -5.62 47.45 11.51
N HIS E 54 -6.16 46.39 10.93
CA HIS E 54 -6.21 45.11 11.62
C HIS E 54 -4.84 44.41 11.77
N ILE E 55 -3.83 44.89 11.05
CA ILE E 55 -2.53 44.23 11.07
C ILE E 55 -1.79 44.40 12.38
N SER E 56 -1.76 45.62 12.90
CA SER E 56 -1.14 45.86 14.20
C SER E 56 -1.70 44.90 15.26
N GLU E 57 -3.03 44.80 15.35
CA GLU E 57 -3.64 43.88 16.31
C GLU E 57 -3.07 42.47 16.17
N GLN E 58 -2.96 41.96 14.93
CA GLN E 58 -2.47 40.61 14.68
C GLN E 58 -1.03 40.42 15.13
N ILE E 59 -0.16 41.33 14.70
CA ILE E 59 1.25 41.24 15.04
C ILE E 59 1.46 41.25 16.54
N ILE E 60 0.77 42.15 17.24
CA ILE E 60 0.85 42.21 18.71
C ILE E 60 0.36 40.93 19.37
N SER E 61 -0.83 40.47 18.99
CA SER E 61 -1.36 39.21 19.50
C SER E 61 -0.33 38.11 19.34
N GLN E 62 0.29 38.03 18.16
CA GLN E 62 1.26 36.97 17.91
C GLN E 62 2.50 37.12 18.78
N LEU E 63 2.98 38.35 18.96
CA LEU E 63 4.13 38.57 19.84
C LEU E 63 3.78 38.14 21.27
N LEU E 64 2.66 38.64 21.81
CA LEU E 64 2.25 38.22 23.15
C LEU E 64 2.19 36.71 23.25
N TYR E 65 1.51 36.08 22.30
CA TYR E 65 1.39 34.62 22.34
C TYR E 65 2.77 33.95 22.39
N LEU E 66 3.65 34.32 21.48
CA LEU E 66 4.96 33.69 21.41
C LEU E 66 5.77 33.90 22.68
N GLU E 67 5.69 35.12 23.22
CA GLU E 67 6.33 35.42 24.50
C GLU E 67 5.85 34.53 25.64
N TYR E 68 4.53 34.42 25.82
CA TYR E 68 4.00 33.52 26.84
C TYR E 68 4.26 32.05 26.59
N GLU E 69 4.47 31.64 25.35
CA GLU E 69 4.76 30.23 25.04
C GLU E 69 6.17 29.82 25.49
N SER E 70 7.17 30.56 25.04
CA SER E 70 8.55 30.33 25.44
C SER E 70 9.19 31.67 25.71
N LYS E 71 9.63 31.87 26.96
CA LYS E 71 10.08 33.16 27.47
C LYS E 71 11.30 33.85 26.84
N ARG E 72 12.38 33.11 26.59
CA ARG E 72 13.52 33.72 25.92
C ARG E 72 13.88 33.25 24.51
N LYS E 73 13.09 32.34 23.95
CA LYS E 73 13.29 31.89 22.57
C LYS E 73 13.03 33.04 21.56
N PRO E 74 13.92 33.19 20.56
CA PRO E 74 13.82 34.26 19.58
C PRO E 74 12.57 34.19 18.73
N ILE E 75 12.16 35.33 18.18
CA ILE E 75 11.01 35.43 17.31
C ILE E 75 11.47 36.00 15.99
N HIS E 76 11.04 35.39 14.88
CA HIS E 76 11.49 35.81 13.57
C HIS E 76 10.42 36.56 12.80
N LEU E 77 10.63 37.86 12.66
CA LEU E 77 9.66 38.75 12.00
C LEU E 77 10.12 39.04 10.58
N TYR E 78 9.43 38.45 9.60
CA TYR E 78 9.78 38.67 8.19
C TYR E 78 8.89 39.78 7.61
N ILE E 79 9.54 40.73 6.93
CA ILE E 79 8.84 41.93 6.47
C ILE E 79 8.97 42.20 4.98
N ASN E 80 7.86 42.16 4.26
CA ASN E 80 7.82 42.74 2.93
C ASN E 80 6.59 43.62 2.84
N SER E 81 6.78 44.93 2.92
CA SER E 81 5.65 45.84 3.08
C SER E 81 5.93 47.28 2.63
N THR E 82 4.89 47.94 2.13
CA THR E 82 4.95 49.35 1.73
C THR E 82 4.49 50.31 2.83
N GLY E 83 4.27 49.77 4.02
CA GLY E 83 3.82 50.57 5.15
C GLY E 83 2.36 50.92 5.09
N ASP E 84 2.04 52.20 5.27
CA ASP E 84 0.66 52.64 5.35
C ASP E 84 0.09 53.11 4.01
N ILE E 85 0.86 52.97 2.94
CA ILE E 85 0.38 53.35 1.61
C ILE E 85 0.30 52.15 0.70
N ASP E 86 -0.73 52.09 -0.13
CA ASP E 86 -0.84 51.08 -1.16
C ASP E 86 -1.32 51.73 -2.47
N ASN E 87 -0.48 51.63 -3.50
CA ASN E 87 -0.81 52.21 -4.80
C ASN E 87 -0.86 53.72 -4.72
N ASN E 88 -0.23 54.27 -3.69
CA ASN E 88 -0.21 55.72 -3.48
C ASN E 88 -1.43 56.21 -2.73
N LYS E 89 -2.13 55.31 -2.05
CA LYS E 89 -3.32 55.68 -1.30
C LYS E 89 -3.07 55.25 0.12
N ILE E 90 -3.32 56.14 1.06
CA ILE E 90 -3.09 55.80 2.45
C ILE E 90 -4.15 54.77 2.85
N ILE E 91 -3.70 53.59 3.27
CA ILE E 91 -4.62 52.57 3.72
C ILE E 91 -4.75 52.45 5.25
N ASN E 92 -3.97 53.24 5.99
CA ASN E 92 -4.13 53.34 7.43
C ASN E 92 -3.92 54.77 7.93
N LEU E 93 -4.93 55.37 8.52
CA LEU E 93 -4.79 56.72 9.06
C LEU E 93 -4.10 56.70 10.42
N ASN E 94 -4.03 55.51 11.02
CA ASN E 94 -3.35 55.29 12.29
C ASN E 94 -1.93 54.72 12.20
N GLY E 95 -1.40 54.63 10.98
CA GLY E 95 -0.18 53.88 10.75
C GLY E 95 0.96 54.15 11.73
N ILE E 96 1.31 55.43 11.89
CA ILE E 96 2.37 55.78 12.85
C ILE E 96 2.10 55.23 14.25
N THR E 97 1.04 55.70 14.90
CA THR E 97 0.72 55.25 16.26
C THR E 97 0.67 53.73 16.35
N ASP E 98 0.18 53.10 15.29
CA ASP E 98 0.12 51.63 15.24
C ASP E 98 1.49 50.98 15.31
N VAL E 99 2.36 51.35 14.38
CA VAL E 99 3.73 50.84 14.41
C VAL E 99 4.42 51.10 15.75
N ILE E 100 4.22 52.31 16.30
CA ILE E 100 4.78 52.63 17.60
C ILE E 100 4.36 51.63 18.67
N SER E 101 3.08 51.25 18.66
CA SER E 101 2.57 50.25 19.60
C SER E 101 3.32 48.94 19.47
N ILE E 102 3.54 48.52 18.24
CA ILE E 102 4.27 47.28 17.99
C ILE E 102 5.68 47.35 18.60
N VAL E 103 6.41 48.41 18.29
CA VAL E 103 7.81 48.51 18.69
C VAL E 103 7.84 48.49 20.21
N ASP E 104 6.88 49.18 20.82
CA ASP E 104 6.77 49.20 22.27
C ASP E 104 6.65 47.82 22.89
N VAL E 105 5.76 47.00 22.34
CA VAL E 105 5.62 45.61 22.77
C VAL E 105 6.89 44.85 22.48
N ILE E 106 7.49 45.12 21.33
CA ILE E 106 8.73 44.47 20.95
C ILE E 106 9.80 44.72 22.00
N ASN E 107 9.77 45.92 22.57
CA ASN E 107 10.73 46.27 23.63
C ASN E 107 10.31 45.79 25.02
N TYR E 108 9.02 45.52 25.18
CA TYR E 108 8.48 45.02 26.44
C TYR E 108 8.80 43.54 26.68
N ILE E 109 8.67 42.72 25.65
CA ILE E 109 8.87 41.30 25.82
C ILE E 109 10.34 40.89 25.95
N SER E 110 10.56 39.75 26.58
CA SER E 110 11.89 39.23 26.85
C SER E 110 12.50 38.54 25.65
N SER E 111 11.64 37.96 24.82
CA SER E 111 12.09 37.26 23.61
C SER E 111 12.65 38.26 22.63
N ASP E 112 13.85 37.99 22.13
CA ASP E 112 14.46 38.88 21.16
C ASP E 112 13.69 38.72 19.86
N VAL E 113 13.51 39.82 19.15
CA VAL E 113 12.89 39.78 17.84
C VAL E 113 13.97 40.02 16.80
N TYR E 114 14.12 39.06 15.91
CA TYR E 114 14.95 39.26 14.72
C TYR E 114 14.09 39.75 13.56
N THR E 115 14.64 40.61 12.71
CA THR E 115 13.91 41.05 11.53
C THR E 115 14.60 40.69 10.21
N TYR E 116 13.80 40.33 9.22
CA TYR E 116 14.29 39.99 7.89
C TYR E 116 13.45 40.72 6.86
N CYS E 117 14.07 41.63 6.12
CA CYS E 117 13.35 42.31 5.07
C CYS E 117 13.49 41.50 3.80
N LEU E 118 12.36 41.08 3.23
CA LEU E 118 12.38 40.25 2.03
C LEU E 118 12.38 41.10 0.76
N GLY E 119 11.23 41.62 0.38
CA GLY E 119 11.20 42.61 -0.69
C GLY E 119 11.44 44.08 -0.33
N LYS E 120 10.63 44.61 0.57
CA LYS E 120 10.61 46.04 0.80
C LYS E 120 10.19 46.33 2.22
N ALA E 121 10.80 47.34 2.82
CA ALA E 121 10.24 47.95 4.01
C ALA E 121 10.20 49.45 3.77
N TYR E 122 9.01 50.00 3.58
CA TYR E 122 8.85 51.43 3.32
C TYR E 122 8.07 52.08 4.46
N GLY E 123 8.33 53.36 4.70
CA GLY E 123 7.60 54.06 5.72
C GLY E 123 7.62 53.32 7.03
N ILE E 124 6.45 53.12 7.61
CA ILE E 124 6.39 52.51 8.93
C ILE E 124 6.97 51.11 8.96
N ALA E 125 7.01 50.45 7.81
CA ALA E 125 7.61 49.13 7.71
C ALA E 125 9.11 49.21 7.93
N CYS E 126 9.71 50.32 7.51
CA CYS E 126 11.13 50.51 7.68
C CYS E 126 11.44 50.75 9.14
N ILE E 127 10.67 51.64 9.75
CA ILE E 127 10.74 51.85 11.19
C ILE E 127 10.65 50.54 11.93
N LEU E 128 9.71 49.70 11.52
CA LEU E 128 9.51 48.40 12.13
C LEU E 128 10.71 47.49 11.94
N ALA E 129 11.21 47.39 10.70
CA ALA E 129 12.33 46.49 10.43
C ALA E 129 13.51 46.83 11.32
N SER E 130 13.80 48.13 11.44
CA SER E 130 15.00 48.59 12.15
C SER E 130 14.88 48.45 13.66
N SER E 131 13.71 48.08 14.15
CA SER E 131 13.47 47.96 15.59
C SER E 131 13.82 46.59 16.17
N GLY E 132 14.22 45.68 15.29
CA GLY E 132 14.65 44.35 15.72
C GLY E 132 15.94 44.45 16.50
N LYS E 133 16.28 43.37 17.18
CA LYS E 133 17.49 43.31 18.04
C LYS E 133 18.75 43.68 17.29
N LYS E 134 19.53 44.59 17.83
CA LYS E 134 20.75 45.00 17.13
C LYS E 134 21.67 43.82 16.92
N GLY E 135 22.13 43.67 15.68
CA GLY E 135 22.94 42.54 15.29
C GLY E 135 22.10 41.47 14.63
N TYR E 136 20.82 41.48 14.94
CA TYR E 136 19.86 40.58 14.34
C TYR E 136 18.92 41.10 13.26
N ARG E 137 19.16 42.33 12.80
CA ARG E 137 18.34 42.89 11.73
C ARG E 137 18.90 42.54 10.35
N PHE E 138 18.12 41.78 9.57
CA PHE E 138 18.62 41.22 8.31
C PHE E 138 17.89 41.73 7.08
N SER E 139 18.56 41.63 5.94
CA SER E 139 17.95 41.89 4.64
C SER E 139 18.52 40.97 3.57
N LEU E 140 17.77 40.78 2.49
CA LEU E 140 18.27 40.01 1.36
C LEU E 140 18.96 40.99 0.43
N LYS E 141 19.58 40.47 -0.62
CA LYS E 141 20.45 41.29 -1.46
C LYS E 141 19.67 42.42 -2.15
N ASN E 142 18.50 42.09 -2.68
CA ASN E 142 17.74 43.02 -3.52
C ASN E 142 16.70 43.87 -2.79
N SER E 143 16.66 43.74 -1.46
CA SER E 143 15.68 44.47 -0.67
C SER E 143 15.86 45.98 -0.81
N SER E 144 14.77 46.72 -0.63
CA SER E 144 14.79 48.17 -0.70
C SER E 144 14.17 48.76 0.56
N PHE E 145 14.68 49.91 0.99
CA PHE E 145 14.17 50.55 2.20
C PHE E 145 13.81 52.01 1.94
N CYS E 146 12.89 52.55 2.72
CA CYS E 146 12.55 53.95 2.58
C CYS E 146 12.07 54.53 3.91
N LEU E 147 12.44 55.78 4.16
CA LEU E 147 11.89 56.56 5.26
C LEU E 147 11.05 57.71 4.73
N ASN E 148 9.87 57.92 5.29
CA ASN E 148 8.94 58.89 4.75
C ASN E 148 8.76 60.07 5.69
N GLN E 149 8.56 61.26 5.12
CA GLN E 149 8.31 62.44 5.94
C GLN E 149 7.03 62.18 6.68
N SER E 150 7.14 61.67 7.91
CA SER E 150 6.00 61.03 8.54
C SER E 150 4.96 62.09 8.80
N TYR E 151 3.70 61.67 8.88
CA TYR E 151 2.58 62.60 8.92
C TYR E 151 1.44 62.05 9.76
N SER E 152 0.53 62.94 10.12
CA SER E 152 -0.72 62.53 10.73
C SER E 152 -1.86 62.98 9.78
N ILE E 153 -3.04 62.38 9.91
CA ILE E 153 -4.13 62.64 8.96
C ILE E 153 -5.42 63.02 9.70
N ILE E 154 -6.23 63.90 9.13
CA ILE E 154 -7.30 64.54 9.91
C ILE E 154 -8.69 64.46 9.26
N PRO E 155 -9.30 63.25 9.29
CA PRO E 155 -10.73 63.14 9.53
C PRO E 155 -11.68 63.79 8.50
N PHE E 156 -12.98 63.74 8.75
CA PHE E 156 -13.76 64.95 8.98
C PHE E 156 -14.64 64.80 10.22
N ASN E 157 -14.87 65.92 10.91
CA ASN E 157 -14.47 66.04 12.31
C ASN E 157 -13.19 65.28 12.61
N ILE E 162 -12.69 66.64 16.91
CA ILE E 162 -12.23 67.08 18.25
C ILE E 162 -11.21 68.22 18.26
N GLU E 163 -10.64 68.49 19.43
CA GLU E 163 -9.53 69.45 19.53
C GLU E 163 -8.43 69.15 20.57
N ILE E 164 -7.40 70.00 20.53
CA ILE E 164 -6.13 69.85 21.28
C ILE E 164 -5.60 68.41 21.31
N GLN E 165 -5.60 67.84 20.11
CA GLN E 165 -4.89 66.61 19.81
C GLN E 165 -3.51 67.03 19.36
N ASN E 166 -3.26 68.34 19.37
CA ASN E 166 -1.92 68.87 19.11
C ASN E 166 -0.93 68.11 19.96
N LYS E 167 -1.27 67.97 21.24
CA LYS E 167 -0.46 67.18 22.14
C LYS E 167 -0.24 65.76 21.62
N GLU E 168 -1.19 65.21 20.86
CA GLU E 168 -1.06 63.86 20.31
C GLU E 168 -0.16 63.80 19.06
N ILE E 169 -0.31 64.77 18.16
CA ILE E 169 0.45 64.77 16.92
C ILE E 169 1.92 65.23 17.03
N MET E 170 2.15 66.47 17.44
CA MET E 170 3.51 66.91 17.70
C MET E 170 4.20 65.83 18.53
N ASN E 171 3.50 65.33 19.53
CA ASN E 171 3.99 64.26 20.38
C ASN E 171 4.35 63.01 19.61
N THR E 172 3.54 62.70 18.60
CA THR E 172 3.76 61.51 17.80
C THR E 172 4.95 61.65 16.88
N LYS E 173 5.02 62.75 16.13
CA LYS E 173 6.13 62.98 15.21
C LYS E 173 7.46 62.92 15.94
N LYS E 174 7.43 63.20 17.22
CA LYS E 174 8.64 63.26 18.04
C LYS E 174 9.09 61.87 18.45
N LYS E 175 8.12 61.02 18.79
CA LYS E 175 8.40 59.66 19.20
C LYS E 175 9.00 58.83 18.06
N VAL E 176 8.50 59.06 16.84
CA VAL E 176 9.02 58.41 15.64
C VAL E 176 10.46 58.79 15.28
N ILE E 177 10.78 60.08 15.39
CA ILE E 177 12.16 60.56 15.27
C ILE E 177 13.05 59.88 16.32
N GLU E 178 12.54 59.85 17.54
CA GLU E 178 13.24 59.25 18.67
C GLU E 178 13.53 57.77 18.46
N ILE E 179 12.60 57.05 17.84
CA ILE E 179 12.77 55.63 17.60
C ILE E 179 13.81 55.38 16.50
N ILE E 180 13.70 56.09 15.39
CA ILE E 180 14.69 55.97 14.34
C ILE E 180 16.10 56.29 14.83
N SER E 181 16.21 57.33 15.67
CA SER E 181 17.50 57.74 16.23
C SER E 181 18.15 56.62 17.01
N LYS E 182 17.41 56.09 17.98
CA LYS E 182 17.92 55.00 18.80
C LYS E 182 18.33 53.82 17.91
N ASN E 183 17.52 53.54 16.90
CA ASN E 183 17.75 52.40 16.02
C ASN E 183 19.00 52.54 15.17
N THR E 184 19.15 53.71 14.55
CA THR E 184 20.26 53.96 13.66
C THR E 184 21.47 54.60 14.34
N GLU E 185 21.39 54.75 15.66
CA GLU E 185 22.47 55.34 16.44
C GLU E 185 22.90 56.70 15.89
N LYS E 186 21.92 57.60 15.71
CA LYS E 186 22.18 58.95 15.23
C LYS E 186 21.43 59.96 16.11
N ASP E 187 21.83 61.22 16.02
CA ASP E 187 21.25 62.27 16.85
C ASP E 187 19.90 62.69 16.27
N THR E 188 19.01 63.13 17.15
CA THR E 188 17.67 63.52 16.73
C THR E 188 17.68 64.54 15.60
N ASN E 189 18.68 65.40 15.57
CA ASN E 189 18.74 66.45 14.58
C ASN E 189 19.00 65.90 13.18
N VAL E 190 20.02 65.07 13.05
CA VAL E 190 20.41 64.55 11.74
C VAL E 190 19.28 63.72 11.13
N ILE E 191 18.50 63.06 12.00
CA ILE E 191 17.35 62.27 11.55
C ILE E 191 16.23 63.15 11.01
N SER E 192 15.86 64.19 11.77
CA SER E 192 14.81 65.11 11.33
C SER E 192 15.16 65.77 10.00
N ASN E 193 16.45 65.88 9.71
CA ASN E 193 16.89 66.35 8.41
C ASN E 193 16.67 65.33 7.31
N VAL E 194 17.13 64.11 7.55
CA VAL E 194 16.93 63.01 6.61
C VAL E 194 15.46 62.83 6.24
N LEU E 195 14.56 63.15 7.17
CA LEU E 195 13.14 62.95 6.94
C LEU E 195 12.51 64.05 6.11
N GLU E 196 13.24 65.14 5.90
CA GLU E 196 12.71 66.24 5.10
C GLU E 196 12.59 65.83 3.64
N ARG E 197 13.45 64.90 3.23
CA ARG E 197 13.41 64.36 1.87
C ARG E 197 13.14 62.86 1.86
N ASP E 198 12.29 62.41 0.94
CA ASP E 198 12.12 60.98 0.77
C ASP E 198 13.45 60.39 0.34
N LYS E 199 13.95 59.45 1.13
CA LYS E 199 15.22 58.79 0.85
C LYS E 199 15.02 57.30 0.68
N TYR E 200 15.57 56.76 -0.40
CA TYR E 200 15.54 55.32 -0.63
C TYR E 200 16.91 54.67 -0.46
N PHE E 201 16.95 53.52 0.19
CA PHE E 201 18.19 52.77 0.36
C PHE E 201 18.10 51.45 -0.37
N ASN E 202 19.24 50.93 -0.80
CA ASN E 202 19.36 49.53 -1.16
C ASN E 202 19.96 48.84 0.03
N ALA E 203 20.14 47.52 -0.03
CA ALA E 203 20.62 46.79 1.13
C ALA E 203 21.87 47.43 1.71
N ASP E 204 22.90 47.57 0.89
CA ASP E 204 24.18 48.09 1.38
C ASP E 204 24.05 49.50 1.95
N GLU E 205 23.32 50.37 1.27
CA GLU E 205 23.07 51.70 1.79
C GLU E 205 22.41 51.64 3.18
N ALA E 206 21.48 50.72 3.36
CA ALA E 206 20.75 50.58 4.63
C ALA E 206 21.64 50.06 5.75
N VAL E 207 22.63 49.26 5.39
CA VAL E 207 23.55 48.73 6.38
C VAL E 207 24.52 49.81 6.90
N ASP E 208 24.91 50.72 6.01
CA ASP E 208 25.78 51.82 6.38
C ASP E 208 25.03 52.80 7.25
N PHE E 209 23.76 53.04 6.91
CA PHE E 209 22.94 53.98 7.67
C PHE E 209 22.58 53.39 9.02
N LYS E 210 22.91 52.12 9.18
CA LYS E 210 22.62 51.37 10.40
C LYS E 210 21.13 51.11 10.65
N LEU E 211 20.34 51.02 9.58
CA LEU E 211 18.97 50.50 9.68
C LEU E 211 19.02 48.98 9.78
N ILE E 212 20.04 48.41 9.16
CA ILE E 212 20.20 46.97 9.07
C ILE E 212 21.59 46.59 9.59
N ASP E 213 21.75 45.33 9.95
CA ASP E 213 23.03 44.82 10.40
C ASP E 213 23.73 43.98 9.33
N HIS E 214 23.07 42.93 8.88
CA HIS E 214 23.68 42.02 7.94
C HIS E 214 22.85 41.74 6.68
N ILE E 215 23.54 41.45 5.58
CA ILE E 215 22.89 40.98 4.37
C ILE E 215 23.07 39.47 4.25
N LEU E 216 21.96 38.77 4.03
CA LEU E 216 21.95 37.31 3.97
C LEU E 216 22.34 36.76 2.61
N GLU E 217 23.21 35.76 2.62
CA GLU E 217 23.64 35.07 1.41
C GLU E 217 23.92 33.57 1.64
N LYS E 218 23.61 32.77 0.61
CA LYS E 218 23.86 31.34 0.58
C LYS E 218 24.50 30.78 1.85
N PRO F 36 -20.00 21.90 21.16
CA PRO F 36 -19.19 21.44 22.30
C PRO F 36 -18.34 22.56 22.92
N SER F 37 -18.94 23.68 23.30
CA SER F 37 -18.18 24.90 23.46
C SER F 37 -17.60 25.11 24.85
N LEU F 38 -16.28 24.97 24.99
CA LEU F 38 -15.56 25.76 25.98
C LEU F 38 -16.39 25.64 27.26
N LEU F 39 -17.11 26.71 27.55
CA LEU F 39 -17.72 26.88 28.85
C LEU F 39 -18.49 25.60 29.17
N LEU F 40 -19.02 24.96 28.14
CA LEU F 40 -19.82 23.78 28.35
C LEU F 40 -18.94 22.76 29.04
N SER F 41 -17.67 22.73 28.64
CA SER F 41 -16.75 21.70 29.12
C SER F 41 -16.63 21.83 30.63
N LYS F 42 -16.88 23.03 31.13
CA LYS F 42 -16.80 23.33 32.55
C LYS F 42 -18.16 23.29 33.25
N ARG F 43 -19.18 22.86 32.53
CA ARG F 43 -20.54 22.77 33.04
C ARG F 43 -21.08 24.16 33.36
N ILE F 44 -20.68 25.11 32.51
CA ILE F 44 -21.20 26.46 32.60
C ILE F 44 -22.16 26.78 31.46
N ILE F 45 -23.30 27.36 31.81
CA ILE F 45 -24.23 27.91 30.85
C ILE F 45 -24.36 29.38 31.15
N PHE F 46 -24.10 30.21 30.14
CA PHE F 46 -24.08 31.64 30.33
C PHE F 46 -25.14 32.31 29.45
N LEU F 47 -26.20 32.78 30.07
CA LEU F 47 -27.22 33.50 29.32
C LEU F 47 -26.89 34.98 29.41
N SER F 48 -26.35 35.52 28.33
CA SER F 48 -25.92 36.91 28.27
C SER F 48 -26.86 37.87 27.55
N SER F 49 -28.00 37.37 27.10
CA SER F 49 -28.90 38.16 26.26
C SER F 49 -30.35 38.16 26.76
N PRO F 50 -31.23 38.90 26.07
CA PRO F 50 -32.66 38.75 26.33
C PRO F 50 -33.02 37.33 25.96
N ILE F 51 -34.14 36.81 26.44
CA ILE F 51 -34.42 35.43 26.09
C ILE F 51 -35.27 35.41 24.83
N TYR F 52 -34.60 35.16 23.71
CA TYR F 52 -35.26 35.11 22.42
C TYR F 52 -35.84 33.71 22.27
N PRO F 53 -36.68 33.52 21.26
CA PRO F 53 -37.30 32.21 21.05
C PRO F 53 -36.28 31.07 21.02
N HIS F 54 -35.17 31.27 20.31
CA HIS F 54 -34.18 30.21 20.17
C HIS F 54 -33.35 29.94 21.44
N ILE F 55 -33.44 30.84 22.42
CA ILE F 55 -32.63 30.70 23.63
C ILE F 55 -33.08 29.54 24.53
N SER F 56 -34.39 29.44 24.75
CA SER F 56 -34.94 28.32 25.52
C SER F 56 -34.44 26.99 24.97
N GLU F 57 -34.52 26.80 23.65
CA GLU F 57 -34.04 25.55 23.05
C GLU F 57 -32.60 25.28 23.46
N GLN F 58 -31.76 26.31 23.41
CA GLN F 58 -30.32 26.15 23.69
C GLN F 58 -30.06 25.77 25.13
N ILE F 59 -30.70 26.50 26.03
CA ILE F 59 -30.51 26.24 27.44
C ILE F 59 -30.93 24.82 27.80
N ILE F 60 -32.09 24.39 27.27
CA ILE F 60 -32.58 23.04 27.54
C ILE F 60 -31.65 21.98 26.98
N SER F 61 -31.27 22.12 25.71
CA SER F 61 -30.29 21.21 25.11
C SER F 61 -29.06 21.09 25.99
N GLN F 62 -28.54 22.23 26.46
CA GLN F 62 -27.35 22.20 27.30
C GLN F 62 -27.56 21.49 28.65
N LEU F 63 -28.69 21.76 29.30
CA LEU F 63 -29.02 21.04 30.52
C LEU F 63 -29.09 19.54 30.27
N LEU F 64 -29.87 19.12 29.29
CA LEU F 64 -29.95 17.70 28.94
C LEU F 64 -28.57 17.12 28.72
N TYR F 65 -27.77 17.80 27.89
CA TYR F 65 -26.43 17.29 27.62
C TYR F 65 -25.64 17.10 28.89
N LEU F 66 -25.58 18.14 29.71
CA LEU F 66 -24.78 18.08 30.94
C LEU F 66 -25.25 16.99 31.86
N GLU F 67 -26.57 16.83 31.95
CA GLU F 67 -27.15 15.79 32.78
C GLU F 67 -26.72 14.40 32.33
N TYR F 68 -26.75 14.17 31.02
CA TYR F 68 -26.38 12.87 30.49
C TYR F 68 -24.88 12.62 30.56
N GLU F 69 -24.09 13.69 30.61
CA GLU F 69 -22.63 13.56 30.72
C GLU F 69 -22.18 13.08 32.10
N SER F 70 -22.60 13.79 33.13
CA SER F 70 -22.31 13.44 34.51
C SER F 70 -23.57 13.64 35.33
N LYS F 71 -24.04 12.58 35.97
CA LYS F 71 -25.36 12.60 36.55
C LYS F 71 -25.54 13.61 37.67
N ARG F 72 -24.76 13.49 38.73
CA ARG F 72 -24.96 14.38 39.86
C ARG F 72 -24.01 15.58 40.03
N LYS F 73 -23.09 15.77 39.09
CA LYS F 73 -22.25 16.97 39.06
C LYS F 73 -23.06 18.26 38.86
N PRO F 74 -22.73 19.31 39.60
CA PRO F 74 -23.50 20.56 39.53
C PRO F 74 -23.33 21.27 38.20
N ILE F 75 -24.31 22.10 37.87
CA ILE F 75 -24.30 22.90 36.66
C ILE F 75 -24.38 24.37 37.04
N HIS F 76 -23.53 25.19 36.42
CA HIS F 76 -23.48 26.60 36.77
C HIS F 76 -24.11 27.50 35.72
N LEU F 77 -25.26 28.07 36.07
CA LEU F 77 -26.04 28.89 35.15
C LEU F 77 -25.83 30.35 35.47
N TYR F 78 -25.08 31.05 34.63
CA TYR F 78 -24.82 32.48 34.85
C TYR F 78 -25.83 33.31 34.07
N ILE F 79 -26.39 34.33 34.71
CA ILE F 79 -27.47 35.06 34.10
C ILE F 79 -27.24 36.53 34.12
N ASN F 80 -27.14 37.14 32.94
CA ASN F 80 -27.32 38.58 32.82
C ASN F 80 -28.31 38.86 31.70
N SER F 81 -29.55 39.21 32.06
CA SER F 81 -30.62 39.27 31.05
C SER F 81 -31.80 40.15 31.43
N THR F 82 -32.41 40.77 30.42
CA THR F 82 -33.59 41.59 30.61
C THR F 82 -34.89 40.83 30.40
N GLY F 83 -34.78 39.51 30.24
CA GLY F 83 -35.94 38.66 30.01
C GLY F 83 -36.48 38.74 28.60
N ASP F 84 -37.78 38.93 28.46
CA ASP F 84 -38.43 38.93 27.15
C ASP F 84 -38.57 40.32 26.52
N ILE F 85 -38.01 41.34 27.16
CA ILE F 85 -38.01 42.68 26.58
C ILE F 85 -36.60 43.18 26.27
N ASP F 86 -36.45 43.88 25.15
CA ASP F 86 -35.20 44.54 24.81
C ASP F 86 -35.48 45.94 24.26
N ASN F 87 -34.93 46.96 24.92
CA ASN F 87 -35.18 48.35 24.54
C ASN F 87 -36.67 48.64 24.37
N ASN F 88 -37.39 48.26 25.42
CA ASN F 88 -38.84 48.38 25.59
C ASN F 88 -39.69 47.67 24.55
N LYS F 89 -39.09 46.71 23.84
CA LYS F 89 -39.83 45.94 22.85
C LYS F 89 -39.83 44.47 23.23
N ILE F 90 -40.99 43.83 23.20
CA ILE F 90 -41.06 42.42 23.52
C ILE F 90 -40.39 41.63 22.41
N ILE F 91 -39.33 40.89 22.76
CA ILE F 91 -38.62 40.10 21.77
C ILE F 91 -38.99 38.61 21.79
N ASN F 92 -39.83 38.23 22.74
CA ASN F 92 -40.40 36.87 22.76
C ASN F 92 -41.86 36.85 23.18
N LEU F 93 -42.74 36.37 22.31
CA LEU F 93 -44.16 36.32 22.64
C LEU F 93 -44.45 35.09 23.48
N ASN F 94 -43.50 34.16 23.47
CA ASN F 94 -43.58 32.93 24.26
C ASN F 94 -42.81 32.94 25.58
N GLY F 95 -42.27 34.09 25.95
CA GLY F 95 -41.32 34.15 27.05
C GLY F 95 -41.71 33.38 28.28
N ILE F 96 -42.92 33.61 28.79
CA ILE F 96 -43.38 32.91 29.99
C ILE F 96 -43.34 31.39 29.82
N THR F 97 -44.17 30.86 28.93
CA THR F 97 -44.19 29.42 28.69
C THR F 97 -42.78 28.84 28.45
N ASP F 98 -41.91 29.60 27.79
CA ASP F 98 -40.52 29.17 27.55
C ASP F 98 -39.74 28.99 28.85
N VAL F 99 -39.69 30.04 29.66
CA VAL F 99 -39.00 29.96 30.95
C VAL F 99 -39.56 28.81 31.77
N ILE F 100 -40.87 28.67 31.79
CA ILE F 100 -41.52 27.57 32.51
C ILE F 100 -40.98 26.21 32.08
N SER F 101 -40.78 26.04 30.78
CA SER F 101 -40.22 24.79 30.28
C SER F 101 -38.85 24.56 30.89
N ILE F 102 -38.08 25.64 30.97
CA ILE F 102 -36.70 25.55 31.48
C ILE F 102 -36.71 25.06 32.91
N VAL F 103 -37.47 25.74 33.75
CA VAL F 103 -37.49 25.45 35.17
C VAL F 103 -37.95 24.01 35.35
N ASP F 104 -38.93 23.61 34.55
CA ASP F 104 -39.41 22.23 34.60
C ASP F 104 -38.33 21.18 34.39
N VAL F 105 -37.51 21.37 33.37
CA VAL F 105 -36.34 20.53 33.12
C VAL F 105 -35.35 20.64 34.26
N ILE F 106 -35.15 21.87 34.74
CA ILE F 106 -34.25 22.12 35.87
C ILE F 106 -34.67 21.27 37.06
N ASN F 107 -35.97 21.11 37.23
CA ASN F 107 -36.51 20.28 38.30
C ASN F 107 -36.51 18.78 37.99
N TYR F 108 -36.46 18.46 36.71
CA TYR F 108 -36.47 17.07 36.27
C TYR F 108 -35.11 16.41 36.43
N ILE F 109 -34.05 17.12 36.08
CA ILE F 109 -32.72 16.52 36.11
C ILE F 109 -32.16 16.38 37.52
N SER F 110 -31.25 15.42 37.68
CA SER F 110 -30.65 15.09 38.99
C SER F 110 -29.53 16.05 39.38
N SER F 111 -28.85 16.59 38.38
CA SER F 111 -27.81 17.56 38.61
C SER F 111 -28.40 18.82 39.20
N ASP F 112 -27.78 19.31 40.27
CA ASP F 112 -28.22 20.56 40.87
C ASP F 112 -27.79 21.70 39.95
N VAL F 113 -28.65 22.70 39.80
CA VAL F 113 -28.28 23.88 39.05
C VAL F 113 -28.06 25.01 40.03
N TYR F 114 -26.88 25.58 40.00
CA TYR F 114 -26.61 26.82 40.75
C TYR F 114 -26.85 27.99 39.82
N THR F 115 -27.32 29.10 40.35
CA THR F 115 -27.49 30.31 39.56
C THR F 115 -26.65 31.50 40.06
N TYR F 116 -26.12 32.27 39.11
CA TYR F 116 -25.34 33.46 39.45
C TYR F 116 -25.84 34.59 38.59
N CYS F 117 -26.36 35.63 39.22
CA CYS F 117 -26.78 36.79 38.47
C CYS F 117 -25.62 37.76 38.36
N LEU F 118 -25.21 38.12 37.14
CA LEU F 118 -24.01 38.97 36.96
C LEU F 118 -24.18 40.50 36.73
N GLY F 119 -25.03 40.89 35.78
CA GLY F 119 -25.65 42.20 35.75
C GLY F 119 -27.09 42.35 36.20
N LYS F 120 -28.00 41.62 35.54
CA LYS F 120 -29.42 41.82 35.75
C LYS F 120 -30.18 40.54 35.51
N ALA F 121 -31.23 40.32 36.30
CA ALA F 121 -32.24 39.36 35.93
C ALA F 121 -33.60 40.06 36.04
N TYR F 122 -34.21 40.33 34.89
CA TYR F 122 -35.50 41.01 34.89
C TYR F 122 -36.55 40.07 34.32
N GLY F 123 -37.80 40.26 34.74
CA GLY F 123 -38.89 39.48 34.20
C GLY F 123 -38.61 38.00 34.30
N ILE F 124 -38.75 37.30 33.17
CA ILE F 124 -38.58 35.86 33.16
C ILE F 124 -37.16 35.45 33.57
N ALA F 125 -36.20 36.35 33.42
CA ALA F 125 -34.83 36.07 33.85
C ALA F 125 -34.74 35.98 35.37
N CYS F 126 -35.53 36.80 36.05
CA CYS F 126 -35.59 36.76 37.50
C CYS F 126 -36.22 35.46 37.97
N ILE F 127 -37.35 35.10 37.38
CA ILE F 127 -37.99 33.81 37.65
C ILE F 127 -37.01 32.67 37.48
N LEU F 128 -36.19 32.77 36.43
CA LEU F 128 -35.20 31.75 36.14
C LEU F 128 -34.11 31.73 37.20
N ALA F 129 -33.59 32.91 37.54
CA ALA F 129 -32.50 32.97 38.50
C ALA F 129 -32.91 32.29 39.80
N SER F 130 -34.13 32.58 40.23
CA SER F 130 -34.62 32.14 41.55
C SER F 130 -34.96 30.66 41.59
N SER F 131 -34.92 30.01 40.43
CA SER F 131 -35.29 28.59 40.38
C SER F 131 -34.09 27.68 40.59
N GLY F 132 -32.92 28.27 40.80
CA GLY F 132 -31.75 27.48 41.16
C GLY F 132 -31.90 26.81 42.50
N LYS F 133 -31.09 25.78 42.75
CA LYS F 133 -31.13 25.05 44.01
C LYS F 133 -31.04 26.02 45.20
N LYS F 134 -31.91 25.82 46.18
CA LYS F 134 -31.93 26.69 47.35
C LYS F 134 -30.61 26.58 48.10
N GLY F 135 -30.02 27.73 48.38
CA GLY F 135 -28.74 27.84 49.05
C GLY F 135 -27.65 28.09 48.03
N TYR F 136 -27.93 27.70 46.80
CA TYR F 136 -27.03 27.90 45.67
C TYR F 136 -27.36 29.01 44.68
N ARG F 137 -28.34 29.84 45.02
CA ARG F 137 -28.65 31.00 44.18
C ARG F 137 -27.81 32.25 44.55
N PHE F 138 -26.97 32.69 43.63
CA PHE F 138 -25.99 33.75 43.93
C PHE F 138 -26.20 35.01 43.10
N SER F 139 -25.65 36.11 43.62
CA SER F 139 -25.63 37.38 42.92
C SER F 139 -24.36 38.15 43.26
N LEU F 140 -23.96 39.05 42.35
CA LEU F 140 -22.82 39.91 42.64
C LEU F 140 -23.35 41.14 43.34
N LYS F 141 -22.44 42.02 43.76
CA LYS F 141 -22.82 43.14 44.63
C LYS F 141 -23.80 44.09 43.94
N ASN F 142 -23.50 44.42 42.68
CA ASN F 142 -24.25 45.45 41.96
C ASN F 142 -25.38 44.94 41.09
N SER F 143 -25.68 43.65 41.19
CA SER F 143 -26.75 43.06 40.41
C SER F 143 -28.10 43.69 40.74
N SER F 144 -29.01 43.66 39.76
CA SER F 144 -30.36 44.18 39.92
C SER F 144 -31.37 43.12 39.52
N PHE F 145 -32.52 43.12 40.18
CA PHE F 145 -33.58 42.16 39.89
C PHE F 145 -34.91 42.85 39.67
N CYS F 146 -35.79 42.21 38.91
CA CYS F 146 -37.12 42.74 38.71
C CYS F 146 -38.14 41.64 38.44
N LEU F 147 -39.35 41.82 38.96
CA LEU F 147 -40.48 40.97 38.63
C LEU F 147 -41.53 41.80 37.90
N ASN F 148 -42.08 41.25 36.82
CA ASN F 148 -42.99 41.99 35.94
C ASN F 148 -44.41 41.46 35.90
N ASN F 166 -58.45 32.14 27.72
CA ASN F 166 -59.25 31.39 28.69
C ASN F 166 -58.43 30.42 29.55
N LYS F 167 -58.58 29.12 29.32
CA LYS F 167 -57.87 28.11 30.09
C LYS F 167 -56.37 28.19 29.86
N GLU F 168 -55.97 29.00 28.89
CA GLU F 168 -54.57 29.15 28.53
C GLU F 168 -53.90 30.25 29.34
N ILE F 169 -54.24 31.49 29.03
CA ILE F 169 -53.61 32.66 29.64
C ILE F 169 -53.79 32.62 31.14
N MET F 170 -54.89 32.02 31.56
CA MET F 170 -55.19 31.90 32.97
C MET F 170 -54.33 30.82 33.60
N ASN F 171 -54.26 29.67 32.94
CA ASN F 171 -53.45 28.55 33.40
C ASN F 171 -51.99 28.93 33.53
N THR F 172 -51.51 29.73 32.58
CA THR F 172 -50.12 30.14 32.55
C THR F 172 -49.78 31.14 33.65
N LYS F 173 -50.55 32.22 33.74
CA LYS F 173 -50.32 33.22 34.79
C LYS F 173 -50.34 32.62 36.20
N LYS F 174 -51.03 31.48 36.33
CA LYS F 174 -51.13 30.81 37.62
C LYS F 174 -49.87 30.01 37.94
N LYS F 175 -49.32 29.36 36.91
CA LYS F 175 -48.12 28.55 37.06
C LYS F 175 -46.91 29.40 37.44
N VAL F 176 -46.82 30.60 36.86
CA VAL F 176 -45.77 31.57 37.17
C VAL F 176 -45.81 32.12 38.60
N ILE F 177 -47.01 32.45 39.07
CA ILE F 177 -47.22 32.79 40.48
C ILE F 177 -46.78 31.63 41.36
N GLU F 178 -47.21 30.43 41.00
CA GLU F 178 -46.90 29.22 41.76
C GLU F 178 -45.40 28.94 41.86
N ILE F 179 -44.67 29.23 40.78
CA ILE F 179 -43.22 29.04 40.77
C ILE F 179 -42.51 30.08 41.66
N ILE F 180 -42.83 31.35 41.50
CA ILE F 180 -42.24 32.38 42.34
C ILE F 180 -42.50 32.07 43.83
N SER F 181 -43.72 31.64 44.14
CA SER F 181 -44.10 31.32 45.51
C SER F 181 -43.19 30.28 46.11
N LYS F 182 -43.08 29.14 45.44
CA LYS F 182 -42.25 28.06 45.92
C LYS F 182 -40.81 28.54 46.10
N ASN F 183 -40.35 29.36 45.15
CA ASN F 183 -38.98 29.85 45.14
C ASN F 183 -38.68 30.78 46.30
N THR F 184 -39.56 31.76 46.51
CA THR F 184 -39.39 32.76 47.55
C THR F 184 -40.03 32.39 48.90
N GLU F 185 -40.57 31.17 48.97
CA GLU F 185 -41.22 30.69 50.19
C GLU F 185 -42.28 31.67 50.72
N LYS F 186 -43.19 32.06 49.84
CA LYS F 186 -44.28 32.96 50.20
C LYS F 186 -45.60 32.41 49.69
N ASP F 187 -46.71 32.91 50.22
CA ASP F 187 -48.04 32.44 49.83
C ASP F 187 -48.46 33.03 48.49
N THR F 188 -49.26 32.27 47.74
CA THR F 188 -49.68 32.67 46.40
C THR F 188 -50.30 34.07 46.41
N ASN F 189 -50.96 34.43 47.50
CA ASN F 189 -51.65 35.71 47.60
C ASN F 189 -50.67 36.88 47.63
N VAL F 190 -49.71 36.83 48.54
CA VAL F 190 -48.76 37.92 48.70
C VAL F 190 -47.93 38.15 47.44
N ILE F 191 -47.69 37.08 46.69
CA ILE F 191 -46.99 37.17 45.40
C ILE F 191 -47.82 37.88 44.33
N SER F 192 -49.08 37.47 44.18
CA SER F 192 -49.96 38.09 43.19
C SER F 192 -50.12 39.58 43.45
N ASN F 193 -49.91 40.00 44.69
N ASN F 193 -49.88 39.84 44.73
CA ASN F 193 -49.88 41.38 45.18
CA ASN F 193 -49.93 41.19 45.26
C ASN F 193 -48.65 42.26 44.89
C ASN F 193 -48.74 42.04 44.80
N VAL F 194 -47.54 41.49 44.93
CA VAL F 194 -46.25 42.04 44.53
C VAL F 194 -46.17 42.24 43.02
N LEU F 195 -46.90 41.41 42.27
CA LEU F 195 -46.85 41.46 40.82
C LEU F 195 -47.72 42.56 40.22
N GLU F 196 -48.61 43.13 41.02
CA GLU F 196 -49.47 44.21 40.55
C GLU F 196 -48.64 45.46 40.22
N ARG F 197 -47.51 45.62 40.92
CA ARG F 197 -46.61 46.74 40.69
C ARG F 197 -45.24 46.25 40.27
N ASP F 198 -44.64 46.93 39.28
CA ASP F 198 -43.26 46.64 38.93
C ASP F 198 -42.39 46.95 40.13
N LYS F 199 -41.62 45.96 40.57
CA LYS F 199 -40.81 46.10 41.78
C LYS F 199 -39.36 45.71 41.49
N TYR F 200 -38.45 46.65 41.74
CA TYR F 200 -37.03 46.41 41.51
C TYR F 200 -36.28 46.13 42.81
N PHE F 201 -35.38 45.16 42.77
CA PHE F 201 -34.54 44.83 43.91
C PHE F 201 -33.08 45.14 43.61
N ASN F 202 -32.32 45.46 44.64
CA ASN F 202 -30.86 45.36 44.55
C ASN F 202 -30.49 44.03 45.19
N ALA F 203 -29.21 43.71 45.24
CA ALA F 203 -28.80 42.41 45.75
C ALA F 203 -29.40 42.13 47.12
N ASP F 204 -29.13 43.01 48.08
CA ASP F 204 -29.59 42.79 49.44
C ASP F 204 -31.11 42.68 49.53
N GLU F 205 -31.81 43.53 48.80
CA GLU F 205 -33.28 43.47 48.77
C GLU F 205 -33.74 42.10 48.28
N ALA F 206 -33.06 41.59 47.26
CA ALA F 206 -33.40 40.31 46.66
C ALA F 206 -33.12 39.13 47.59
N VAL F 207 -32.14 39.29 48.48
CA VAL F 207 -31.79 38.24 49.43
C VAL F 207 -32.83 38.15 50.53
N ASP F 208 -33.36 39.30 50.95
CA ASP F 208 -34.39 39.35 51.98
C ASP F 208 -35.69 38.78 51.45
N PHE F 209 -36.00 39.10 50.20
CA PHE F 209 -37.24 38.61 49.59
C PHE F 209 -37.13 37.12 49.30
N LYS F 210 -35.92 36.58 49.47
CA LYS F 210 -35.63 35.17 49.23
C LYS F 210 -35.68 34.76 47.75
N LEU F 211 -35.38 35.70 46.85
CA LEU F 211 -35.13 35.35 45.46
C LEU F 211 -33.73 34.76 45.37
N ILE F 212 -32.84 35.25 46.21
CA ILE F 212 -31.44 34.89 46.20
C ILE F 212 -31.02 34.40 47.57
N ASP F 213 -29.93 33.65 47.63
CA ASP F 213 -29.38 33.15 48.87
C ASP F 213 -28.19 33.95 49.37
N HIS F 214 -27.14 34.02 48.55
CA HIS F 214 -25.91 34.67 48.96
C HIS F 214 -25.40 35.72 47.97
N ILE F 215 -24.67 36.70 48.49
CA ILE F 215 -23.97 37.67 47.66
C ILE F 215 -22.48 37.35 47.64
N LEU F 216 -21.92 37.26 46.45
CA LEU F 216 -20.53 36.87 46.29
C LEU F 216 -19.54 38.01 46.49
N GLU F 217 -18.48 37.73 47.23
CA GLU F 217 -17.35 38.66 47.28
C GLU F 217 -16.05 37.88 47.36
N LYS F 218 -14.95 38.63 47.44
CA LYS F 218 -13.60 38.09 47.56
C LYS F 218 -13.04 38.40 48.94
N PRO G 36 -8.26 16.36 1.82
CA PRO G 36 -7.83 14.98 2.07
C PRO G 36 -9.03 14.07 2.05
N SER G 37 -9.74 14.01 0.92
CA SER G 37 -11.11 13.53 0.91
C SER G 37 -11.27 12.05 0.67
N LEU G 38 -11.64 11.31 1.70
CA LEU G 38 -12.46 10.11 1.50
C LEU G 38 -11.78 9.41 0.35
N LEU G 39 -12.42 9.49 -0.81
CA LEU G 39 -12.12 8.62 -1.93
C LEU G 39 -10.62 8.66 -2.13
N LEU G 40 -10.00 9.79 -1.83
CA LEU G 40 -8.57 9.93 -2.05
C LEU G 40 -7.90 8.87 -1.20
N SER G 41 -8.44 8.64 -0.01
CA SER G 41 -7.79 7.76 0.95
C SER G 41 -7.69 6.37 0.35
N LYS G 42 -8.59 6.10 -0.59
CA LYS G 42 -8.65 4.80 -1.26
C LYS G 42 -7.96 4.82 -2.61
N ARG G 43 -7.29 5.92 -2.93
CA ARG G 43 -6.57 6.07 -4.20
C ARG G 43 -7.55 6.11 -5.38
N ILE G 44 -8.70 6.69 -5.12
CA ILE G 44 -9.72 6.89 -6.13
C ILE G 44 -9.81 8.34 -6.55
N ILE G 45 -9.81 8.57 -7.85
CA ILE G 45 -10.10 9.88 -8.40
C ILE G 45 -11.36 9.74 -9.22
N PHE G 46 -12.38 10.56 -8.93
CA PHE G 46 -13.66 10.41 -9.61
C PHE G 46 -14.02 11.68 -10.35
N LEU G 47 -13.98 11.63 -11.68
CA LEU G 47 -14.28 12.80 -12.48
C LEU G 47 -15.73 12.61 -12.88
N SER G 48 -16.61 13.34 -12.22
CA SER G 48 -18.06 13.25 -12.44
C SER G 48 -18.68 14.38 -13.27
N SER G 49 -17.85 15.29 -13.78
CA SER G 49 -18.35 16.46 -14.48
C SER G 49 -17.70 16.68 -15.85
N PRO G 50 -18.13 17.74 -16.57
CA PRO G 50 -17.38 18.17 -17.74
C PRO G 50 -16.01 18.59 -17.26
N ILE G 51 -15.03 18.71 -18.12
CA ILE G 51 -13.73 19.06 -17.59
C ILE G 51 -13.58 20.56 -17.73
N TYR G 52 -13.84 21.25 -16.63
CA TYR G 52 -13.74 22.70 -16.57
C TYR G 52 -12.29 23.05 -16.37
N PRO G 53 -11.95 24.34 -16.52
CA PRO G 53 -10.57 24.78 -16.35
C PRO G 53 -9.95 24.29 -15.04
N HIS G 54 -10.69 24.38 -13.95
CA HIS G 54 -10.14 24.02 -12.64
C HIS G 54 -10.00 22.51 -12.41
N ILE G 55 -10.60 21.72 -13.29
CA ILE G 55 -10.58 20.27 -13.14
C ILE G 55 -9.21 19.63 -13.41
N SER G 56 -8.56 20.03 -14.50
CA SER G 56 -7.19 19.59 -14.77
C SER G 56 -6.28 19.79 -13.56
N GLU G 57 -6.32 20.99 -12.98
CA GLU G 57 -5.51 21.27 -11.79
C GLU G 57 -5.77 20.23 -10.70
N GLN G 58 -7.04 19.95 -10.44
CA GLN G 58 -7.40 19.00 -9.38
C GLN G 58 -6.88 17.60 -9.64
N ILE G 59 -7.13 17.11 -10.83
CA ILE G 59 -6.72 15.76 -11.17
C ILE G 59 -5.20 15.61 -11.08
N ILE G 60 -4.48 16.58 -11.60
CA ILE G 60 -3.03 16.53 -11.49
C ILE G 60 -2.55 16.56 -10.02
N SER G 61 -3.04 17.53 -9.24
CA SER G 61 -2.69 17.56 -7.82
C SER G 61 -2.91 16.21 -7.18
N GLN G 62 -4.05 15.59 -7.46
CA GLN G 62 -4.35 14.30 -6.85
C GLN G 62 -3.40 13.20 -7.31
N LEU G 63 -3.09 13.16 -8.61
CA LEU G 63 -2.10 12.20 -9.10
C LEU G 63 -0.75 12.39 -8.40
N LEU G 64 -0.22 13.60 -8.44
CA LEU G 64 1.03 13.88 -7.72
C LEU G 64 0.95 13.43 -6.27
N TYR G 65 -0.09 13.85 -5.56
CA TYR G 65 -0.23 13.44 -4.17
C TYR G 65 -0.16 11.93 -4.03
N LEU G 66 -0.99 11.20 -4.77
CA LEU G 66 -1.04 9.75 -4.61
C LEU G 66 0.30 9.13 -4.91
N GLU G 67 0.98 9.68 -5.92
CA GLU G 67 2.29 9.15 -6.31
C GLU G 67 3.28 9.30 -5.17
N TYR G 68 3.30 10.47 -4.55
CA TYR G 68 4.23 10.73 -3.46
C TYR G 68 3.87 9.97 -2.18
N GLU G 69 2.60 9.59 -2.03
CA GLU G 69 2.16 8.80 -0.87
C GLU G 69 2.64 7.35 -0.93
N SER G 70 2.33 6.65 -2.02
CA SER G 70 2.79 5.28 -2.23
C SER G 70 3.26 5.13 -3.67
N LYS G 71 4.50 4.71 -3.85
CA LYS G 71 5.13 4.84 -5.16
C LYS G 71 4.48 3.97 -6.22
N ARG G 72 4.47 2.65 -5.99
CA ARG G 72 3.96 1.69 -6.98
C ARG G 72 2.48 1.27 -6.90
N LYS G 73 1.77 1.69 -5.85
CA LYS G 73 0.36 1.33 -5.67
C LYS G 73 -0.49 1.94 -6.79
N PRO G 74 -1.42 1.15 -7.34
CA PRO G 74 -2.26 1.61 -8.44
C PRO G 74 -3.23 2.71 -8.02
N ILE G 75 -3.65 3.51 -8.99
CA ILE G 75 -4.58 4.61 -8.81
C ILE G 75 -5.82 4.37 -9.66
N HIS G 76 -7.00 4.59 -9.08
CA HIS G 76 -8.23 4.27 -9.79
C HIS G 76 -9.00 5.51 -10.24
N LEU G 77 -9.01 5.75 -11.54
CA LEU G 77 -9.61 6.95 -12.10
C LEU G 77 -10.94 6.62 -12.70
N TYR G 78 -12.01 7.04 -12.04
CA TYR G 78 -13.35 6.77 -12.52
C TYR G 78 -13.84 7.95 -13.33
N ILE G 79 -14.40 7.68 -14.50
CA ILE G 79 -14.75 8.74 -15.42
C ILE G 79 -16.19 8.67 -15.87
N ASN G 80 -16.97 9.70 -15.56
CA ASN G 80 -18.22 9.94 -16.27
C ASN G 80 -18.28 11.41 -16.69
N SER G 81 -18.04 11.68 -17.96
CA SER G 81 -17.84 13.06 -18.41
C SER G 81 -18.11 13.30 -19.89
N THR G 82 -18.62 14.49 -20.20
CA THR G 82 -18.86 14.90 -21.59
C THR G 82 -17.68 15.66 -22.21
N GLY G 83 -16.56 15.71 -21.49
CA GLY G 83 -15.37 16.43 -21.91
C GLY G 83 -15.46 17.93 -21.76
N ASP G 84 -15.14 18.66 -22.82
CA ASP G 84 -15.13 20.12 -22.77
C ASP G 84 -16.43 20.80 -23.19
N ILE G 85 -17.46 20.00 -23.47
CA ILE G 85 -18.77 20.56 -23.81
C ILE G 85 -19.83 20.20 -22.75
N ASP G 86 -20.71 21.16 -22.47
CA ASP G 86 -21.86 20.90 -21.61
C ASP G 86 -23.12 21.55 -22.19
N ASN G 87 -24.14 20.74 -22.47
CA ASN G 87 -25.36 21.23 -23.10
C ASN G 87 -25.04 22.07 -24.32
N ASN G 88 -24.21 21.48 -25.19
CA ASN G 88 -23.79 22.03 -26.47
C ASN G 88 -22.91 23.26 -26.41
N LYS G 89 -22.54 23.67 -25.21
CA LYS G 89 -21.66 24.84 -25.04
C LYS G 89 -20.27 24.43 -24.56
N ILE G 90 -19.24 24.98 -25.20
CA ILE G 90 -17.88 24.68 -24.79
C ILE G 90 -17.59 25.32 -23.44
N ILE G 91 -17.29 24.49 -22.44
CA ILE G 91 -17.03 25.01 -21.10
C ILE G 91 -15.55 25.11 -20.77
N ASN G 92 -14.70 24.66 -21.68
CA ASN G 92 -13.26 24.85 -21.56
C ASN G 92 -12.58 25.16 -22.89
N LEU G 93 -11.96 26.32 -23.00
CA LEU G 93 -11.30 26.68 -24.24
C LEU G 93 -9.93 26.02 -24.31
N ASN G 94 -9.47 25.57 -23.16
CA ASN G 94 -8.19 24.88 -23.03
C ASN G 94 -8.27 23.34 -22.99
N GLY G 95 -9.47 22.80 -23.21
CA GLY G 95 -9.70 21.40 -22.95
C GLY G 95 -8.62 20.47 -23.49
N ILE G 96 -8.26 20.59 -24.77
CA ILE G 96 -7.26 19.71 -25.35
C ILE G 96 -5.93 19.78 -24.58
N THR G 97 -5.28 20.94 -24.62
CA THR G 97 -4.00 21.10 -23.92
C THR G 97 -4.10 20.61 -22.47
N ASP G 98 -5.26 20.80 -21.84
CA ASP G 98 -5.43 20.39 -20.44
C ASP G 98 -5.35 18.89 -20.30
N VAL G 99 -6.13 18.18 -21.10
CA VAL G 99 -6.13 16.73 -21.04
C VAL G 99 -4.75 16.19 -21.35
N ILE G 100 -4.08 16.80 -22.33
CA ILE G 100 -2.73 16.41 -22.68
C ILE G 100 -1.80 16.48 -21.48
N SER G 101 -1.89 17.55 -20.70
CA SER G 101 -1.09 17.68 -19.49
C SER G 101 -1.34 16.50 -18.56
N ILE G 102 -2.61 16.15 -18.39
CA ILE G 102 -2.98 15.05 -17.51
C ILE G 102 -2.29 13.77 -17.94
N VAL G 103 -2.45 13.42 -19.21
CA VAL G 103 -1.94 12.15 -19.71
C VAL G 103 -0.43 12.14 -19.53
N ASP G 104 0.19 13.28 -19.76
CA ASP G 104 1.65 13.40 -19.59
C ASP G 104 2.12 13.05 -18.19
N VAL G 105 1.44 13.59 -17.19
CA VAL G 105 1.71 13.24 -15.80
C VAL G 105 1.40 11.77 -15.55
N ILE G 106 0.30 11.30 -16.14
CA ILE G 106 -0.10 9.91 -16.02
C ILE G 106 1.02 9.00 -16.48
N ASN G 107 1.70 9.43 -17.53
CA ASN G 107 2.86 8.69 -18.05
C ASN G 107 4.16 8.94 -17.28
N TYR G 108 4.22 10.06 -16.56
CA TYR G 108 5.42 10.39 -15.79
C TYR G 108 5.50 9.58 -14.50
N ILE G 109 4.37 9.43 -13.81
CA ILE G 109 4.41 8.77 -12.50
C ILE G 109 4.54 7.25 -12.60
N SER G 110 5.05 6.66 -11.53
CA SER G 110 5.35 5.23 -11.47
C SER G 110 4.12 4.40 -11.17
N SER G 111 3.20 4.98 -10.41
CA SER G 111 1.95 4.32 -10.11
C SER G 111 1.11 4.12 -11.39
N ASP G 112 0.65 2.90 -11.61
CA ASP G 112 -0.20 2.64 -12.77
C ASP G 112 -1.54 3.28 -12.51
N VAL G 113 -2.14 3.84 -13.54
CA VAL G 113 -3.49 4.38 -13.42
C VAL G 113 -4.45 3.47 -14.16
N TYR G 114 -5.44 2.97 -13.44
CA TYR G 114 -6.51 2.23 -14.06
C TYR G 114 -7.65 3.19 -14.36
N THR G 115 -8.38 2.95 -15.45
CA THR G 115 -9.55 3.77 -15.74
C THR G 115 -10.84 2.97 -15.80
N TYR G 116 -11.91 3.58 -15.32
CA TYR G 116 -13.24 2.98 -15.34
C TYR G 116 -14.24 4.00 -15.85
N CYS G 117 -14.89 3.69 -16.98
CA CYS G 117 -15.87 4.60 -17.49
C CYS G 117 -17.22 4.19 -16.94
N LEU G 118 -17.93 5.10 -16.27
CA LEU G 118 -19.19 4.73 -15.59
C LEU G 118 -20.54 5.08 -16.26
N GLY G 119 -20.72 6.33 -16.68
CA GLY G 119 -21.68 6.69 -17.72
C GLY G 119 -21.17 6.99 -19.13
N LYS G 120 -20.25 7.94 -19.24
CA LYS G 120 -19.82 8.44 -20.55
C LYS G 120 -18.39 8.93 -20.51
N ALA G 121 -17.66 8.70 -21.59
CA ALA G 121 -16.46 9.48 -21.83
C ALA G 121 -16.52 10.04 -23.25
N TYR G 122 -16.71 11.34 -23.37
CA TYR G 122 -16.83 11.98 -24.67
C TYR G 122 -15.67 12.94 -24.87
N GLY G 123 -15.29 13.17 -26.11
CA GLY G 123 -14.24 14.13 -26.40
C GLY G 123 -13.01 13.86 -25.58
N ILE G 124 -12.50 14.89 -24.91
CA ILE G 124 -11.26 14.75 -24.16
C ILE G 124 -11.37 13.72 -23.05
N ALA G 125 -12.59 13.46 -22.59
CA ALA G 125 -12.83 12.42 -21.58
C ALA G 125 -12.56 11.03 -22.12
N CYS G 126 -12.84 10.83 -23.39
CA CYS G 126 -12.52 9.56 -24.05
C CYS G 126 -11.01 9.41 -24.21
N ILE G 127 -10.35 10.46 -24.69
CA ILE G 127 -8.89 10.46 -24.76
C ILE G 127 -8.28 10.09 -23.42
N LEU G 128 -8.85 10.67 -22.37
CA LEU G 128 -8.38 10.43 -21.01
C LEU G 128 -8.60 8.98 -20.60
N ALA G 129 -9.80 8.47 -20.83
CA ALA G 129 -10.12 7.11 -20.40
C ALA G 129 -9.14 6.13 -21.02
N SER G 130 -8.83 6.33 -22.30
CA SER G 130 -8.02 5.37 -23.04
C SER G 130 -6.54 5.45 -22.70
N SER G 131 -6.16 6.44 -21.91
CA SER G 131 -4.76 6.62 -21.57
C SER G 131 -4.35 5.82 -20.35
N GLY G 132 -5.31 5.14 -19.73
CA GLY G 132 -5.01 4.27 -18.61
C GLY G 132 -4.10 3.12 -19.02
N LYS G 133 -3.51 2.45 -18.04
CA LYS G 133 -2.63 1.32 -18.30
C LYS G 133 -3.30 0.27 -19.16
N LYS G 134 -2.59 -0.17 -20.20
CA LYS G 134 -3.18 -1.18 -21.08
C LYS G 134 -3.46 -2.47 -20.33
N GLY G 135 -4.67 -2.97 -20.50
CA GLY G 135 -5.15 -4.14 -19.79
C GLY G 135 -5.97 -3.72 -18.58
N TYR G 136 -5.71 -2.52 -18.10
CA TYR G 136 -6.46 -1.93 -17.00
C TYR G 136 -7.52 -0.87 -17.30
N ARG G 137 -7.84 -0.68 -18.57
CA ARG G 137 -8.91 0.25 -18.97
C ARG G 137 -10.28 -0.43 -19.00
N PHE G 138 -11.18 0.03 -18.14
CA PHE G 138 -12.45 -0.65 -17.93
C PHE G 138 -13.66 0.20 -18.28
N SER G 139 -14.78 -0.48 -18.50
CA SER G 139 -16.07 0.17 -18.73
C SER G 139 -17.19 -0.71 -18.20
N LEU G 140 -18.32 -0.07 -17.88
CA LEU G 140 -19.50 -0.83 -17.50
C LEU G 140 -20.29 -1.16 -18.76
N LYS G 141 -21.37 -1.92 -18.61
CA LYS G 141 -22.07 -2.46 -19.77
C LYS G 141 -22.67 -1.36 -20.64
N ASN G 142 -23.30 -0.38 -20.00
CA ASN G 142 -24.05 0.64 -20.70
C ASN G 142 -23.30 1.92 -21.02
N SER G 143 -21.99 1.93 -20.76
CA SER G 143 -21.18 3.10 -21.01
C SER G 143 -21.14 3.46 -22.48
N SER G 144 -20.94 4.75 -22.75
CA SER G 144 -20.84 5.25 -24.13
C SER G 144 -19.56 6.03 -24.30
N PHE G 145 -18.99 5.96 -25.50
CA PHE G 145 -17.76 6.69 -25.80
C PHE G 145 -17.90 7.52 -27.07
N CYS G 146 -17.11 8.57 -27.18
CA CYS G 146 -17.10 9.41 -28.37
C CYS G 146 -15.75 10.07 -28.60
N LEU G 147 -15.36 10.17 -29.86
CA LEU G 147 -14.20 10.96 -30.23
C LEU G 147 -14.65 12.13 -31.09
N ASN G 148 -14.11 13.32 -30.83
CA ASN G 148 -14.61 14.53 -31.49
C ASN G 148 -13.60 15.22 -32.38
N GLN G 149 -14.14 16.00 -33.32
CA GLN G 149 -13.35 16.78 -34.27
C GLN G 149 -13.26 18.24 -33.82
N GLU G 163 0.87 32.14 -39.28
CA GLU G 163 1.82 32.70 -38.33
C GLU G 163 2.44 31.61 -37.44
N ILE G 164 2.89 32.00 -36.25
CA ILE G 164 3.39 31.06 -35.25
C ILE G 164 2.24 30.59 -34.36
N GLN G 165 1.10 31.28 -34.48
CA GLN G 165 -0.10 30.90 -33.76
C GLN G 165 -0.73 29.70 -34.48
N ASN G 166 -0.22 29.44 -35.67
CA ASN G 166 -0.55 28.23 -36.43
C ASN G 166 0.44 27.13 -36.14
N LYS G 167 1.72 27.38 -36.47
CA LYS G 167 2.75 26.35 -36.40
C LYS G 167 2.74 25.56 -35.08
N GLU G 168 2.28 26.19 -34.00
CA GLU G 168 2.00 25.47 -32.76
C GLU G 168 0.53 25.04 -32.46
N ILE G 169 -0.43 25.57 -33.22
CA ILE G 169 -1.85 25.19 -33.03
C ILE G 169 -2.01 23.80 -33.62
N MET G 170 -1.52 23.71 -34.83
CA MET G 170 -1.21 22.51 -35.56
C MET G 170 -0.47 21.52 -34.67
N ASN G 171 0.46 22.04 -33.87
CA ASN G 171 1.22 21.22 -32.94
C ASN G 171 0.33 20.42 -32.00
N THR G 172 -0.74 21.07 -31.55
CA THR G 172 -1.65 20.46 -30.60
C THR G 172 -2.49 19.36 -31.25
N LYS G 173 -3.13 19.67 -32.38
CA LYS G 173 -3.97 18.69 -33.07
C LYS G 173 -3.18 17.43 -33.44
N LYS G 174 -1.86 17.58 -33.55
CA LYS G 174 -0.99 16.46 -33.90
C LYS G 174 -0.72 15.58 -32.68
N LYS G 175 -0.52 16.21 -31.53
CA LYS G 175 -0.24 15.49 -30.31
C LYS G 175 -1.41 14.62 -29.89
N VAL G 176 -2.63 15.13 -30.06
CA VAL G 176 -3.86 14.39 -29.77
C VAL G 176 -4.11 13.15 -30.66
N ILE G 177 -3.87 13.31 -31.95
CA ILE G 177 -3.84 12.18 -32.88
C ILE G 177 -2.80 11.15 -32.42
N GLU G 178 -1.61 11.64 -32.10
CA GLU G 178 -0.50 10.79 -31.66
C GLU G 178 -0.85 9.99 -30.38
N ILE G 179 -1.59 10.62 -29.48
CA ILE G 179 -1.99 9.95 -28.25
C ILE G 179 -3.03 8.86 -28.52
N ILE G 180 -4.08 9.21 -29.26
CA ILE G 180 -5.10 8.22 -29.58
C ILE G 180 -4.48 7.02 -30.28
N SER G 181 -3.54 7.29 -31.18
CA SER G 181 -2.87 6.25 -31.94
C SER G 181 -2.18 5.25 -31.02
N LYS G 182 -1.30 5.76 -30.17
CA LYS G 182 -0.57 4.89 -29.26
C LYS G 182 -1.57 4.09 -28.41
N ASN G 183 -2.64 4.75 -27.98
CA ASN G 183 -3.62 4.14 -27.10
C ASN G 183 -4.37 2.99 -27.78
N THR G 184 -4.86 3.25 -28.98
CA THR G 184 -5.68 2.30 -29.70
C THR G 184 -4.86 1.40 -30.62
N GLU G 185 -3.53 1.55 -30.58
CA GLU G 185 -2.64 0.75 -31.41
C GLU G 185 -3.02 0.80 -32.89
N LYS G 186 -3.17 2.02 -33.41
CA LYS G 186 -3.48 2.24 -34.81
C LYS G 186 -2.54 3.29 -35.40
N ASP G 187 -2.49 3.36 -36.72
CA ASP G 187 -1.60 4.29 -37.41
C ASP G 187 -2.18 5.70 -37.41
N THR G 188 -1.31 6.70 -37.40
CA THR G 188 -1.74 8.08 -37.32
C THR G 188 -2.76 8.41 -38.41
N ASN G 189 -2.63 7.75 -39.56
CA ASN G 189 -3.50 8.04 -40.69
C ASN G 189 -4.94 7.61 -40.45
N VAL G 190 -5.10 6.37 -39.99
CA VAL G 190 -6.43 5.81 -39.82
C VAL G 190 -7.17 6.67 -38.81
N ILE G 191 -6.44 7.11 -37.79
CA ILE G 191 -7.02 7.88 -36.71
C ILE G 191 -7.53 9.24 -37.21
N SER G 192 -6.68 9.94 -37.95
CA SER G 192 -7.07 11.25 -38.48
C SER G 192 -8.30 11.15 -39.36
N ASN G 193 -8.50 9.98 -39.96
CA ASN G 193 -9.72 9.71 -40.72
C ASN G 193 -10.93 9.54 -39.80
N VAL G 194 -10.77 8.72 -38.77
CA VAL G 194 -11.84 8.49 -37.82
C VAL G 194 -12.32 9.80 -37.19
N LEU G 195 -11.43 10.78 -37.12
CA LEU G 195 -11.74 12.04 -36.45
C LEU G 195 -12.49 13.00 -37.34
N GLU G 196 -12.53 12.70 -38.63
CA GLU G 196 -13.24 13.55 -39.57
C GLU G 196 -14.75 13.51 -39.30
N ARG G 197 -15.21 12.39 -38.78
CA ARG G 197 -16.63 12.22 -38.43
C ARG G 197 -16.80 11.92 -36.96
N ASP G 198 -17.81 12.53 -36.34
CA ASP G 198 -18.15 12.19 -34.97
C ASP G 198 -18.57 10.74 -34.95
N LYS G 199 -17.90 9.96 -34.09
CA LYS G 199 -18.13 8.53 -34.03
C LYS G 199 -18.42 8.09 -32.60
N TYR G 200 -19.58 7.48 -32.39
CA TYR G 200 -19.95 7.02 -31.06
C TYR G 200 -19.77 5.51 -30.91
N PHE G 201 -19.28 5.09 -29.75
CA PHE G 201 -19.10 3.68 -29.45
C PHE G 201 -20.00 3.28 -28.29
N ASN G 202 -20.43 2.03 -28.27
CA ASN G 202 -20.93 1.43 -27.05
C ASN G 202 -19.76 0.65 -26.45
N ALA G 203 -19.97 0.01 -25.30
CA ALA G 203 -18.87 -0.69 -24.64
C ALA G 203 -18.15 -1.64 -25.59
N ASP G 204 -18.88 -2.57 -26.18
CA ASP G 204 -18.27 -3.58 -27.03
C ASP G 204 -17.55 -2.96 -28.23
N GLU G 205 -18.17 -1.97 -28.86
CA GLU G 205 -17.54 -1.27 -29.96
C GLU G 205 -16.20 -0.66 -29.52
N ALA G 206 -16.20 -0.10 -28.31
CA ALA G 206 -15.02 0.55 -27.76
C ALA G 206 -13.91 -0.45 -27.46
N VAL G 207 -14.30 -1.68 -27.15
CA VAL G 207 -13.32 -2.71 -26.84
C VAL G 207 -12.62 -3.21 -28.09
N ASP G 208 -13.37 -3.28 -29.20
CA ASP G 208 -12.83 -3.72 -30.47
C ASP G 208 -11.90 -2.66 -31.04
N PHE G 209 -12.29 -1.40 -30.88
CA PHE G 209 -11.46 -0.30 -31.39
C PHE G 209 -10.20 -0.14 -30.53
N LYS G 210 -10.15 -0.88 -29.43
CA LYS G 210 -9.04 -0.85 -28.49
C LYS G 210 -8.90 0.47 -27.71
N LEU G 211 -10.03 1.14 -27.49
CA LEU G 211 -10.06 2.25 -26.54
C LEU G 211 -10.12 1.67 -25.12
N ILE G 212 -10.76 0.52 -25.00
CA ILE G 212 -10.99 -0.12 -23.71
C ILE G 212 -10.46 -1.55 -23.76
N ASP G 213 -10.20 -2.12 -22.59
CA ASP G 213 -9.74 -3.49 -22.50
C ASP G 213 -10.85 -4.46 -22.11
N HIS G 214 -11.44 -4.24 -20.94
CA HIS G 214 -12.47 -5.15 -20.43
C HIS G 214 -13.79 -4.47 -20.04
N ILE G 215 -14.88 -5.24 -20.13
CA ILE G 215 -16.16 -4.81 -19.63
C ILE G 215 -16.42 -5.48 -18.28
N LEU G 216 -16.79 -4.69 -17.27
CA LEU G 216 -17.01 -5.22 -15.92
C LEU G 216 -18.40 -5.79 -15.73
N GLU G 217 -18.47 -6.96 -15.10
CA GLU G 217 -19.74 -7.49 -14.62
C GLU G 217 -19.46 -8.12 -13.25
N LYS G 218 -20.45 -8.64 -12.56
CA LYS G 218 -20.18 -9.10 -11.19
C LYS G 218 -19.30 -10.36 -11.14
N PRO H 36 3.35 -20.51 -4.78
CA PRO H 36 2.11 -19.91 -5.30
C PRO H 36 1.36 -20.97 -6.07
N SER H 37 0.97 -22.04 -5.39
CA SER H 37 0.66 -23.28 -6.08
C SER H 37 -0.80 -23.45 -6.47
N LEU H 38 -1.09 -23.32 -7.77
CA LEU H 38 -2.19 -24.07 -8.35
C LEU H 38 -3.33 -23.90 -7.36
N LEU H 39 -3.60 -24.97 -6.62
CA LEU H 39 -4.81 -25.10 -5.85
C LEU H 39 -5.00 -23.82 -5.04
N LEU H 40 -3.89 -23.21 -4.65
CA LEU H 40 -3.97 -22.01 -3.84
C LEU H 40 -4.72 -20.97 -4.64
N SER H 41 -4.48 -20.94 -5.96
CA SER H 41 -5.04 -19.90 -6.80
C SER H 41 -6.56 -19.98 -6.77
N LYS H 42 -7.06 -21.17 -6.42
CA LYS H 42 -8.49 -21.45 -6.34
C LYS H 42 -9.01 -21.39 -4.91
N ARG H 43 -8.16 -20.98 -3.99
CA ARG H 43 -8.52 -20.87 -2.58
C ARG H 43 -8.80 -22.24 -2.01
N ILE H 44 -8.06 -23.21 -2.50
CA ILE H 44 -8.11 -24.57 -1.97
C ILE H 44 -6.87 -24.89 -1.12
N ILE H 45 -7.12 -25.50 0.04
CA ILE H 45 -6.04 -26.06 0.84
C ILE H 45 -6.35 -27.53 1.00
N PHE H 46 -5.42 -28.37 0.59
CA PHE H 46 -5.64 -29.81 0.62
C PHE H 46 -4.66 -30.48 1.56
N LEU H 47 -5.15 -30.94 2.70
CA LEU H 47 -4.30 -31.68 3.62
C LEU H 47 -4.46 -33.15 3.29
N SER H 48 -3.45 -33.73 2.64
CA SER H 48 -3.51 -35.12 2.19
C SER H 48 -2.71 -36.10 3.05
N SER H 49 -2.10 -35.61 4.11
CA SER H 49 -1.17 -36.42 4.89
C SER H 49 -1.49 -36.42 6.40
N PRO H 50 -0.71 -37.18 7.18
CA PRO H 50 -0.78 -37.03 8.64
C PRO H 50 -0.33 -35.64 8.96
N ILE H 51 -0.62 -35.11 10.13
CA ILE H 51 -0.26 -33.74 10.34
C ILE H 51 1.07 -33.74 11.04
N TYR H 52 2.12 -33.54 10.25
CA TYR H 52 3.48 -33.49 10.73
C TYR H 52 3.74 -32.09 11.27
N PRO H 53 4.86 -31.93 11.98
CA PRO H 53 5.17 -30.64 12.58
C PRO H 53 5.08 -29.50 11.58
N HIS H 54 5.61 -29.71 10.38
CA HIS H 54 5.69 -28.64 9.39
C HIS H 54 4.35 -28.34 8.73
N ILE H 55 3.37 -29.21 8.91
CA ILE H 55 2.08 -29.03 8.27
C ILE H 55 1.26 -27.87 8.84
N SER H 56 1.18 -27.77 10.17
CA SER H 56 0.50 -26.65 10.81
C SER H 56 1.02 -25.31 10.24
N GLU H 57 2.34 -25.14 10.19
CA GLU H 57 2.93 -23.93 9.63
C GLU H 57 2.35 -23.65 8.22
N GLN H 58 2.30 -24.67 7.38
CA GLN H 58 1.86 -24.49 6.01
C GLN H 58 0.41 -24.06 5.93
N ILE H 59 -0.45 -24.79 6.64
CA ILE H 59 -1.87 -24.49 6.64
C ILE H 59 -2.15 -23.06 7.14
N ILE H 60 -1.49 -22.67 8.23
CA ILE H 60 -1.64 -21.30 8.72
C ILE H 60 -1.17 -20.26 7.69
N SER H 61 0.03 -20.43 7.17
CA SER H 61 0.54 -19.53 6.14
C SER H 61 -0.48 -19.38 5.01
N GLN H 62 -1.04 -20.50 4.57
CA GLN H 62 -2.00 -20.45 3.49
C GLN H 62 -3.27 -19.71 3.87
N LEU H 63 -3.80 -19.98 5.06
CA LEU H 63 -4.95 -19.23 5.54
C LEU H 63 -4.67 -17.73 5.59
N LEU H 64 -3.59 -17.34 6.27
CA LEU H 64 -3.22 -15.92 6.28
C LEU H 64 -3.12 -15.33 4.88
N TYR H 65 -2.41 -16.01 3.99
CA TYR H 65 -2.29 -15.52 2.63
C TYR H 65 -3.66 -15.32 1.97
N LEU H 66 -4.49 -16.34 1.99
CA LEU H 66 -5.81 -16.24 1.35
C LEU H 66 -6.64 -15.10 1.94
N GLU H 67 -6.58 -14.97 3.26
CA GLU H 67 -7.32 -13.91 3.95
C GLU H 67 -6.88 -12.53 3.47
N TYR H 68 -5.57 -12.32 3.39
CA TYR H 68 -5.03 -11.05 2.90
C TYR H 68 -5.25 -10.80 1.41
N GLU H 69 -5.46 -11.87 0.64
CA GLU H 69 -5.73 -11.71 -0.79
C GLU H 69 -7.15 -11.21 -1.06
N SER H 70 -8.14 -11.91 -0.51
CA SER H 70 -9.53 -11.53 -0.64
C SER H 70 -10.18 -11.71 0.72
N LYS H 71 -10.73 -10.61 1.24
CA LYS H 71 -11.20 -10.50 2.62
C LYS H 71 -12.40 -11.35 3.07
N ARG H 72 -13.45 -11.41 2.25
CA ARG H 72 -14.63 -12.24 2.55
C ARG H 72 -14.90 -13.49 1.69
N LYS H 73 -14.02 -13.77 0.73
CA LYS H 73 -14.13 -14.94 -0.13
C LYS H 73 -13.87 -16.23 0.66
N PRO H 74 -14.72 -17.25 0.46
CA PRO H 74 -14.59 -18.50 1.21
C PRO H 74 -13.34 -19.26 0.83
N ILE H 75 -12.89 -20.10 1.76
CA ILE H 75 -11.69 -20.92 1.61
C ILE H 75 -12.09 -22.39 1.70
N HIS H 76 -11.58 -23.21 0.79
CA HIS H 76 -11.98 -24.60 0.79
C HIS H 76 -10.88 -25.52 1.29
N LEU H 77 -11.10 -26.08 2.49
CA LEU H 77 -10.13 -26.96 3.13
C LEU H 77 -10.53 -28.42 2.95
N TYR H 78 -9.79 -29.14 2.12
CA TYR H 78 -10.06 -30.55 1.87
C TYR H 78 -9.19 -31.38 2.78
N ILE H 79 -9.79 -32.37 3.44
CA ILE H 79 -9.08 -33.14 4.45
C ILE H 79 -9.15 -34.64 4.19
N ASN H 80 -7.99 -35.26 3.97
CA ASN H 80 -7.88 -36.71 4.13
C ASN H 80 -6.64 -36.99 4.98
N SER H 81 -6.85 -37.33 6.24
CA SER H 81 -5.74 -37.42 7.18
C SER H 81 -6.00 -38.32 8.38
N THR H 82 -4.95 -38.96 8.87
CA THR H 82 -5.01 -39.79 10.08
C THR H 82 -4.63 -39.03 11.36
N GLY H 83 -4.46 -37.72 11.23
CA GLY H 83 -4.06 -36.88 12.35
C GLY H 83 -2.60 -36.98 12.70
N ASP H 84 -2.31 -37.19 13.98
CA ASP H 84 -0.92 -37.21 14.46
C ASP H 84 -0.30 -38.60 14.51
N ILE H 85 -1.01 -39.62 14.02
CA ILE H 85 -0.47 -40.97 13.98
C ILE H 85 -0.35 -41.47 12.54
N ASP H 86 0.73 -42.19 12.27
CA ASP H 86 0.90 -42.86 10.97
C ASP H 86 1.45 -44.28 11.16
N ASN H 87 0.70 -45.27 10.70
CA ASN H 87 1.07 -46.68 10.91
C ASN H 87 1.38 -46.95 12.37
N ASN H 88 0.45 -46.54 13.22
CA ASN H 88 0.48 -46.72 14.66
C ASN H 88 1.57 -45.96 15.41
N LYS H 89 2.31 -45.12 14.69
CA LYS H 89 3.37 -44.34 15.30
C LYS H 89 3.03 -42.85 15.35
N ILE H 90 3.22 -42.23 16.51
CA ILE H 90 2.94 -40.81 16.63
C ILE H 90 3.98 -40.04 15.83
N ILE H 91 3.52 -39.29 14.83
CA ILE H 91 4.43 -38.51 14.01
C ILE H 91 4.48 -37.03 14.38
N ASN H 92 3.66 -36.63 15.35
CA ASN H 92 3.75 -35.27 15.89
C ASN H 92 3.50 -35.24 17.40
N LEU H 93 4.46 -34.75 18.16
CA LEU H 93 4.30 -34.71 19.61
C LEU H 93 3.54 -33.46 20.00
N ASN H 94 3.46 -32.53 19.06
CA ASN H 94 2.72 -31.27 19.24
C ASN H 94 1.33 -31.24 18.64
N GLY H 95 0.85 -32.38 18.15
CA GLY H 95 -0.34 -32.42 17.34
C GLY H 95 -1.52 -31.63 17.89
N ILE H 96 -1.88 -31.87 19.15
CA ILE H 96 -2.99 -31.14 19.73
C ILE H 96 -2.79 -29.64 19.64
N THR H 97 -1.77 -29.12 20.34
CA THR H 97 -1.54 -27.67 20.34
C THR H 97 -1.46 -27.11 18.92
N ASP H 98 -0.92 -27.90 18.00
CA ASP H 98 -0.84 -27.46 16.60
C ASP H 98 -2.22 -27.24 15.98
N VAL H 99 -3.09 -28.25 16.09
CA VAL H 99 -4.42 -28.15 15.52
C VAL H 99 -5.16 -27.00 16.17
N ILE H 100 -4.96 -26.83 17.47
CA ILE H 100 -5.59 -25.74 18.19
C ILE H 100 -5.21 -24.39 17.59
N SER H 101 -3.94 -24.23 17.24
CA SER H 101 -3.49 -23.00 16.61
C SER H 101 -4.24 -22.78 15.31
N ILE H 102 -4.40 -23.84 14.53
CA ILE H 102 -5.10 -23.72 13.25
C ILE H 102 -6.52 -23.20 13.44
N VAL H 103 -7.25 -23.85 14.33
CA VAL H 103 -8.67 -23.53 14.52
C VAL H 103 -8.76 -22.09 14.98
N ASP H 104 -7.82 -21.67 15.82
CA ASP H 104 -7.83 -20.31 16.34
C ASP H 104 -7.73 -19.29 15.22
N VAL H 105 -6.80 -19.50 14.30
CA VAL H 105 -6.67 -18.65 13.13
C VAL H 105 -7.92 -18.74 12.23
N ILE H 106 -8.43 -19.96 12.09
CA ILE H 106 -9.67 -20.18 11.34
C ILE H 106 -10.79 -19.30 11.90
N ASN H 107 -10.80 -19.14 13.23
CA ASN H 107 -11.80 -18.30 13.88
C ASN H 107 -11.46 -16.82 13.82
N TYR H 108 -10.17 -16.52 13.62
CA TYR H 108 -9.72 -15.14 13.60
C TYR H 108 -10.05 -14.48 12.28
N ILE H 109 -9.87 -15.19 11.19
CA ILE H 109 -10.01 -14.57 9.88
C ILE H 109 -11.45 -14.38 9.51
N SER H 110 -11.69 -13.44 8.60
CA SER H 110 -13.04 -13.08 8.14
C SER H 110 -13.59 -14.01 7.08
N SER H 111 -12.70 -14.58 6.28
CA SER H 111 -13.08 -15.53 5.27
C SER H 111 -13.63 -16.79 5.92
N ASP H 112 -14.79 -17.24 5.48
CA ASP H 112 -15.34 -18.48 6.00
C ASP H 112 -14.50 -19.64 5.46
N VAL H 113 -14.28 -20.65 6.30
CA VAL H 113 -13.62 -21.86 5.84
C VAL H 113 -14.65 -22.97 5.75
N TYR H 114 -14.76 -23.54 4.55
CA TYR H 114 -15.54 -24.76 4.37
C TYR H 114 -14.62 -25.96 4.47
N THR H 115 -15.13 -27.07 4.98
CA THR H 115 -14.33 -28.29 5.06
C THR H 115 -14.97 -29.46 4.32
N TYR H 116 -14.11 -30.26 3.70
CA TYR H 116 -14.55 -31.42 2.94
C TYR H 116 -13.67 -32.58 3.33
N CYS H 117 -14.27 -33.61 3.91
CA CYS H 117 -13.52 -34.80 4.25
C CYS H 117 -13.57 -35.76 3.07
N LEU H 118 -12.40 -36.08 2.51
CA LEU H 118 -12.37 -36.99 1.37
C LEU H 118 -12.31 -38.45 1.78
N GLY H 119 -11.14 -38.92 2.20
CA GLY H 119 -11.06 -40.24 2.81
C GLY H 119 -11.33 -40.39 4.29
N LYS H 120 -10.57 -39.66 5.11
CA LYS H 120 -10.59 -39.88 6.54
C LYS H 120 -10.25 -38.60 7.29
N ALA H 121 -10.90 -38.39 8.42
CA ALA H 121 -10.41 -37.45 9.39
C ALA H 121 -10.36 -38.12 10.75
N TYR H 122 -9.15 -38.42 11.22
CA TYR H 122 -9.00 -39.11 12.50
C TYR H 122 -8.29 -38.20 13.47
N GLY H 123 -8.56 -38.39 14.76
CA GLY H 123 -7.88 -37.61 15.77
C GLY H 123 -7.96 -36.13 15.47
N ILE H 124 -6.82 -35.46 15.49
CA ILE H 124 -6.82 -34.00 15.34
C ILE H 124 -7.39 -33.57 14.00
N ALA H 125 -7.38 -34.48 13.02
CA ALA H 125 -7.93 -34.17 11.70
C ALA H 125 -9.44 -34.06 11.79
N CYS H 126 -10.03 -34.86 12.67
CA CYS H 126 -11.47 -34.78 12.89
C CYS H 126 -11.85 -33.48 13.60
N ILE H 127 -11.10 -33.15 14.65
CA ILE H 127 -11.27 -31.86 15.30
C ILE H 127 -11.21 -30.72 14.28
N LEU H 128 -10.27 -30.85 13.35
CA LEU H 128 -10.06 -29.82 12.34
C LEU H 128 -11.24 -29.77 11.38
N ALA H 129 -11.67 -30.92 10.89
CA ALA H 129 -12.77 -30.97 9.94
C ALA H 129 -13.99 -30.28 10.52
N SER H 130 -14.29 -30.56 11.78
CA SER H 130 -15.52 -30.09 12.40
C SER H 130 -15.49 -28.63 12.74
N SER H 131 -14.32 -28.00 12.60
CA SER H 131 -14.20 -26.59 12.96
C SER H 131 -14.55 -25.63 11.81
N GLY H 132 -14.87 -26.20 10.65
CA GLY H 132 -15.33 -25.40 9.53
C GLY H 132 -16.64 -24.72 9.84
N LYS H 133 -16.99 -23.73 9.02
CA LYS H 133 -18.23 -22.97 9.20
C LYS H 133 -19.46 -23.86 9.28
N LYS H 134 -20.29 -23.66 10.29
CA LYS H 134 -21.48 -24.49 10.44
C LYS H 134 -22.41 -24.37 9.25
N GLY H 135 -22.77 -25.52 8.69
CA GLY H 135 -23.56 -25.60 7.48
C GLY H 135 -22.67 -25.85 6.28
N TYR H 136 -21.41 -25.48 6.41
CA TYR H 136 -20.40 -25.72 5.37
C TYR H 136 -19.43 -26.87 5.56
N ARG H 137 -19.68 -27.72 6.55
CA ARG H 137 -18.82 -28.87 6.78
C ARG H 137 -19.31 -30.08 5.98
N PHE H 138 -18.49 -30.55 5.06
CA PHE H 138 -18.90 -31.60 4.13
C PHE H 138 -18.11 -32.89 4.24
N SER H 139 -18.72 -33.97 3.75
CA SER H 139 -18.05 -35.26 3.63
C SER H 139 -18.58 -36.02 2.43
N LEU H 140 -17.78 -36.95 1.93
CA LEU H 140 -18.22 -37.80 0.84
C LEU H 140 -18.86 -39.03 1.46
N LYS H 141 -19.42 -39.89 0.63
CA LYS H 141 -20.25 -40.98 1.12
C LYS H 141 -19.47 -41.96 1.99
N ASN H 142 -18.28 -42.32 1.52
CA ASN H 142 -17.49 -43.36 2.18
C ASN H 142 -16.48 -42.87 3.21
N SER H 143 -16.51 -41.58 3.50
CA SER H 143 -15.61 -41.00 4.49
C SER H 143 -15.78 -41.62 5.87
N SER H 144 -14.69 -41.61 6.64
CA SER H 144 -14.69 -42.15 8.00
C SER H 144 -14.14 -41.11 8.96
N PHE H 145 -14.68 -41.07 10.17
CA PHE H 145 -14.24 -40.11 11.17
C PHE H 145 -13.87 -40.82 12.47
N CYS H 146 -12.99 -40.21 13.24
CA CYS H 146 -12.63 -40.74 14.56
C CYS H 146 -12.20 -39.66 15.55
N LEU H 147 -12.62 -39.82 16.81
CA LEU H 147 -12.13 -38.98 17.89
C LEU H 147 -11.28 -39.83 18.84
N ASN H 148 -10.14 -39.30 19.25
CA ASN H 148 -9.16 -40.06 20.02
C ASN H 148 -8.85 -39.51 21.40
N GLN H 149 -7.94 -40.19 22.10
CA GLN H 149 -7.78 -40.13 23.55
C GLN H 149 -7.39 -38.79 24.20
N SER H 150 -7.10 -37.76 23.40
CA SER H 150 -6.78 -36.46 23.97
C SER H 150 -5.55 -36.53 24.87
N TYR H 151 -4.47 -37.04 24.31
CA TYR H 151 -3.26 -37.35 25.06
C TYR H 151 -2.09 -36.41 24.73
N SER H 152 -1.19 -36.23 25.69
CA SER H 152 0.07 -35.55 25.44
C SER H 152 1.23 -36.54 25.64
N ILE H 153 2.47 -36.07 25.51
CA ILE H 153 3.63 -36.97 25.66
C ILE H 153 4.85 -36.31 26.28
N ILE H 154 5.67 -37.09 26.97
CA ILE H 154 6.87 -36.59 27.61
C ILE H 154 8.11 -37.33 27.10
N PRO H 155 8.52 -37.03 25.87
CA PRO H 155 9.70 -37.66 25.28
C PRO H 155 10.77 -37.95 26.32
N PHE H 156 11.27 -36.89 26.95
CA PHE H 156 12.32 -37.03 27.97
C PHE H 156 12.81 -35.66 28.43
N ASN H 161 11.64 -28.80 32.33
CA ASN H 161 10.49 -29.65 32.58
C ASN H 161 9.83 -29.33 33.93
N ILE H 162 9.37 -28.09 34.07
CA ILE H 162 9.03 -27.51 35.37
C ILE H 162 7.64 -27.82 35.92
N GLU H 163 7.30 -27.10 36.99
CA GLU H 163 5.95 -27.09 37.55
C GLU H 163 4.97 -26.59 36.50
N ILE H 164 5.51 -25.95 35.47
CA ILE H 164 4.69 -25.47 34.36
C ILE H 164 4.38 -26.51 33.29
N GLN H 165 5.22 -27.53 33.16
CA GLN H 165 5.03 -28.52 32.11
C GLN H 165 3.66 -29.17 32.25
N ASN H 166 3.10 -29.05 33.46
CA ASN H 166 1.82 -29.62 33.83
C ASN H 166 0.63 -28.79 33.36
N LYS H 167 0.53 -27.56 33.87
CA LYS H 167 -0.61 -26.71 33.52
C LYS H 167 -0.87 -26.74 32.03
N GLU H 168 0.19 -26.80 31.23
CA GLU H 168 0.06 -26.95 29.77
C GLU H 168 -0.89 -28.09 29.41
N ILE H 169 -0.54 -29.33 29.77
CA ILE H 169 -1.38 -30.49 29.47
C ILE H 169 -2.84 -30.43 29.96
N MET H 170 -3.08 -30.22 31.26
CA MET H 170 -4.44 -30.10 31.77
C MET H 170 -5.16 -29.01 30.99
N ASN H 171 -4.50 -27.86 30.85
CA ASN H 171 -5.04 -26.74 30.11
C ASN H 171 -5.37 -27.09 28.67
N THR H 172 -4.51 -27.92 28.07
CA THR H 172 -4.68 -28.30 26.68
C THR H 172 -5.83 -29.28 26.50
N LYS H 173 -5.87 -30.34 27.29
CA LYS H 173 -6.93 -31.35 27.19
C LYS H 173 -8.29 -30.71 27.37
N LYS H 174 -8.33 -29.57 28.05
CA LYS H 174 -9.58 -28.88 28.33
C LYS H 174 -10.02 -28.08 27.11
N LYS H 175 -9.07 -27.45 26.44
CA LYS H 175 -9.36 -26.62 25.26
C LYS H 175 -9.88 -27.45 24.10
N VAL H 176 -9.41 -28.68 23.97
CA VAL H 176 -9.86 -29.57 22.91
C VAL H 176 -11.29 -30.04 23.17
N ILE H 177 -11.57 -30.47 24.40
CA ILE H 177 -12.95 -30.79 24.78
C ILE H 177 -13.86 -29.60 24.45
N GLU H 178 -13.40 -28.41 24.81
CA GLU H 178 -14.16 -27.19 24.62
C GLU H 178 -14.44 -26.93 23.14
N ILE H 179 -13.48 -27.27 22.29
CA ILE H 179 -13.63 -27.05 20.85
C ILE H 179 -14.62 -28.04 20.23
N ILE H 180 -14.46 -29.32 20.56
CA ILE H 180 -15.39 -30.32 20.09
C ILE H 180 -16.82 -29.99 20.52
N SER H 181 -16.97 -29.58 21.77
CA SER H 181 -18.28 -29.21 22.31
C SER H 181 -18.95 -28.14 21.46
N LYS H 182 -18.27 -27.02 21.28
CA LYS H 182 -18.83 -25.93 20.52
C LYS H 182 -19.19 -26.41 19.11
N ASN H 183 -18.31 -27.25 18.55
CA ASN H 183 -18.48 -27.73 17.18
C ASN H 183 -19.70 -28.64 17.03
N THR H 184 -19.81 -29.62 17.92
CA THR H 184 -20.90 -30.60 17.88
C THR H 184 -22.15 -30.18 18.68
N GLU H 185 -22.12 -28.98 19.24
CA GLU H 185 -23.26 -28.46 20.02
C GLU H 185 -23.68 -29.44 21.11
N LYS H 186 -22.71 -29.87 21.91
CA LYS H 186 -22.95 -30.74 23.05
C LYS H 186 -22.25 -30.21 24.30
N ASP H 187 -22.65 -30.72 25.46
CA ASP H 187 -22.12 -30.25 26.74
C ASP H 187 -20.75 -30.85 27.01
N THR H 188 -19.92 -30.11 27.72
CA THR H 188 -18.55 -30.54 27.96
C THR H 188 -18.51 -31.94 28.57
N ASN H 189 -19.52 -32.27 29.35
CA ASN H 189 -19.55 -33.57 30.04
C ASN H 189 -19.72 -34.72 29.09
N VAL H 190 -20.74 -34.64 28.25
CA VAL H 190 -21.04 -35.73 27.32
C VAL H 190 -19.89 -35.98 26.36
N ILE H 191 -19.13 -34.94 26.03
CA ILE H 191 -17.96 -35.07 25.16
C ILE H 191 -16.81 -35.80 25.85
N SER H 192 -16.47 -35.39 27.07
CA SER H 192 -15.41 -36.04 27.83
C SER H 192 -15.69 -37.52 28.00
N ASN H 193 -16.97 -37.88 27.99
CA ASN H 193 -17.36 -39.29 28.06
C ASN H 193 -17.08 -39.99 26.74
N VAL H 194 -17.52 -39.38 25.65
CA VAL H 194 -17.29 -39.93 24.32
C VAL H 194 -15.81 -40.17 24.06
N LEU H 195 -14.96 -39.37 24.68
CA LEU H 195 -13.53 -39.46 24.45
C LEU H 195 -12.85 -40.58 25.25
N GLU H 196 -13.56 -41.13 26.21
CA GLU H 196 -13.02 -42.22 27.02
C GLU H 196 -12.82 -43.47 26.17
N ARG H 197 -13.65 -43.61 25.14
CA ARG H 197 -13.56 -44.74 24.22
C ARG H 197 -13.28 -44.26 22.80
N ASP H 198 -12.40 -44.95 22.09
CA ASP H 198 -12.21 -44.66 20.67
C ASP H 198 -13.51 -44.94 19.94
N LYS H 199 -14.02 -43.95 19.23
CA LYS H 199 -15.31 -44.05 18.57
C LYS H 199 -15.19 -43.68 17.10
N TYR H 200 -15.57 -44.60 16.22
CA TYR H 200 -15.51 -44.35 14.79
C TYR H 200 -16.89 -44.05 14.21
N PHE H 201 -16.94 -43.07 13.30
CA PHE H 201 -18.18 -42.72 12.63
C PHE H 201 -18.05 -43.00 11.13
N ASN H 202 -19.17 -43.31 10.50
CA ASN H 202 -19.26 -43.23 9.05
C ASN H 202 -19.92 -41.89 8.75
N ALA H 203 -20.09 -41.55 7.48
CA ALA H 203 -20.62 -40.24 7.14
C ALA H 203 -21.91 -39.93 7.89
N ASP H 204 -22.90 -40.80 7.75
CA ASP H 204 -24.20 -40.54 8.37
C ASP H 204 -24.10 -40.43 9.89
N GLU H 205 -23.31 -41.31 10.50
CA GLU H 205 -23.09 -41.24 11.94
C GLU H 205 -22.52 -39.89 12.34
N ALA H 206 -21.60 -39.39 11.52
CA ALA H 206 -20.93 -38.12 11.79
C ALA H 206 -21.87 -36.93 11.64
N VAL H 207 -22.86 -37.07 10.77
CA VAL H 207 -23.83 -36.00 10.55
C VAL H 207 -24.81 -35.90 11.70
N ASP H 208 -25.17 -37.03 12.28
CA ASP H 208 -26.05 -37.05 13.44
C ASP H 208 -25.35 -36.50 14.68
N PHE H 209 -24.08 -36.86 14.85
CA PHE H 209 -23.33 -36.38 15.99
C PHE H 209 -23.01 -34.90 15.84
N LYS H 210 -23.32 -34.36 14.66
CA LYS H 210 -23.09 -32.95 14.33
C LYS H 210 -21.61 -32.56 14.19
N LEU H 211 -20.78 -33.52 13.79
CA LEU H 211 -19.42 -33.20 13.38
C LEU H 211 -19.45 -32.63 11.96
N ILE H 212 -20.42 -33.10 11.19
CA ILE H 212 -20.57 -32.74 9.79
C ILE H 212 -21.97 -32.20 9.55
N ASP H 213 -22.13 -31.46 8.47
CA ASP H 213 -23.43 -30.93 8.10
C ASP H 213 -24.08 -31.71 6.97
N HIS H 214 -23.40 -31.78 5.84
CA HIS H 214 -23.97 -32.42 4.65
C HIS H 214 -23.07 -33.50 4.04
N ILE H 215 -23.71 -34.45 3.37
CA ILE H 215 -22.99 -35.43 2.58
C ILE H 215 -23.14 -35.08 1.10
N LEU H 216 -22.02 -35.05 0.38
CA LEU H 216 -22.02 -34.65 -1.03
C LEU H 216 -22.37 -35.80 -1.95
N GLU H 217 -23.24 -35.52 -2.91
CA GLU H 217 -23.44 -36.44 -4.02
C GLU H 217 -23.57 -35.63 -5.31
N LYS H 218 -23.65 -36.33 -6.44
CA LYS H 218 -23.49 -35.68 -7.74
C LYS H 218 -23.89 -34.19 -7.76
N PRO I 36 17.54 -24.98 -23.10
CA PRO I 36 17.57 -23.82 -23.99
C PRO I 36 18.74 -22.93 -23.61
N SER I 37 19.95 -23.44 -23.79
CA SER I 37 21.07 -22.79 -23.13
C SER I 37 21.78 -21.76 -23.99
N LEU I 38 21.57 -20.48 -23.67
CA LEU I 38 22.62 -19.51 -23.90
C LEU I 38 23.13 -19.84 -25.30
N LEU I 39 24.31 -20.45 -25.33
CA LEU I 39 25.11 -20.54 -26.54
C LEU I 39 24.19 -21.04 -27.65
N LEU I 40 23.23 -21.88 -27.29
CA LEU I 40 22.34 -22.46 -28.27
C LEU I 40 21.63 -21.31 -28.96
N SER I 41 21.26 -20.29 -28.19
CA SER I 41 20.47 -19.20 -28.71
C SER I 41 21.22 -18.54 -29.86
N LYS I 42 22.54 -18.66 -29.84
CA LYS I 42 23.43 -18.06 -30.84
C LYS I 42 23.83 -19.07 -31.91
N ARG I 43 23.23 -20.25 -31.85
CA ARG I 43 23.54 -21.32 -32.81
C ARG I 43 24.96 -21.80 -32.65
N ILE I 44 25.40 -21.83 -31.40
CA ILE I 44 26.72 -22.33 -31.06
C ILE I 44 26.62 -23.67 -30.35
N ILE I 45 27.43 -24.61 -30.79
CA ILE I 45 27.61 -25.88 -30.08
C ILE I 45 29.07 -25.97 -29.68
N PHE I 46 29.33 -26.15 -28.39
CA PHE I 46 30.71 -26.16 -27.92
C PHE I 46 31.06 -27.48 -27.28
N LEU I 47 31.89 -28.27 -27.96
CA LEU I 47 32.31 -29.54 -27.41
C LEU I 47 33.63 -29.29 -26.67
N SER I 48 33.56 -29.25 -25.35
CA SER I 48 34.74 -28.96 -24.54
C SER I 48 35.39 -30.16 -23.87
N SER I 49 34.87 -31.37 -24.13
CA SER I 49 35.30 -32.55 -23.40
C SER I 49 35.66 -33.70 -24.32
N PRO I 50 36.11 -34.82 -23.73
CA PRO I 50 36.25 -36.05 -24.52
C PRO I 50 34.87 -36.41 -24.99
N ILE I 51 34.73 -37.27 -25.99
CA ILE I 51 33.38 -37.52 -26.44
C ILE I 51 32.91 -38.79 -25.74
N TYR I 52 32.15 -38.58 -24.68
CA TYR I 52 31.60 -39.65 -23.89
C TYR I 52 30.36 -40.17 -24.59
N PRO I 53 29.83 -41.31 -24.14
CA PRO I 53 28.64 -41.88 -24.78
C PRO I 53 27.51 -40.86 -24.90
N HIS I 54 27.26 -40.09 -23.84
CA HIS I 54 26.13 -39.16 -23.84
C HIS I 54 26.34 -37.92 -24.70
N ILE I 55 27.58 -37.70 -25.14
CA ILE I 55 27.90 -36.49 -25.90
C ILE I 55 27.33 -36.50 -27.31
N SER I 56 27.50 -37.62 -28.02
CA SER I 56 26.89 -37.77 -29.33
C SER I 56 25.39 -37.41 -29.28
N GLU I 57 24.66 -37.99 -28.32
CA GLU I 57 23.24 -37.70 -28.21
C GLU I 57 23.01 -36.18 -28.15
N GLN I 58 23.80 -35.49 -27.33
CA GLN I 58 23.62 -34.04 -27.14
C GLN I 58 23.86 -33.26 -28.41
N ILE I 59 24.99 -33.55 -29.05
CA ILE I 59 25.33 -32.84 -30.26
C ILE I 59 24.29 -33.02 -31.35
N ILE I 60 23.83 -34.25 -31.54
CA ILE I 60 22.78 -34.51 -32.52
C ILE I 60 21.49 -33.76 -32.16
N SER I 61 21.04 -33.89 -30.91
CA SER I 61 19.83 -33.18 -30.50
C SER I 61 19.96 -31.70 -30.84
N GLN I 62 21.12 -31.13 -30.54
CA GLN I 62 21.31 -29.71 -30.80
C GLN I 62 21.31 -29.36 -32.28
N LEU I 63 21.97 -30.18 -33.10
CA LEU I 63 21.87 -30.01 -34.55
C LEU I 63 20.43 -30.08 -35.06
N LEU I 64 19.71 -31.15 -34.72
CA LEU I 64 18.29 -31.23 -35.09
C LEU I 64 17.52 -30.00 -34.67
N TYR I 65 17.64 -29.62 -33.41
CA TYR I 65 16.95 -28.44 -32.91
C TYR I 65 17.26 -27.20 -33.76
N LEU I 66 18.54 -26.89 -33.92
CA LEU I 66 18.94 -25.71 -34.68
C LEU I 66 18.39 -25.72 -36.10
N GLU I 67 18.47 -26.89 -36.74
CA GLU I 67 17.94 -27.05 -38.09
C GLU I 67 16.45 -26.75 -38.15
N TYR I 68 15.69 -27.27 -37.20
CA TYR I 68 14.24 -27.02 -37.19
C TYR I 68 13.90 -25.59 -36.83
N GLU I 69 14.81 -24.90 -36.16
CA GLU I 69 14.55 -23.51 -35.76
C GLU I 69 14.69 -22.54 -36.93
N SER I 70 15.83 -22.62 -37.63
CA SER I 70 16.08 -21.81 -38.82
C SER I 70 16.75 -22.68 -39.86
N LYS I 71 16.16 -22.77 -41.04
CA LYS I 71 16.56 -23.81 -41.97
C LYS I 71 17.96 -23.61 -42.51
N ARG I 72 18.22 -22.47 -43.13
CA ARG I 72 19.54 -22.32 -43.75
C ARG I 72 20.60 -21.50 -43.00
N LYS I 73 20.26 -21.04 -41.80
CA LYS I 73 21.22 -20.33 -40.96
C LYS I 73 22.37 -21.26 -40.54
N PRO I 74 23.61 -20.75 -40.60
CA PRO I 74 24.79 -21.54 -40.24
C PRO I 74 24.84 -21.89 -38.76
N ILE I 75 25.54 -22.98 -38.46
CA ILE I 75 25.71 -23.49 -37.10
C ILE I 75 27.18 -23.50 -36.77
N HIS I 76 27.54 -23.04 -35.59
CA HIS I 76 28.95 -22.91 -35.24
C HIS I 76 29.36 -23.94 -34.21
N LEU I 77 30.14 -24.93 -34.65
CA LEU I 77 30.58 -26.02 -33.79
C LEU I 77 32.02 -25.78 -33.34
N TYR I 78 32.20 -25.42 -32.08
CA TYR I 78 33.53 -25.22 -31.53
C TYR I 78 34.03 -26.49 -30.86
N ILE I 79 35.27 -26.86 -31.15
CA ILE I 79 35.79 -28.14 -30.71
C ILE I 79 37.11 -28.02 -29.98
N ASN I 80 37.13 -28.39 -28.70
CA ASN I 80 38.38 -28.69 -28.03
C ASN I 80 38.23 -30.04 -27.33
N SER I 81 38.82 -31.08 -27.90
CA SER I 81 38.56 -32.46 -27.45
C SER I 81 39.64 -33.46 -27.80
N THR I 82 39.83 -34.44 -26.92
CA THR I 82 40.79 -35.52 -27.12
C THR I 82 40.16 -36.75 -27.79
N GLY I 83 38.89 -36.61 -28.19
CA GLY I 83 38.15 -37.72 -28.77
C GLY I 83 37.67 -38.75 -27.77
N ASP I 84 37.93 -40.02 -28.04
CA ASP I 84 37.42 -41.10 -27.20
C ASP I 84 38.40 -41.55 -26.11
N ILE I 85 39.52 -40.85 -25.97
CA ILE I 85 40.47 -41.17 -24.91
C ILE I 85 40.62 -40.02 -23.92
N ASP I 86 40.76 -40.34 -22.64
CA ASP I 86 41.05 -39.35 -21.62
C ASP I 86 42.09 -39.88 -20.64
N ASN I 87 43.22 -39.20 -20.53
CA ASN I 87 44.33 -39.66 -19.68
C ASN I 87 44.68 -41.12 -19.96
N ASN I 88 44.89 -41.39 -21.25
CA ASN I 88 45.23 -42.68 -21.85
C ASN I 88 44.24 -43.80 -21.63
N LYS I 89 43.01 -43.45 -21.25
CA LYS I 89 41.97 -44.45 -21.04
C LYS I 89 40.82 -44.20 -22.00
N ILE I 90 40.36 -45.26 -22.68
CA ILE I 90 39.25 -45.11 -23.60
C ILE I 90 37.97 -44.86 -22.82
N ILE I 91 37.36 -43.71 -23.06
CA ILE I 91 36.14 -43.35 -22.33
C ILE I 91 34.87 -43.58 -23.13
N ASN I 92 35.03 -44.01 -24.38
CA ASN I 92 33.90 -44.41 -25.21
C ASN I 92 34.20 -45.62 -26.09
N LEU I 93 33.49 -46.72 -25.90
CA LEU I 93 33.76 -47.91 -26.70
C LEU I 93 33.06 -47.79 -28.05
N ASN I 94 32.12 -46.85 -28.12
CA ASN I 94 31.36 -46.58 -29.34
C ASN I 94 31.86 -45.38 -30.14
N GLY I 95 32.99 -44.81 -29.73
CA GLY I 95 33.41 -43.53 -30.27
C GLY I 95 33.32 -43.40 -31.78
N ILE I 96 33.90 -44.33 -32.53
CA ILE I 96 33.86 -44.27 -33.98
C ILE I 96 32.42 -44.18 -34.49
N THR I 97 31.63 -45.23 -34.28
CA THR I 97 30.24 -45.24 -34.74
C THR I 97 29.47 -43.99 -34.31
N ASP I 98 29.78 -43.49 -33.12
CA ASP I 98 29.12 -42.28 -32.63
C ASP I 98 29.44 -41.09 -33.49
N VAL I 99 30.73 -40.83 -33.70
CA VAL I 99 31.13 -39.69 -34.52
C VAL I 99 30.53 -39.80 -35.91
N ILE I 100 30.56 -41.01 -36.46
CA ILE I 100 29.97 -41.26 -37.78
C ILE I 100 28.50 -40.83 -37.84
N SER I 101 27.74 -41.15 -36.80
CA SER I 101 26.36 -40.70 -36.73
C SER I 101 26.29 -39.18 -36.81
N ILE I 102 27.17 -38.50 -36.07
CA ILE I 102 27.14 -37.05 -36.07
C ILE I 102 27.35 -36.49 -37.48
N VAL I 103 28.40 -36.97 -38.14
CA VAL I 103 28.77 -36.43 -39.44
C VAL I 103 27.61 -36.67 -40.38
N ASP I 104 26.98 -37.84 -40.25
CA ASP I 104 25.85 -38.18 -41.11
C ASP I 104 24.70 -37.19 -41.01
N VAL I 105 24.33 -36.82 -39.80
CA VAL I 105 23.35 -35.78 -39.56
C VAL I 105 23.84 -34.43 -40.07
N ILE I 106 25.11 -34.15 -39.84
CA ILE I 106 25.74 -32.94 -40.34
C ILE I 106 25.55 -32.82 -41.85
N ASN I 107 25.63 -33.95 -42.53
CA ASN I 107 25.42 -33.98 -43.98
C ASN I 107 23.95 -34.01 -44.37
N TYR I 108 23.10 -34.43 -43.45
CA TYR I 108 21.66 -34.52 -43.73
C TYR I 108 21.01 -33.15 -43.67
N ILE I 109 21.37 -32.33 -42.69
CA ILE I 109 20.69 -31.05 -42.50
C ILE I 109 21.12 -30.00 -43.51
N SER I 110 20.24 -29.02 -43.72
CA SER I 110 20.45 -27.98 -44.73
C SER I 110 21.36 -26.88 -44.23
N SER I 111 21.33 -26.66 -42.92
CA SER I 111 22.16 -25.63 -42.32
C SER I 111 23.62 -26.03 -42.44
N ASP I 112 24.45 -25.12 -42.93
CA ASP I 112 25.88 -25.41 -43.00
C ASP I 112 26.46 -25.41 -41.60
N VAL I 113 27.38 -26.33 -41.34
CA VAL I 113 28.07 -26.34 -40.06
C VAL I 113 29.49 -25.85 -40.26
N TYR I 114 29.84 -24.80 -39.55
CA TYR I 114 31.23 -24.36 -39.50
C TYR I 114 31.91 -24.99 -38.30
N THR I 115 33.19 -25.30 -38.43
CA THR I 115 33.92 -25.82 -37.28
C THR I 115 35.10 -24.95 -36.89
N TYR I 116 35.32 -24.85 -35.58
CA TYR I 116 36.42 -24.08 -35.03
C TYR I 116 37.16 -24.92 -33.99
N CYS I 117 38.42 -25.23 -34.25
CA CYS I 117 39.19 -25.97 -33.30
C CYS I 117 39.87 -24.99 -32.34
N LEU I 118 39.57 -25.10 -31.05
CA LEU I 118 40.14 -24.16 -30.08
C LEU I 118 41.47 -24.67 -29.54
N GLY I 119 41.44 -25.63 -28.62
CA GLY I 119 42.67 -26.29 -28.21
C GLY I 119 43.17 -27.48 -29.03
N LYS I 120 42.33 -28.50 -29.14
CA LYS I 120 42.77 -29.77 -29.72
C LYS I 120 41.61 -30.49 -30.39
N ALA I 121 41.90 -31.15 -31.50
CA ALA I 121 40.98 -32.16 -31.98
C ALA I 121 41.79 -33.41 -32.24
N TYR I 122 41.60 -34.42 -31.40
CA TYR I 122 42.33 -35.68 -31.56
C TYR I 122 41.37 -36.81 -31.89
N GLY I 123 41.87 -37.83 -32.58
CA GLY I 123 41.04 -38.97 -32.89
C GLY I 123 39.72 -38.55 -33.51
N ILE I 124 38.63 -39.10 -32.98
CA ILE I 124 37.32 -38.83 -33.58
C ILE I 124 37.00 -37.34 -33.59
N ALA I 125 37.63 -36.58 -32.70
CA ALA I 125 37.41 -35.13 -32.66
C ALA I 125 37.98 -34.48 -33.91
N CYS I 126 39.09 -35.01 -34.40
CA CYS I 126 39.69 -34.53 -35.64
C CYS I 126 38.82 -34.87 -36.84
N ILE I 127 38.38 -36.11 -36.93
CA ILE I 127 37.40 -36.50 -37.94
C ILE I 127 36.22 -35.55 -37.94
N LEU I 128 35.76 -35.18 -36.74
CA LEU I 128 34.59 -34.33 -36.61
C LEU I 128 34.89 -32.92 -37.09
N ALA I 129 36.03 -32.38 -36.68
CA ALA I 129 36.38 -31.01 -37.05
C ALA I 129 36.41 -30.88 -38.57
N SER I 130 36.99 -31.87 -39.23
CA SER I 130 37.22 -31.81 -40.67
C SER I 130 35.96 -32.01 -41.48
N SER I 131 34.86 -32.38 -40.82
CA SER I 131 33.61 -32.67 -41.52
C SER I 131 32.75 -31.43 -41.71
N GLY I 132 33.21 -30.30 -41.18
CA GLY I 132 32.52 -29.04 -41.39
C GLY I 132 32.54 -28.63 -42.85
N LYS I 133 31.67 -27.68 -43.21
CA LYS I 133 31.60 -27.17 -44.58
C LYS I 133 32.95 -26.74 -45.13
N LYS I 134 33.30 -27.20 -46.32
CA LYS I 134 34.59 -26.83 -46.88
C LYS I 134 34.66 -25.33 -47.07
N GLY I 135 35.76 -24.76 -46.59
CA GLY I 135 36.01 -23.32 -46.63
C GLY I 135 35.66 -22.70 -45.30
N TYR I 136 34.80 -23.39 -44.57
CA TYR I 136 34.39 -22.98 -43.22
C TYR I 136 35.01 -23.71 -42.02
N ARG I 137 36.01 -24.55 -42.27
CA ARG I 137 36.69 -25.24 -41.20
C ARG I 137 37.86 -24.42 -40.65
N PHE I 138 37.77 -24.01 -39.39
CA PHE I 138 38.72 -23.07 -38.82
C PHE I 138 39.54 -23.65 -37.66
N SER I 139 40.68 -23.01 -37.41
CA SER I 139 41.51 -23.32 -36.25
C SER I 139 42.18 -22.06 -35.73
N LEU I 140 42.51 -22.06 -34.44
CA LEU I 140 43.32 -20.97 -33.91
C LEU I 140 44.79 -21.30 -34.11
N LYS I 141 45.66 -20.36 -33.74
CA LYS I 141 47.08 -20.47 -34.09
C LYS I 141 47.73 -21.69 -33.45
N ASN I 142 47.46 -21.88 -32.16
CA ASN I 142 48.13 -22.91 -31.37
C ASN I 142 47.43 -24.26 -31.30
N SER I 143 46.36 -24.41 -32.07
CA SER I 143 45.60 -25.67 -32.08
C SER I 143 46.45 -26.83 -32.56
N SER I 144 46.10 -28.02 -32.08
CA SER I 144 46.79 -29.25 -32.46
C SER I 144 45.78 -30.27 -32.96
N PHE I 145 46.19 -31.07 -33.94
CA PHE I 145 45.34 -32.10 -34.49
C PHE I 145 46.01 -33.47 -34.49
N CYS I 146 45.20 -34.52 -34.45
CA CYS I 146 45.73 -35.88 -34.52
C CYS I 146 44.75 -36.87 -35.12
N LEU I 147 45.28 -37.80 -35.91
CA LEU I 147 44.48 -38.90 -36.43
C LEU I 147 45.01 -40.20 -35.83
N ASN I 148 44.10 -41.07 -35.39
CA ASN I 148 44.48 -42.27 -34.66
C ASN I 148 44.16 -43.57 -35.41
N GLN I 149 44.87 -44.64 -35.07
CA GLN I 149 44.87 -45.86 -35.89
C GLN I 149 43.72 -46.82 -35.61
N GLU I 168 32.05 -57.79 -40.65
CA GLU I 168 32.09 -57.58 -39.20
C GLU I 168 32.28 -56.10 -38.80
N ILE I 169 33.37 -55.80 -38.10
CA ILE I 169 33.72 -54.43 -37.71
C ILE I 169 34.36 -53.67 -38.88
N MET I 170 34.90 -54.45 -39.80
CA MET I 170 35.54 -54.04 -41.04
C MET I 170 34.76 -52.94 -41.73
N ASN I 171 33.43 -53.06 -41.70
CA ASN I 171 32.54 -52.06 -42.29
C ASN I 171 32.78 -50.68 -41.71
N THR I 172 33.03 -50.63 -40.41
CA THR I 172 33.23 -49.37 -39.72
C THR I 172 34.56 -48.73 -40.06
N LYS I 173 35.65 -49.48 -39.96
CA LYS I 173 36.98 -48.96 -40.26
C LYS I 173 37.06 -48.42 -41.68
N LYS I 174 36.19 -48.93 -42.56
CA LYS I 174 36.14 -48.50 -43.95
C LYS I 174 35.43 -47.16 -44.10
N LYS I 175 34.36 -46.98 -43.34
CA LYS I 175 33.56 -45.76 -43.42
C LYS I 175 34.35 -44.56 -42.94
N VAL I 176 35.14 -44.77 -41.89
CA VAL I 176 36.03 -43.74 -41.33
C VAL I 176 37.16 -43.29 -42.26
N ILE I 177 37.81 -44.24 -42.92
CA ILE I 177 38.74 -43.94 -44.00
C ILE I 177 38.04 -43.13 -45.09
N GLU I 178 36.83 -43.57 -45.45
CA GLU I 178 36.06 -42.94 -46.52
C GLU I 178 35.71 -41.49 -46.20
N ILE I 179 35.42 -41.22 -44.92
CA ILE I 179 35.08 -39.88 -44.50
C ILE I 179 36.31 -38.97 -44.51
N ILE I 180 37.40 -39.41 -43.92
CA ILE I 180 38.63 -38.62 -43.95
C ILE I 180 39.03 -38.29 -45.40
N SER I 181 38.93 -39.28 -46.28
CA SER I 181 39.30 -39.10 -47.68
C SER I 181 38.51 -37.96 -48.31
N LYS I 182 37.18 -38.05 -48.23
CA LYS I 182 36.33 -37.03 -48.80
C LYS I 182 36.69 -35.67 -48.20
N ASN I 183 36.93 -35.64 -46.90
CA ASN I 183 37.23 -34.40 -46.19
C ASN I 183 38.54 -33.75 -46.63
N THR I 184 39.60 -34.57 -46.70
CA THR I 184 40.93 -34.08 -47.02
C THR I 184 41.25 -34.15 -48.51
N GLU I 185 40.26 -34.55 -49.32
CA GLU I 185 40.44 -34.67 -50.77
C GLU I 185 41.67 -35.51 -51.14
N LYS I 186 41.73 -36.71 -50.57
CA LYS I 186 42.81 -37.65 -50.86
C LYS I 186 42.22 -39.02 -51.14
N ASP I 187 43.04 -39.89 -51.75
CA ASP I 187 42.60 -41.24 -52.13
C ASP I 187 42.58 -42.17 -50.91
N THR I 188 41.67 -43.15 -50.93
CA THR I 188 41.49 -44.03 -49.79
C THR I 188 42.80 -44.70 -49.39
N ASN I 189 43.69 -44.92 -50.36
CA ASN I 189 44.95 -45.61 -50.12
C ASN I 189 45.91 -44.78 -49.28
N VAL I 190 46.15 -43.55 -49.72
CA VAL I 190 47.09 -42.68 -49.02
C VAL I 190 46.64 -42.39 -47.58
N ILE I 191 45.33 -42.40 -47.35
CA ILE I 191 44.79 -42.21 -46.01
C ILE I 191 45.03 -43.41 -45.10
N SER I 192 44.71 -44.61 -45.59
CA SER I 192 44.94 -45.83 -44.83
C SER I 192 46.41 -45.97 -44.43
N ASN I 193 47.30 -45.39 -45.24
CA ASN I 193 48.72 -45.36 -44.91
C ASN I 193 49.02 -44.38 -43.78
N VAL I 194 48.49 -43.18 -43.89
CA VAL I 194 48.66 -42.15 -42.86
C VAL I 194 48.16 -42.64 -41.49
N LEU I 195 47.18 -43.54 -41.51
CA LEU I 195 46.59 -44.04 -40.27
C LEU I 195 47.41 -45.14 -39.61
N GLU I 196 48.37 -45.69 -40.34
CA GLU I 196 49.22 -46.73 -39.77
C GLU I 196 50.09 -46.17 -38.65
N ARG I 197 50.41 -44.88 -38.75
CA ARG I 197 51.22 -44.20 -37.75
C ARG I 197 50.45 -43.06 -37.11
N ASP I 198 50.56 -42.91 -35.80
CA ASP I 198 49.97 -41.74 -35.15
C ASP I 198 50.69 -40.50 -35.67
N LYS I 199 49.91 -39.57 -36.19
CA LYS I 199 50.46 -38.38 -36.83
C LYS I 199 49.84 -37.12 -36.24
N TYR I 200 50.68 -36.24 -35.71
CA TYR I 200 50.21 -34.98 -35.13
C TYR I 200 50.45 -33.80 -36.06
N PHE I 201 49.46 -32.90 -36.13
CA PHE I 201 49.58 -31.70 -36.94
C PHE I 201 49.55 -30.49 -36.04
N ASN I 202 50.21 -29.41 -36.47
CA ASN I 202 49.94 -28.10 -35.91
C ASN I 202 49.00 -27.42 -36.90
N ALA I 203 48.58 -26.19 -36.60
CA ALA I 203 47.60 -25.54 -37.46
C ALA I 203 48.00 -25.56 -38.92
N ASP I 204 49.19 -25.03 -39.21
CA ASP I 204 49.63 -24.94 -40.60
C ASP I 204 49.72 -26.32 -41.26
N GLU I 205 50.25 -27.29 -40.54
CA GLU I 205 50.34 -28.65 -41.06
C GLU I 205 48.96 -29.15 -41.44
N ALA I 206 47.97 -28.86 -40.58
CA ALA I 206 46.60 -29.31 -40.79
C ALA I 206 45.95 -28.64 -41.98
N VAL I 207 46.37 -27.42 -42.28
CA VAL I 207 45.82 -26.69 -43.40
C VAL I 207 46.33 -27.26 -44.71
N ASP I 208 47.58 -27.67 -44.72
CA ASP I 208 48.19 -28.23 -45.92
C ASP I 208 47.60 -29.60 -46.21
N PHE I 209 47.36 -30.38 -45.16
CA PHE I 209 46.80 -31.71 -45.32
C PHE I 209 45.33 -31.61 -45.72
N LYS I 210 44.80 -30.39 -45.68
CA LYS I 210 43.40 -30.11 -45.99
C LYS I 210 42.39 -30.67 -44.98
N LEU I 211 42.81 -30.80 -43.72
CA LEU I 211 41.85 -31.06 -42.64
C LEU I 211 41.14 -29.76 -42.28
N ILE I 212 41.87 -28.65 -42.43
CA ILE I 212 41.38 -27.31 -42.09
C ILE I 212 41.51 -26.39 -43.30
N ASP I 213 40.72 -25.31 -43.30
CA ASP I 213 40.75 -24.33 -44.37
C ASP I 213 41.53 -23.08 -43.99
N HIS I 214 41.12 -22.41 -42.92
CA HIS I 214 41.76 -21.17 -42.51
C HIS I 214 42.20 -21.14 -41.05
N ILE I 215 43.22 -20.35 -40.78
CA ILE I 215 43.66 -20.05 -39.42
C ILE I 215 43.18 -18.66 -39.02
N LEU I 216 42.54 -18.57 -37.85
CA LEU I 216 41.96 -17.31 -37.39
C LEU I 216 42.84 -16.68 -36.31
N GLU I 217 43.69 -15.75 -36.71
CA GLU I 217 44.47 -14.96 -35.77
C GLU I 217 44.13 -13.48 -35.87
N LYS I 218 43.87 -12.86 -34.74
CA LYS I 218 44.39 -11.53 -34.46
C LYS I 218 43.85 -10.50 -35.46
N PRO J 36 1.66 -26.86 -12.71
CA PRO J 36 0.78 -26.69 -13.87
C PRO J 36 1.32 -27.42 -15.08
N SER J 37 1.43 -28.74 -15.00
CA SER J 37 2.28 -29.44 -15.95
C SER J 37 1.55 -29.84 -17.23
N LEU J 38 1.87 -29.16 -18.34
CA LEU J 38 1.80 -29.82 -19.63
C LEU J 38 0.46 -30.57 -19.61
N LEU J 39 0.55 -31.88 -19.46
CA LEU J 39 -0.55 -32.78 -19.71
C LEU J 39 -1.76 -32.22 -19.00
N LEU J 40 -1.54 -31.59 -17.85
CA LEU J 40 -2.65 -31.09 -17.07
C LEU J 40 -3.40 -30.10 -17.94
N SER J 41 -2.65 -29.32 -18.71
CA SER J 41 -3.23 -28.24 -19.50
C SER J 41 -4.26 -28.82 -20.47
N LYS J 42 -4.08 -30.09 -20.80
CA LYS J 42 -4.94 -30.80 -21.74
C LYS J 42 -5.99 -31.65 -21.02
N ARG J 43 -6.05 -31.51 -19.70
CA ARG J 43 -6.99 -32.28 -18.88
C ARG J 43 -6.66 -33.76 -18.91
N ILE J 44 -5.37 -34.06 -18.95
CA ILE J 44 -4.88 -35.42 -18.92
C ILE J 44 -4.23 -35.72 -17.58
N ILE J 45 -4.59 -36.84 -17.01
CA ILE J 45 -3.92 -37.37 -15.84
C ILE J 45 -3.35 -38.73 -16.21
N PHE J 46 -2.05 -38.89 -16.08
CA PHE J 46 -1.40 -40.12 -16.51
C PHE J 46 -0.77 -40.83 -15.33
N LEU J 47 -1.36 -41.94 -14.91
CA LEU J 47 -0.78 -42.73 -13.84
C LEU J 47 0.11 -43.79 -14.49
N SER J 48 1.43 -43.58 -14.41
CA SER J 48 2.40 -44.48 -15.04
C SER J 48 3.13 -45.44 -14.08
N SER J 49 2.76 -45.40 -12.81
CA SER J 49 3.49 -46.15 -11.80
C SER J 49 2.60 -47.01 -10.91
N PRO J 50 3.21 -47.76 -9.98
CA PRO J 50 2.40 -48.42 -8.95
C PRO J 50 1.74 -47.31 -8.16
N ILE J 51 0.68 -47.60 -7.42
CA ILE J 51 0.09 -46.49 -6.69
C ILE J 51 0.69 -46.42 -5.29
N TYR J 52 1.64 -45.50 -5.15
CA TYR J 52 2.34 -45.29 -3.90
C TYR J 52 1.48 -44.38 -3.05
N PRO J 53 1.82 -44.26 -1.77
CA PRO J 53 1.03 -43.41 -0.87
C PRO J 53 0.78 -42.02 -1.46
N HIS J 54 1.81 -41.42 -2.03
CA HIS J 54 1.72 -40.03 -2.47
C HIS J 54 0.97 -39.89 -3.78
N ILE J 55 0.71 -41.00 -4.43
CA ILE J 55 -0.01 -40.96 -5.70
C ILE J 55 -1.48 -40.55 -5.57
N SER J 56 -2.19 -41.16 -4.64
CA SER J 56 -3.59 -40.81 -4.37
C SER J 56 -3.74 -39.31 -4.19
N GLU J 57 -2.90 -38.72 -3.34
CA GLU J 57 -2.92 -37.28 -3.13
C GLU J 57 -2.85 -36.51 -4.46
N GLN J 58 -1.93 -36.93 -5.33
CA GLN J 58 -1.71 -36.23 -6.59
C GLN J 58 -2.92 -36.31 -7.52
N ILE J 59 -3.42 -37.53 -7.69
CA ILE J 59 -4.56 -37.74 -8.56
C ILE J 59 -5.76 -36.93 -8.09
N ILE J 60 -6.04 -36.95 -6.79
CA ILE J 60 -7.16 -36.19 -6.25
C ILE J 60 -6.96 -34.69 -6.45
N SER J 61 -5.79 -34.18 -6.09
CA SER J 61 -5.51 -32.78 -6.31
C SER J 61 -5.78 -32.40 -7.78
N GLN J 62 -5.29 -33.22 -8.70
CA GLN J 62 -5.50 -32.94 -10.11
C GLN J 62 -6.98 -32.93 -10.52
N LEU J 63 -7.72 -33.94 -10.06
CA LEU J 63 -9.17 -33.96 -10.29
C LEU J 63 -9.86 -32.69 -9.77
N LEU J 64 -9.68 -32.39 -8.49
CA LEU J 64 -10.20 -31.14 -7.93
C LEU J 64 -9.81 -29.94 -8.80
N TYR J 65 -8.53 -29.82 -9.13
CA TYR J 65 -8.10 -28.68 -9.92
C TYR J 65 -8.88 -28.61 -11.24
N LEU J 66 -8.86 -29.72 -11.99
CA LEU J 66 -9.53 -29.73 -13.29
C LEU J 66 -11.01 -29.38 -13.18
N GLU J 67 -11.65 -29.86 -12.12
CA GLU J 67 -13.07 -29.63 -11.90
C GLU J 67 -13.34 -28.17 -11.68
N TYR J 68 -12.50 -27.53 -10.88
CA TYR J 68 -12.65 -26.11 -10.61
C TYR J 68 -12.30 -25.24 -11.81
N GLU J 69 -11.47 -25.76 -12.71
CA GLU J 69 -11.08 -25.00 -13.90
C GLU J 69 -12.21 -24.92 -14.93
N SER J 70 -12.76 -26.06 -15.31
CA SER J 70 -13.88 -26.14 -16.24
C SER J 70 -14.84 -27.18 -15.72
N LYS J 71 -16.09 -26.76 -15.48
CA LYS J 71 -17.10 -27.52 -14.74
C LYS J 71 -17.62 -28.83 -15.36
N ARG J 72 -17.92 -28.83 -16.66
CA ARG J 72 -18.34 -30.07 -17.31
C ARG J 72 -17.43 -30.67 -18.40
N LYS J 73 -16.29 -30.04 -18.65
CA LYS J 73 -15.32 -30.60 -19.59
C LYS J 73 -14.76 -31.94 -19.10
N PRO J 74 -14.63 -32.92 -20.01
CA PRO J 74 -14.18 -34.27 -19.63
C PRO J 74 -12.73 -34.27 -19.18
N ILE J 75 -12.38 -35.29 -18.40
CA ILE J 75 -11.03 -35.48 -17.90
C ILE J 75 -10.52 -36.82 -18.41
N HIS J 76 -9.29 -36.86 -18.89
CA HIS J 76 -8.78 -38.09 -19.44
C HIS J 76 -7.73 -38.74 -18.54
N LEU J 77 -8.10 -39.87 -17.93
CA LEU J 77 -7.24 -40.56 -17.00
C LEU J 77 -6.60 -41.77 -17.69
N TYR J 78 -5.31 -41.67 -17.98
CA TYR J 78 -4.58 -42.76 -18.61
C TYR J 78 -3.89 -43.62 -17.55
N ILE J 79 -4.03 -44.94 -17.67
CA ILE J 79 -3.59 -45.84 -16.63
C ILE J 79 -2.67 -46.93 -17.14
N ASN J 80 -1.43 -46.94 -16.70
CA ASN J 80 -0.62 -48.14 -16.81
C ASN J 80 0.02 -48.41 -15.44
N SER J 81 -0.51 -49.39 -14.72
CA SER J 81 -0.13 -49.58 -13.32
C SER J 81 -0.36 -50.98 -12.77
N THR J 82 0.51 -51.40 -11.86
CA THR J 82 0.39 -52.70 -11.20
C THR J 82 -0.36 -52.62 -9.87
N GLY J 83 -0.93 -51.45 -9.60
CA GLY J 83 -1.63 -51.21 -8.35
C GLY J 83 -0.72 -51.02 -7.14
N ASP J 84 -1.01 -51.74 -6.06
CA ASP J 84 -0.26 -51.57 -4.82
C ASP J 84 0.94 -52.52 -4.66
N ILE J 85 1.23 -53.30 -5.69
CA ILE J 85 2.39 -54.19 -5.65
C ILE J 85 3.42 -53.82 -6.72
N ASP J 86 4.70 -53.92 -6.37
CA ASP J 86 5.77 -53.73 -7.34
C ASP J 86 6.86 -54.78 -7.13
N ASN J 87 7.11 -55.59 -8.15
CA ASN J 87 8.08 -56.69 -8.05
C ASN J 87 7.82 -57.56 -6.82
N ASN J 88 6.55 -57.98 -6.73
CA ASN J 88 5.97 -58.81 -5.69
C ASN J 88 6.05 -58.26 -4.27
N LYS J 89 6.27 -56.96 -4.14
CA LYS J 89 6.33 -56.31 -2.84
C LYS J 89 5.24 -55.26 -2.72
N ILE J 90 4.49 -55.29 -1.62
CA ILE J 90 3.44 -54.30 -1.43
C ILE J 90 4.08 -52.94 -1.19
N ILE J 91 3.79 -51.99 -2.06
CA ILE J 91 4.35 -50.65 -1.92
C ILE J 91 3.37 -49.65 -1.33
N ASN J 92 2.15 -50.07 -1.07
CA ASN J 92 1.19 -49.25 -0.35
C ASN J 92 0.32 -50.08 0.60
N LEU J 93 0.40 -49.81 1.90
CA LEU J 93 -0.42 -50.54 2.87
C LEU J 93 -1.85 -49.98 2.89
N ASN J 94 -1.99 -48.78 2.36
CA ASN J 94 -3.29 -48.11 2.27
C ASN J 94 -3.99 -48.23 0.90
N GLY J 95 -3.44 -49.04 0.02
CA GLY J 95 -3.88 -49.04 -1.36
C GLY J 95 -5.38 -49.06 -1.56
N ILE J 96 -6.07 -50.02 -0.94
CA ILE J 96 -7.52 -50.08 -1.08
C ILE J 96 -8.22 -48.77 -0.70
N THR J 97 -8.13 -48.39 0.57
CA THR J 97 -8.77 -47.16 1.02
C THR J 97 -8.41 -45.97 0.13
N ASP J 98 -7.17 -45.96 -0.37
CA ASP J 98 -6.72 -44.84 -1.21
C ASP J 98 -7.51 -44.81 -2.52
N VAL J 99 -7.58 -45.95 -3.19
CA VAL J 99 -8.27 -46.02 -4.47
C VAL J 99 -9.73 -45.67 -4.26
N ILE J 100 -10.30 -46.14 -3.16
CA ILE J 100 -11.68 -45.83 -2.82
C ILE J 100 -11.90 -44.31 -2.73
N SER J 101 -10.98 -43.61 -2.09
CA SER J 101 -11.08 -42.15 -2.02
C SER J 101 -11.13 -41.55 -3.42
N ILE J 102 -10.25 -42.03 -4.30
CA ILE J 102 -10.22 -41.52 -5.66
C ILE J 102 -11.58 -41.66 -6.34
N VAL J 103 -12.11 -42.88 -6.32
CA VAL J 103 -13.34 -43.17 -7.04
C VAL J 103 -14.42 -42.27 -6.47
N ASP J 104 -14.40 -42.08 -5.15
CA ASP J 104 -15.42 -41.25 -4.50
C ASP J 104 -15.43 -39.84 -5.04
N VAL J 105 -14.24 -39.24 -5.15
CA VAL J 105 -14.09 -37.92 -5.75
C VAL J 105 -14.51 -37.96 -7.21
N ILE J 106 -14.14 -39.04 -7.89
CA ILE J 106 -14.49 -39.22 -9.29
C ILE J 106 -16.00 -39.16 -9.45
N ASN J 107 -16.72 -39.70 -8.47
CA ASN J 107 -18.17 -39.68 -8.48
C ASN J 107 -18.76 -38.36 -7.99
N TYR J 108 -17.97 -37.62 -7.21
CA TYR J 108 -18.43 -36.35 -6.64
C TYR J 108 -18.43 -35.25 -7.69
N ILE J 109 -17.38 -35.18 -8.51
CA ILE J 109 -17.24 -34.07 -9.45
C ILE J 109 -18.16 -34.22 -10.65
N SER J 110 -18.47 -33.08 -11.27
CA SER J 110 -19.39 -33.01 -12.40
C SER J 110 -18.75 -33.43 -13.71
N SER J 111 -17.46 -33.13 -13.85
CA SER J 111 -16.71 -33.51 -15.04
C SER J 111 -16.67 -35.03 -15.15
N ASP J 112 -17.02 -35.55 -16.32
CA ASP J 112 -16.92 -36.98 -16.56
C ASP J 112 -15.45 -37.35 -16.64
N VAL J 113 -15.12 -38.53 -16.12
CA VAL J 113 -13.77 -39.03 -16.25
C VAL J 113 -13.80 -40.19 -17.24
N TYR J 114 -13.01 -40.05 -18.29
CA TYR J 114 -12.76 -41.19 -19.18
C TYR J 114 -11.50 -41.91 -18.74
N THR J 115 -11.45 -43.22 -18.93
CA THR J 115 -10.25 -43.98 -18.59
C THR J 115 -9.69 -44.72 -19.79
N TYR J 116 -8.37 -44.77 -19.87
CA TYR J 116 -7.66 -45.46 -20.95
C TYR J 116 -6.58 -46.31 -20.34
N CYS J 117 -6.69 -47.62 -20.48
CA CYS J 117 -5.64 -48.49 -19.98
C CYS J 117 -4.59 -48.68 -21.07
N LEU J 118 -3.35 -48.30 -20.78
CA LEU J 118 -2.30 -48.40 -21.78
C LEU J 118 -1.61 -49.76 -21.74
N GLY J 119 -0.73 -49.98 -20.77
CA GLY J 119 -0.18 -51.32 -20.56
C GLY J 119 -0.96 -52.28 -19.68
N LYS J 120 -1.23 -51.88 -18.45
CA LYS J 120 -1.77 -52.78 -17.45
C LYS J 120 -2.61 -52.02 -16.43
N ALA J 121 -3.69 -52.64 -15.98
CA ALA J 121 -4.33 -52.20 -14.74
C ALA J 121 -4.53 -53.42 -13.86
N TYR J 122 -3.75 -53.51 -12.79
CA TYR J 122 -3.82 -54.66 -11.90
C TYR J 122 -4.29 -54.21 -10.54
N GLY J 123 -4.95 -55.10 -9.81
CA GLY J 123 -5.40 -54.78 -8.47
C GLY J 123 -6.17 -53.48 -8.43
N ILE J 124 -5.79 -52.59 -7.52
CA ILE J 124 -6.54 -51.36 -7.35
C ILE J 124 -6.56 -50.53 -8.63
N ALA J 125 -5.60 -50.76 -9.53
CA ALA J 125 -5.54 -50.00 -10.79
C ALA J 125 -6.68 -50.43 -11.68
N CYS J 126 -7.02 -51.71 -11.59
CA CYS J 126 -8.14 -52.24 -12.34
C CYS J 126 -9.45 -51.65 -11.82
N ILE J 127 -9.63 -51.66 -10.50
CA ILE J 127 -10.78 -51.04 -9.86
C ILE J 127 -10.91 -49.59 -10.33
N LEU J 128 -9.77 -48.92 -10.41
CA LEU J 128 -9.75 -47.53 -10.80
C LEU J 128 -10.15 -47.38 -12.26
N ALA J 129 -9.55 -48.18 -13.14
CA ALA J 129 -9.85 -48.10 -14.57
C ALA J 129 -11.35 -48.23 -14.80
N SER J 130 -11.97 -49.21 -14.14
CA SER J 130 -13.37 -49.52 -14.36
C SER J 130 -14.34 -48.49 -13.79
N SER J 131 -13.82 -47.53 -13.05
CA SER J 131 -14.69 -46.56 -12.39
C SER J 131 -14.93 -45.34 -13.26
N GLY J 132 -14.31 -45.33 -14.44
CA GLY J 132 -14.58 -44.27 -15.40
C GLY J 132 -16.03 -44.28 -15.88
N LYS J 133 -16.47 -43.18 -16.50
CA LYS J 133 -17.83 -43.07 -17.03
C LYS J 133 -18.18 -44.22 -17.95
N LYS J 134 -19.34 -44.84 -17.72
CA LYS J 134 -19.74 -45.97 -18.56
C LYS J 134 -19.89 -45.55 -20.01
N GLY J 135 -19.26 -46.33 -20.90
CA GLY J 135 -19.20 -46.04 -22.33
C GLY J 135 -17.91 -45.34 -22.69
N TYR J 136 -17.30 -44.69 -21.70
CA TYR J 136 -16.01 -44.04 -21.85
C TYR J 136 -14.78 -44.74 -21.29
N ARG J 137 -14.92 -46.00 -20.87
CA ARG J 137 -13.78 -46.76 -20.38
C ARG J 137 -13.07 -47.51 -21.50
N PHE J 138 -11.82 -47.14 -21.78
CA PHE J 138 -11.12 -47.63 -22.96
C PHE J 138 -9.90 -48.48 -22.63
N SER J 139 -9.49 -49.29 -23.61
CA SER J 139 -8.25 -50.03 -23.52
C SER J 139 -7.59 -50.13 -24.88
N LEU J 140 -6.29 -50.36 -24.89
CA LEU J 140 -5.61 -50.64 -26.15
C LEU J 140 -5.64 -52.15 -26.38
N LYS J 141 -5.14 -52.59 -27.52
CA LYS J 141 -5.29 -53.97 -27.95
C LYS J 141 -4.62 -54.94 -26.98
N ASN J 142 -3.38 -54.61 -26.60
CA ASN J 142 -2.55 -55.53 -25.84
C ASN J 142 -2.60 -55.34 -24.33
N SER J 143 -3.50 -54.48 -23.87
CA SER J 143 -3.64 -54.23 -22.44
C SER J 143 -4.04 -55.49 -21.67
N SER J 144 -3.62 -55.55 -20.40
CA SER J 144 -3.95 -56.65 -19.52
C SER J 144 -4.62 -56.13 -18.25
N PHE J 145 -5.55 -56.90 -17.71
CA PHE J 145 -6.24 -56.51 -16.50
C PHE J 145 -6.19 -57.62 -15.45
N CYS J 146 -6.30 -57.24 -14.18
CA CYS J 146 -6.35 -58.20 -13.10
C CYS J 146 -7.14 -57.70 -11.89
N LEU J 147 -7.87 -58.60 -11.24
CA LEU J 147 -8.50 -58.29 -9.96
C LEU J 147 -7.87 -59.19 -8.90
N ASN J 148 -7.57 -58.62 -7.74
CA ASN J 148 -6.83 -59.34 -6.70
C ASN J 148 -7.62 -59.55 -5.41
N GLN J 165 -11.38 -52.84 15.43
CA GLN J 165 -10.99 -54.25 15.33
C GLN J 165 -11.14 -54.76 13.90
N ASN J 166 -11.40 -56.06 13.76
CA ASN J 166 -11.57 -56.67 12.46
C ASN J 166 -12.79 -56.17 11.69
N LYS J 167 -13.69 -55.46 12.39
CA LYS J 167 -14.93 -55.02 11.76
C LYS J 167 -14.80 -53.67 11.03
N GLU J 168 -13.62 -53.06 11.10
CA GLU J 168 -13.30 -51.90 10.27
C GLU J 168 -12.85 -52.31 8.87
N ILE J 169 -12.01 -53.34 8.80
CA ILE J 169 -11.48 -53.84 7.53
C ILE J 169 -12.54 -54.62 6.75
N MET J 170 -13.40 -55.29 7.50
CA MET J 170 -14.61 -55.88 6.95
C MET J 170 -15.35 -54.83 6.13
N ASN J 171 -15.48 -53.64 6.70
CA ASN J 171 -16.15 -52.51 6.06
C ASN J 171 -15.52 -52.20 4.72
N THR J 172 -14.20 -52.27 4.69
CA THR J 172 -13.44 -51.94 3.49
C THR J 172 -13.60 -52.98 2.40
N LYS J 173 -13.39 -54.25 2.74
CA LYS J 173 -13.51 -55.33 1.76
C LYS J 173 -14.88 -55.35 1.12
N LYS J 174 -15.86 -54.80 1.84
CA LYS J 174 -17.24 -54.77 1.37
C LYS J 174 -17.45 -53.65 0.36
N LYS J 175 -16.83 -52.51 0.62
CA LYS J 175 -16.97 -51.35 -0.25
C LYS J 175 -16.35 -51.60 -1.63
N VAL J 176 -15.21 -52.30 -1.64
CA VAL J 176 -14.53 -52.68 -2.88
C VAL J 176 -15.30 -53.67 -3.76
N ILE J 177 -15.90 -54.68 -3.14
CA ILE J 177 -16.85 -55.57 -3.81
C ILE J 177 -18.01 -54.75 -4.41
N GLU J 178 -18.58 -53.87 -3.59
CA GLU J 178 -19.69 -53.02 -4.00
C GLU J 178 -19.34 -52.13 -5.19
N ILE J 179 -18.11 -51.64 -5.23
CA ILE J 179 -17.67 -50.80 -6.35
C ILE J 179 -17.52 -51.62 -7.63
N ILE J 180 -16.79 -52.72 -7.57
CA ILE J 180 -16.64 -53.59 -8.73
C ILE J 180 -18.02 -54.00 -9.27
N SER J 181 -18.94 -54.34 -8.37
CA SER J 181 -20.27 -54.75 -8.76
C SER J 181 -20.96 -53.69 -9.61
N LYS J 182 -21.04 -52.48 -9.06
CA LYS J 182 -21.70 -51.39 -9.77
C LYS J 182 -21.04 -51.17 -11.12
N ASN J 183 -19.71 -51.23 -11.14
CA ASN J 183 -18.93 -51.00 -12.36
C ASN J 183 -19.19 -52.05 -13.45
N THR J 184 -19.13 -53.33 -13.07
CA THR J 184 -19.29 -54.43 -14.02
C THR J 184 -20.73 -54.92 -14.15
N GLU J 185 -21.66 -54.24 -13.48
CA GLU J 185 -23.07 -54.58 -13.54
C GLU J 185 -23.31 -56.06 -13.22
N LYS J 186 -22.78 -56.49 -12.07
CA LYS J 186 -22.94 -57.87 -11.63
C LYS J 186 -23.49 -57.92 -10.20
N ASP J 187 -23.70 -59.12 -9.70
CA ASP J 187 -24.22 -59.30 -8.34
C ASP J 187 -23.09 -59.40 -7.33
N THR J 188 -23.28 -58.77 -6.17
CA THR J 188 -22.28 -58.78 -5.11
C THR J 188 -21.74 -60.19 -4.88
N ASN J 189 -22.60 -61.18 -5.05
CA ASN J 189 -22.20 -62.57 -4.83
C ASN J 189 -21.21 -63.06 -5.88
N VAL J 190 -21.57 -62.89 -7.15
CA VAL J 190 -20.75 -63.41 -8.24
C VAL J 190 -19.37 -62.75 -8.23
N ILE J 191 -19.31 -61.51 -7.76
CA ILE J 191 -18.04 -60.79 -7.67
C ILE J 191 -17.14 -61.35 -6.57
N SER J 192 -17.71 -61.54 -5.37
CA SER J 192 -16.95 -62.10 -4.26
C SER J 192 -16.38 -63.47 -4.60
N ASN J 193 -17.07 -64.18 -5.50
CA ASN J 193 -16.57 -65.44 -6.02
C ASN J 193 -15.37 -65.25 -6.94
N VAL J 194 -15.53 -64.34 -7.90
CA VAL J 194 -14.45 -64.03 -8.84
C VAL J 194 -13.17 -63.60 -8.12
N LEU J 195 -13.33 -63.02 -6.93
CA LEU J 195 -12.18 -62.50 -6.18
C LEU J 195 -11.45 -63.59 -5.39
N GLU J 196 -12.07 -64.75 -5.25
CA GLU J 196 -11.43 -65.85 -4.54
C GLU J 196 -10.20 -66.35 -5.30
N ARG J 197 -10.22 -66.20 -6.62
CA ARG J 197 -9.10 -66.61 -7.47
C ARG J 197 -8.54 -65.42 -8.23
N ASP J 198 -7.22 -65.33 -8.31
CA ASP J 198 -6.60 -64.31 -9.16
C ASP J 198 -7.00 -64.58 -10.60
N LYS J 199 -7.59 -63.58 -11.25
CA LYS J 199 -8.13 -63.75 -12.59
C LYS J 199 -7.58 -62.67 -13.51
N TYR J 200 -6.93 -63.08 -14.58
CA TYR J 200 -6.38 -62.13 -15.55
C TYR J 200 -7.22 -62.04 -16.80
N PHE J 201 -7.39 -60.82 -17.30
CA PHE J 201 -8.14 -60.57 -18.52
C PHE J 201 -7.20 -60.02 -19.59
N ASN J 202 -7.52 -60.29 -20.85
CA ASN J 202 -6.97 -59.49 -21.95
C ASN J 202 -8.04 -58.47 -22.30
N ALA J 203 -7.75 -57.60 -23.25
CA ALA J 203 -8.71 -56.57 -23.62
C ALA J 203 -10.13 -57.14 -23.84
N ASP J 204 -10.27 -58.05 -24.80
CA ASP J 204 -11.59 -58.61 -25.12
C ASP J 204 -12.27 -59.25 -23.91
N GLU J 205 -11.51 -60.03 -23.13
CA GLU J 205 -12.05 -60.65 -21.93
C GLU J 205 -12.60 -59.57 -21.01
N ALA J 206 -11.87 -58.47 -20.89
CA ALA J 206 -12.25 -57.38 -19.99
C ALA J 206 -13.51 -56.66 -20.47
N VAL J 207 -13.72 -56.66 -21.79
CA VAL J 207 -14.87 -55.99 -22.35
C VAL J 207 -16.14 -56.79 -22.10
N ASP J 208 -16.00 -58.11 -22.15
CA ASP J 208 -17.13 -59.00 -21.91
C ASP J 208 -17.53 -58.96 -20.44
N PHE J 209 -16.54 -58.91 -19.57
CA PHE J 209 -16.79 -58.88 -18.14
C PHE J 209 -17.35 -57.50 -17.74
N LYS J 210 -17.35 -56.59 -18.70
CA LYS J 210 -17.84 -55.23 -18.50
C LYS J 210 -16.97 -54.38 -17.55
N LEU J 211 -15.68 -54.67 -17.48
CA LEU J 211 -14.74 -53.76 -16.84
C LEU J 211 -14.46 -52.59 -17.80
N ILE J 212 -14.48 -52.89 -19.08
CA ILE J 212 -14.16 -51.94 -20.13
C ILE J 212 -15.31 -51.84 -21.12
N ASP J 213 -15.37 -50.74 -21.85
CA ASP J 213 -16.39 -50.53 -22.86
C ASP J 213 -15.89 -50.80 -24.28
N HIS J 214 -14.87 -50.06 -24.69
CA HIS J 214 -14.34 -50.18 -26.05
C HIS J 214 -12.83 -50.42 -26.13
N ILE J 215 -12.42 -51.07 -27.20
CA ILE J 215 -11.01 -51.21 -27.52
C ILE J 215 -10.64 -50.23 -28.64
N LEU J 216 -9.55 -49.49 -28.43
CA LEU J 216 -9.09 -48.52 -29.40
C LEU J 216 -7.95 -49.07 -30.24
N GLU J 217 -7.94 -48.74 -31.52
CA GLU J 217 -6.89 -49.22 -32.43
C GLU J 217 -7.25 -48.90 -33.88
N PRO K 36 19.75 -12.37 -9.55
CA PRO K 36 19.22 -11.00 -9.49
C PRO K 36 18.38 -10.87 -8.25
N SER K 37 18.99 -10.85 -7.07
CA SER K 37 18.16 -11.07 -5.89
C SER K 37 17.68 -9.80 -5.21
N LEU K 38 16.39 -9.49 -5.36
CA LEU K 38 15.69 -8.79 -4.29
C LEU K 38 16.51 -7.61 -3.75
N LEU K 39 17.09 -7.84 -2.58
CA LEU K 39 17.98 -6.90 -1.93
C LEU K 39 18.94 -6.16 -2.90
N LEU K 40 19.41 -6.89 -3.91
CA LEU K 40 20.30 -6.31 -4.90
C LEU K 40 19.55 -5.19 -5.62
N SER K 41 18.27 -5.42 -5.90
CA SER K 41 17.51 -4.49 -6.71
C SER K 41 17.49 -3.14 -6.02
N LYS K 42 17.67 -3.18 -4.71
CA LYS K 42 17.66 -1.98 -3.87
C LYS K 42 19.08 -1.48 -3.57
N ARG K 43 20.07 -2.07 -4.21
CA ARG K 43 21.45 -1.67 -3.98
C ARG K 43 21.90 -1.99 -2.54
N ILE K 44 21.38 -3.09 -2.03
CA ILE K 44 21.75 -3.59 -0.72
C ILE K 44 22.59 -4.85 -0.83
N ILE K 45 23.69 -4.87 -0.09
CA ILE K 45 24.48 -6.06 0.08
C ILE K 45 24.46 -6.40 1.57
N PHE K 46 24.05 -7.61 1.90
CA PHE K 46 23.90 -7.99 3.30
C PHE K 46 24.82 -9.16 3.63
N LEU K 47 25.85 -8.89 4.42
CA LEU K 47 26.75 -9.96 4.81
C LEU K 47 26.29 -10.43 6.17
N SER K 48 25.64 -11.59 6.20
CA SER K 48 25.05 -12.12 7.43
C SER K 48 25.85 -13.25 8.09
N SER K 49 26.99 -13.60 7.52
CA SER K 49 27.73 -14.77 7.96
C SER K 49 29.21 -14.47 8.23
N PRO K 50 29.96 -15.48 8.69
CA PRO K 50 31.42 -15.35 8.74
C PRO K 50 31.88 -15.17 7.31
N ILE K 51 33.09 -14.66 7.08
CA ILE K 51 33.46 -14.47 5.69
C ILE K 51 34.23 -15.69 5.19
N TYR K 52 33.48 -16.56 4.52
CA TYR K 52 34.03 -17.79 3.99
C TYR K 52 34.77 -17.44 2.71
N PRO K 53 35.52 -18.40 2.19
CA PRO K 53 36.25 -18.15 0.93
C PRO K 53 35.34 -17.61 -0.18
N HIS K 54 34.15 -18.20 -0.34
CA HIS K 54 33.28 -17.83 -1.45
C HIS K 54 32.59 -16.48 -1.25
N ILE K 55 32.65 -15.95 -0.03
CA ILE K 55 31.98 -14.69 0.30
C ILE K 55 32.61 -13.46 -0.37
N SER K 56 33.93 -13.36 -0.31
CA SER K 56 34.65 -12.29 -1.01
C SER K 56 34.23 -12.21 -2.48
N GLU K 57 34.25 -13.35 -3.18
CA GLU K 57 33.85 -13.38 -4.58
C GLU K 57 32.46 -12.72 -4.73
N GLN K 58 31.51 -13.09 -3.87
CA GLN K 58 30.13 -12.63 -4.00
C GLN K 58 30.01 -11.12 -3.82
N ILE K 59 30.62 -10.64 -2.75
CA ILE K 59 30.57 -9.22 -2.42
C ILE K 59 31.19 -8.38 -3.53
N ILE K 60 32.33 -8.81 -4.06
CA ILE K 60 32.95 -8.10 -5.17
C ILE K 60 32.08 -8.12 -6.43
N SER K 61 31.57 -9.30 -6.80
CA SER K 61 30.68 -9.41 -7.95
C SER K 61 29.54 -8.43 -7.77
N GLN K 62 28.99 -8.36 -6.56
CA GLN K 62 27.84 -7.47 -6.36
C GLN K 62 28.20 -6.00 -6.46
N LEU K 63 29.37 -5.63 -5.93
CA LEU K 63 29.84 -4.26 -6.07
C LEU K 63 30.04 -3.91 -7.55
N LEU K 64 30.82 -4.72 -8.28
CA LEU K 64 30.99 -4.51 -9.71
C LEU K 64 29.65 -4.35 -10.41
N TYR K 65 28.73 -5.27 -10.17
CA TYR K 65 27.43 -5.18 -10.81
C TYR K 65 26.73 -3.86 -10.54
N LEU K 66 26.65 -3.49 -9.27
CA LEU K 66 25.93 -2.28 -8.88
C LEU K 66 26.58 -1.07 -9.49
N GLU K 67 27.91 -1.06 -9.54
CA GLU K 67 28.65 0.06 -10.10
C GLU K 67 28.33 0.22 -11.59
N TYR K 68 28.29 -0.89 -12.32
CA TYR K 68 28.01 -0.85 -13.74
C TYR K 68 26.54 -0.55 -14.01
N GLU K 69 25.68 -0.78 -13.02
CA GLU K 69 24.26 -0.48 -13.21
C GLU K 69 23.96 1.01 -13.13
N SER K 70 24.40 1.64 -12.04
CA SER K 70 24.24 3.08 -11.85
C SER K 70 25.54 3.63 -11.28
N LYS K 71 26.13 4.59 -11.96
CA LYS K 71 27.51 4.94 -11.64
C LYS K 71 27.67 5.56 -10.25
N ARG K 72 26.98 6.66 -9.99
CA ARG K 72 27.20 7.32 -8.71
C ARG K 72 26.16 7.08 -7.58
N LYS K 73 25.16 6.25 -7.86
CA LYS K 73 24.20 5.86 -6.81
C LYS K 73 24.86 5.09 -5.67
N PRO K 74 24.51 5.42 -4.42
CA PRO K 74 25.15 4.78 -3.28
C PRO K 74 24.82 3.30 -3.18
N ILE K 75 25.69 2.57 -2.49
CA ILE K 75 25.49 1.16 -2.24
C ILE K 75 25.42 0.94 -0.73
N HIS K 76 24.47 0.14 -0.28
CA HIS K 76 24.32 -0.08 1.15
C HIS K 76 24.78 -1.46 1.60
N LEU K 77 25.92 -1.47 2.30
CA LEU K 77 26.52 -2.71 2.77
C LEU K 77 26.18 -2.93 4.25
N TYR K 78 25.30 -3.90 4.52
CA TYR K 78 24.93 -4.21 5.89
C TYR K 78 25.80 -5.37 6.40
N ILE K 79 26.31 -5.23 7.61
CA ILE K 79 27.26 -6.20 8.14
C ILE K 79 26.88 -6.76 9.49
N ASN K 80 26.62 -8.06 9.55
CA ASN K 80 26.65 -8.76 10.82
C ASN K 80 27.50 -10.02 10.68
N SER K 81 28.73 -9.98 11.21
CA SER K 81 29.71 -11.03 10.94
C SER K 81 30.82 -11.15 12.00
N THR K 82 31.29 -12.37 12.19
CA THR K 82 32.41 -12.64 13.11
C THR K 82 33.76 -12.66 12.40
N GLY K 83 33.76 -12.27 11.12
CA GLY K 83 34.97 -12.31 10.31
C GLY K 83 35.38 -13.71 9.85
N ASP K 84 36.65 -14.05 10.04
CA ASP K 84 37.19 -15.32 9.55
C ASP K 84 37.14 -16.45 10.58
N ILE K 85 36.52 -16.21 11.73
CA ILE K 85 36.36 -17.25 12.74
C ILE K 85 34.90 -17.57 12.98
N ASP K 86 34.61 -18.85 13.19
CA ASP K 86 33.26 -19.28 13.58
C ASP K 86 33.34 -20.36 14.67
N ASN K 87 32.75 -20.08 15.84
CA ASN K 87 32.83 -20.99 16.98
C ASN K 87 34.27 -21.41 17.27
N ASN K 88 35.11 -20.39 17.39
CA ASN K 88 36.56 -20.44 17.64
C ASN K 88 37.39 -21.22 16.62
N LYS K 89 36.84 -21.44 15.44
CA LYS K 89 37.55 -22.13 14.37
C LYS K 89 37.71 -21.22 13.16
N ILE K 90 38.94 -21.14 12.63
CA ILE K 90 39.18 -20.30 11.47
C ILE K 90 38.50 -20.93 10.28
N ILE K 91 37.56 -20.21 9.68
CA ILE K 91 36.84 -20.71 8.52
C ILE K 91 37.36 -20.16 7.20
N ASN K 92 38.33 -19.24 7.26
CA ASN K 92 39.00 -18.76 6.06
C ASN K 92 40.48 -18.53 6.31
N LEU K 93 41.34 -19.23 5.56
CA LEU K 93 42.77 -19.06 5.73
C LEU K 93 43.26 -17.82 4.96
N ASN K 94 42.41 -17.37 4.03
CA ASN K 94 42.69 -16.19 3.22
C ASN K 94 42.04 -14.90 3.70
N GLY K 95 41.40 -14.96 4.87
CA GLY K 95 40.52 -13.88 5.29
C GLY K 95 41.09 -12.49 5.11
N ILE K 96 42.31 -12.26 5.60
CA ILE K 96 42.92 -10.93 5.46
C ILE K 96 42.98 -10.49 4.00
N THR K 97 43.76 -11.20 3.20
CA THR K 97 43.92 -10.84 1.78
C THR K 97 42.56 -10.66 1.11
N ASP K 98 41.58 -11.45 1.52
CA ASP K 98 40.27 -11.38 0.91
C ASP K 98 39.61 -10.04 1.20
N VAL K 99 39.59 -9.68 2.48
CA VAL K 99 38.96 -8.44 2.89
C VAL K 99 39.68 -7.28 2.21
N ILE K 100 41.00 -7.38 2.11
CA ILE K 100 41.77 -6.35 1.47
C ILE K 100 41.33 -6.14 0.03
N SER K 101 41.07 -7.24 -0.68
CA SER K 101 40.57 -7.16 -2.05
C SER K 101 39.28 -6.35 -2.09
N ILE K 102 38.38 -6.66 -1.17
CA ILE K 102 37.09 -5.98 -1.12
C ILE K 102 37.26 -4.48 -0.99
N VAL K 103 37.99 -4.04 0.03
CA VAL K 103 38.11 -2.60 0.25
C VAL K 103 38.81 -1.94 -0.93
N ASP K 104 39.72 -2.67 -1.57
CA ASP K 104 40.36 -2.12 -2.75
C ASP K 104 39.37 -1.78 -3.85
N VAL K 105 38.47 -2.70 -4.15
CA VAL K 105 37.39 -2.46 -5.09
C VAL K 105 36.46 -1.37 -4.59
N ILE K 106 36.16 -1.41 -3.30
CA ILE K 106 35.34 -0.37 -2.67
C ILE K 106 35.93 1.00 -2.94
N ASN K 107 37.26 1.09 -2.95
CA ASN K 107 37.94 2.34 -3.24
C ASN K 107 38.05 2.62 -4.74
N TYR K 108 37.96 1.58 -5.54
CA TYR K 108 38.09 1.71 -6.98
C TYR K 108 36.82 2.30 -7.59
N ILE K 109 35.66 1.81 -7.15
CA ILE K 109 34.41 2.23 -7.77
C ILE K 109 34.00 3.64 -7.39
N SER K 110 33.19 4.26 -8.25
CA SER K 110 32.72 5.63 -8.07
C SER K 110 31.55 5.72 -7.09
N SER K 111 30.71 4.69 -7.06
CA SER K 111 29.59 4.65 -6.14
C SER K 111 30.10 4.63 -4.71
N ASP K 112 29.58 5.52 -3.88
CA ASP K 112 29.94 5.50 -2.46
C ASP K 112 29.29 4.27 -1.80
N VAL K 113 30.04 3.66 -0.89
CA VAL K 113 29.51 2.55 -0.12
C VAL K 113 29.26 3.04 1.30
N TYR K 114 28.03 2.90 1.74
CA TYR K 114 27.69 3.13 3.13
C TYR K 114 27.75 1.80 3.85
N THR K 115 28.14 1.83 5.12
CA THR K 115 28.14 0.61 5.93
C THR K 115 27.21 0.71 7.14
N TYR K 116 26.54 -0.40 7.45
CA TYR K 116 25.69 -0.48 8.62
C TYR K 116 26.00 -1.75 9.37
N CYS K 117 26.46 -1.62 10.61
CA CYS K 117 26.71 -2.81 11.42
C CYS K 117 25.45 -3.15 12.20
N LEU K 118 24.93 -4.37 12.02
CA LEU K 118 23.63 -4.73 12.65
C LEU K 118 23.64 -5.57 13.96
N GLY K 119 24.37 -6.68 13.98
CA GLY K 119 24.85 -7.30 15.21
C GLY K 119 26.31 -7.10 15.61
N LYS K 120 27.22 -7.50 14.73
CA LYS K 120 28.64 -7.57 15.08
C LYS K 120 29.51 -7.35 13.86
N ALA K 121 30.63 -6.67 14.03
CA ALA K 121 31.70 -6.74 13.06
C ALA K 121 32.98 -7.06 13.81
N TYR K 122 33.48 -8.29 13.64
CA TYR K 122 34.69 -8.72 14.33
C TYR K 122 35.79 -9.01 13.32
N GLY K 123 37.03 -8.87 13.76
CA GLY K 123 38.15 -9.16 12.88
C GLY K 123 38.01 -8.45 11.55
N ILE K 124 38.13 -9.22 10.48
CA ILE K 124 38.12 -8.62 9.13
C ILE K 124 36.80 -7.92 8.82
N ALA K 125 35.73 -8.31 9.53
CA ALA K 125 34.43 -7.67 9.35
C ALA K 125 34.46 -6.24 9.88
N CYS K 126 35.22 -6.03 10.95
CA CYS K 126 35.39 -4.70 11.48
C CYS K 126 36.18 -3.84 10.50
N ILE K 127 37.29 -4.37 10.01
CA ILE K 127 38.07 -3.69 8.99
C ILE K 127 37.18 -3.28 7.84
N LEU K 128 36.29 -4.18 7.45
CA LEU K 128 35.38 -3.96 6.35
C LEU K 128 34.38 -2.85 6.68
N ALA K 129 33.75 -2.93 7.84
CA ALA K 129 32.75 -1.93 8.24
C ALA K 129 33.33 -0.53 8.20
N SER K 130 34.56 -0.39 8.68
CA SER K 130 35.19 0.91 8.80
C SER K 130 35.67 1.48 7.47
N SER K 131 35.60 0.67 6.42
CA SER K 131 36.10 1.13 5.13
C SER K 131 35.04 1.84 4.29
N GLY K 132 33.82 1.90 4.84
CA GLY K 132 32.77 2.65 4.19
C GLY K 132 33.11 4.13 4.10
N LYS K 133 32.40 4.85 3.23
CA LYS K 133 32.58 6.30 3.09
C LYS K 133 32.52 7.06 4.44
N LYS K 134 33.51 7.89 4.71
CA LYS K 134 33.50 8.62 5.97
C LYS K 134 32.27 9.50 6.07
N GLY K 135 31.62 9.44 7.23
CA GLY K 135 30.37 10.12 7.49
C GLY K 135 29.18 9.20 7.23
N TYR K 136 29.42 8.19 6.39
CA TYR K 136 28.41 7.18 6.09
C TYR K 136 28.52 5.81 6.76
N ARG K 137 29.43 5.69 7.72
CA ARG K 137 29.57 4.44 8.46
C ARG K 137 28.65 4.39 9.68
N PHE K 138 27.71 3.45 9.67
CA PHE K 138 26.66 3.41 10.70
C PHE K 138 26.66 2.15 11.55
N SER K 139 26.06 2.27 12.72
CA SER K 139 25.85 1.13 13.61
C SER K 139 24.56 1.30 14.38
N LEU K 140 24.00 0.19 14.83
CA LEU K 140 22.82 0.24 15.68
C LEU K 140 23.29 0.35 17.12
N LYS K 141 22.34 0.51 18.04
CA LYS K 141 22.69 0.81 19.43
C LYS K 141 23.51 -0.30 20.07
N ASN K 142 23.07 -1.54 19.88
CA ASN K 142 23.65 -2.69 20.57
C ASN K 142 24.77 -3.41 19.82
N SER K 143 25.19 -2.86 18.67
CA SER K 143 26.26 -3.47 17.89
C SER K 143 27.56 -3.56 18.66
N SER K 144 28.37 -4.57 18.31
CA SER K 144 29.67 -4.76 18.93
C SER K 144 30.76 -4.84 17.87
N PHE K 145 31.95 -4.35 18.20
CA PHE K 145 33.06 -4.36 17.26
C PHE K 145 34.30 -4.97 17.88
N CYS K 146 35.16 -5.53 17.04
CA CYS K 146 36.42 -6.07 17.54
C CYS K 146 37.52 -6.00 16.49
N LEU K 147 38.74 -5.72 16.93
CA LEU K 147 39.92 -5.81 16.09
C LEU K 147 40.83 -6.92 16.61
N ASN K 148 41.33 -7.75 15.70
CA ASN K 148 42.09 -8.95 16.08
C ASN K 148 43.55 -8.93 15.64
N ILE K 169 53.38 -12.77 4.60
CA ILE K 169 53.05 -12.39 5.97
C ILE K 169 53.30 -10.92 6.27
N MET K 170 54.51 -10.44 5.96
CA MET K 170 54.94 -9.12 6.39
C MET K 170 54.21 -8.03 5.60
N ASN K 171 54.23 -8.18 4.28
CA ASN K 171 53.58 -7.23 3.38
C ASN K 171 52.11 -7.09 3.70
N THR K 172 51.48 -8.21 4.03
CA THR K 172 50.05 -8.24 4.32
C THR K 172 49.70 -7.58 5.65
N LYS K 173 50.37 -7.99 6.72
CA LYS K 173 50.15 -7.41 8.05
C LYS K 173 50.34 -5.89 8.04
N LYS K 174 51.15 -5.40 7.12
CA LYS K 174 51.41 -3.97 6.99
C LYS K 174 50.25 -3.24 6.32
N LYS K 175 49.68 -3.86 5.29
CA LYS K 175 48.59 -3.27 4.52
C LYS K 175 47.34 -3.12 5.38
N VAL K 176 47.11 -4.06 6.27
CA VAL K 176 45.94 -4.02 7.16
C VAL K 176 46.09 -2.91 8.22
N ILE K 177 47.25 -2.83 8.85
CA ILE K 177 47.54 -1.70 9.73
C ILE K 177 47.30 -0.39 8.99
N GLU K 178 47.82 -0.30 7.76
CA GLU K 178 47.69 0.89 6.93
C GLU K 178 46.22 1.26 6.64
N ILE K 179 45.40 0.24 6.43
CA ILE K 179 43.97 0.46 6.17
C ILE K 179 43.25 0.97 7.43
N ILE K 180 43.43 0.28 8.55
CA ILE K 180 42.81 0.72 9.79
C ILE K 180 43.19 2.15 10.10
N SER K 181 44.48 2.47 9.93
CA SER K 181 44.99 3.81 10.20
C SER K 181 44.23 4.86 9.40
N LYS K 182 44.16 4.68 8.08
CA LYS K 182 43.51 5.66 7.23
C LYS K 182 42.07 5.81 7.68
N ASN K 183 41.45 4.67 8.02
CA ASN K 183 40.04 4.63 8.39
C ASN K 183 39.75 5.37 9.70
N THR K 184 40.54 5.09 10.71
CA THR K 184 40.33 5.65 12.04
C THR K 184 41.10 6.96 12.26
N GLU K 185 41.77 7.43 11.21
CA GLU K 185 42.56 8.66 11.27
C GLU K 185 43.55 8.64 12.45
N LYS K 186 44.34 7.58 12.52
CA LYS K 186 45.38 7.44 13.54
C LYS K 186 46.71 7.04 12.90
N ASP K 187 47.80 7.22 13.64
CA ASP K 187 49.13 6.90 13.13
C ASP K 187 49.38 5.40 13.16
N THR K 188 50.21 4.93 12.23
CA THR K 188 50.46 3.50 12.10
C THR K 188 50.95 2.90 13.41
N ASN K 189 51.63 3.70 14.21
CA ASN K 189 52.21 3.20 15.46
C ASN K 189 51.13 2.87 16.49
N VAL K 190 50.25 3.84 16.74
CA VAL K 190 49.23 3.67 17.76
C VAL K 190 48.30 2.51 17.41
N ILE K 191 48.11 2.25 16.12
CA ILE K 191 47.28 1.14 15.68
C ILE K 191 47.94 -0.21 15.96
N SER K 192 49.22 -0.34 15.58
CA SER K 192 49.95 -1.58 15.80
C SER K 192 49.99 -1.95 17.28
N ASN K 193 49.90 -0.92 18.13
CA ASN K 193 49.80 -1.13 19.57
C ASN K 193 48.44 -1.69 19.96
N VAL K 194 47.38 -1.04 19.46
CA VAL K 194 46.02 -1.46 19.73
C VAL K 194 45.79 -2.91 19.30
N LEU K 195 46.53 -3.36 18.31
CA LEU K 195 46.35 -4.71 17.77
C LEU K 195 47.07 -5.78 18.59
N GLU K 196 47.96 -5.36 19.49
CA GLU K 196 48.67 -6.31 20.34
C GLU K 196 47.71 -7.01 21.31
N LYS K 199 40.70 -6.11 21.50
CA LYS K 199 39.99 -4.96 22.06
C LYS K 199 38.56 -4.92 21.51
N TYR K 200 37.59 -4.94 22.41
CA TYR K 200 36.19 -4.91 22.00
C TYR K 200 35.58 -3.53 22.22
N PHE K 201 34.75 -3.10 21.27
CA PHE K 201 34.07 -1.82 21.36
C PHE K 201 32.57 -2.05 21.44
N ASN K 202 31.86 -1.15 22.11
CA ASN K 202 30.43 -1.04 21.90
C ASN K 202 30.23 0.09 20.89
N ALA K 203 29.00 0.38 20.52
CA ALA K 203 28.77 1.41 19.50
C ALA K 203 29.48 2.74 19.83
N ASP K 204 29.19 3.31 21.00
CA ASP K 204 29.78 4.58 21.39
C ASP K 204 31.32 4.55 21.41
N GLU K 205 31.89 3.47 21.95
CA GLU K 205 33.33 3.28 21.95
C GLU K 205 33.89 3.31 20.54
N ALA K 206 33.17 2.66 19.63
CA ALA K 206 33.58 2.57 18.23
C ALA K 206 33.48 3.92 17.53
N VAL K 207 32.55 4.76 17.98
CA VAL K 207 32.39 6.08 17.37
C VAL K 207 33.53 7.01 17.77
N ASP K 208 33.98 6.89 19.01
CA ASP K 208 35.09 7.70 19.51
C ASP K 208 36.40 7.29 18.86
N PHE K 209 36.58 5.98 18.68
CA PHE K 209 37.79 5.48 18.07
C PHE K 209 37.80 5.79 16.58
N LYS K 210 36.67 6.32 16.09
CA LYS K 210 36.50 6.68 14.69
C LYS K 210 36.48 5.48 13.73
N LEU K 211 36.02 4.33 14.22
CA LEU K 211 35.68 3.21 13.34
C LEU K 211 34.35 3.49 12.67
N ILE K 212 33.47 4.17 13.40
CA ILE K 212 32.11 4.45 12.98
C ILE K 212 31.87 5.95 13.03
N ASP K 213 30.87 6.41 12.30
CA ASP K 213 30.48 7.82 12.31
C ASP K 213 29.25 8.08 13.16
N HIS K 214 28.14 7.43 12.82
CA HIS K 214 26.88 7.68 13.51
C HIS K 214 26.19 6.42 14.06
N ILE K 215 25.36 6.60 15.08
CA ILE K 215 24.60 5.49 15.62
C ILE K 215 23.23 5.60 14.95
N LEU K 216 22.81 4.52 14.29
CA LEU K 216 21.53 4.53 13.59
C LEU K 216 20.42 4.74 14.60
N GLU K 217 19.44 5.57 14.24
CA GLU K 217 18.34 5.84 15.15
C GLU K 217 17.25 6.66 14.47
N LYS K 218 16.03 6.56 14.99
CA LYS K 218 14.90 7.29 14.44
C LYS K 218 13.71 6.38 14.18
N PRO L 36 22.60 -17.40 -17.91
CA PRO L 36 22.83 -15.96 -17.96
C PRO L 36 22.83 -15.40 -16.55
N SER L 37 23.96 -14.86 -16.15
CA SER L 37 24.13 -14.27 -14.83
C SER L 37 24.50 -12.79 -14.79
N LEU L 38 23.55 -11.93 -14.43
CA LEU L 38 23.93 -10.70 -13.74
C LEU L 38 25.11 -10.25 -14.58
N LEU L 39 26.29 -10.33 -13.99
CA LEU L 39 27.47 -9.63 -14.43
C LEU L 39 27.57 -9.82 -15.94
N LEU L 40 27.12 -10.96 -16.42
CA LEU L 40 27.19 -11.25 -17.84
C LEU L 40 26.39 -10.18 -18.58
N SER L 41 25.27 -9.79 -18.00
CA SER L 41 24.38 -8.84 -18.66
C SER L 41 25.12 -7.54 -18.93
N LYS L 42 26.15 -7.28 -18.12
CA LYS L 42 26.94 -6.06 -18.22
C LYS L 42 28.23 -6.28 -18.99
N ARG L 43 28.37 -7.47 -19.57
CA ARG L 43 29.57 -7.82 -20.33
C ARG L 43 30.79 -7.89 -19.41
N ILE L 44 30.55 -8.35 -18.19
CA ILE L 44 31.61 -8.57 -17.23
C ILE L 44 31.89 -10.06 -17.04
N ILE L 45 33.16 -10.42 -17.07
CA ILE L 45 33.58 -11.75 -16.69
C ILE L 45 34.55 -11.59 -15.53
N PHE L 46 34.23 -12.24 -14.41
CA PHE L 46 35.02 -12.07 -13.20
C PHE L 46 35.67 -13.38 -12.80
N LEU L 47 36.98 -13.50 -13.00
CA LEU L 47 37.68 -14.69 -12.53
C LEU L 47 38.19 -14.41 -11.12
N SER L 48 37.52 -15.00 -10.14
CA SER L 48 37.85 -14.77 -8.72
C SER L 48 38.64 -15.90 -8.06
N SER L 49 38.99 -16.93 -8.83
CA SER L 49 39.56 -18.14 -8.23
C SER L 49 40.82 -18.58 -8.95
N PRO L 50 41.46 -19.65 -8.46
CA PRO L 50 42.54 -20.29 -9.21
C PRO L 50 41.92 -20.79 -10.49
N ILE L 51 42.71 -21.09 -11.52
CA ILE L 51 42.06 -21.49 -12.74
C ILE L 51 42.05 -23.00 -12.74
N TYR L 52 40.90 -23.54 -12.36
CA TYR L 52 40.68 -24.98 -12.30
C TYR L 52 40.33 -25.45 -13.71
N PRO L 53 40.32 -26.76 -13.91
CA PRO L 53 40.01 -27.30 -15.24
C PRO L 53 38.72 -26.73 -15.85
N HIS L 54 37.68 -26.60 -15.03
CA HIS L 54 36.39 -26.17 -15.54
C HIS L 54 36.30 -24.66 -15.80
N ILE L 55 37.30 -23.92 -15.35
CA ILE L 55 37.27 -22.47 -15.50
C ILE L 55 37.49 -22.02 -16.94
N SER L 56 38.49 -22.60 -17.60
CA SER L 56 38.73 -22.29 -19.01
C SER L 56 37.44 -22.45 -19.82
N GLU L 57 36.78 -23.59 -19.69
CA GLU L 57 35.52 -23.80 -20.41
C GLU L 57 34.56 -22.63 -20.17
N GLN L 58 34.40 -22.17 -18.92
CA GLN L 58 33.44 -21.12 -18.56
C GLN L 58 33.81 -19.79 -19.20
N ILE L 59 35.08 -19.43 -19.09
CA ILE L 59 35.53 -18.15 -19.64
C ILE L 59 35.35 -18.09 -21.15
N ILE L 60 35.72 -19.18 -21.83
CA ILE L 60 35.53 -19.26 -23.26
C ILE L 60 34.04 -19.17 -23.65
N SER L 61 33.19 -19.98 -23.02
CA SER L 61 31.77 -19.92 -23.31
C SER L 61 31.29 -18.49 -23.19
N GLN L 62 31.69 -17.81 -22.12
CA GLN L 62 31.22 -16.45 -21.89
C GLN L 62 31.73 -15.48 -22.97
N LEU L 63 33.00 -15.61 -23.36
CA LEU L 63 33.52 -14.82 -24.47
C LEU L 63 32.74 -15.07 -25.76
N LEU L 64 32.62 -16.32 -26.17
CA LEU L 64 31.79 -16.63 -27.33
C LEU L 64 30.41 -16.00 -27.19
N TYR L 65 29.72 -16.24 -26.07
CA TYR L 65 28.39 -15.67 -25.92
C TYR L 65 28.36 -14.16 -26.10
N LEU L 66 29.23 -13.45 -25.40
CA LEU L 66 29.25 -12.00 -25.49
C LEU L 66 29.54 -11.52 -26.90
N GLU L 67 30.44 -12.20 -27.58
CA GLU L 67 30.78 -11.85 -28.97
C GLU L 67 29.57 -12.01 -29.90
N TYR L 68 28.83 -13.10 -29.78
CA TYR L 68 27.66 -13.30 -30.61
C TYR L 68 26.52 -12.37 -30.23
N GLU L 69 26.53 -11.85 -29.00
CA GLU L 69 25.46 -10.95 -28.56
C GLU L 69 25.61 -9.55 -29.18
N SER L 70 26.77 -8.96 -28.99
CA SER L 70 27.08 -7.66 -29.57
C SER L 70 28.48 -7.75 -30.15
N LYS L 71 28.60 -7.49 -31.45
CA LYS L 71 29.84 -7.76 -32.21
C LYS L 71 31.08 -6.93 -31.87
N ARG L 72 30.90 -5.62 -31.68
CA ARG L 72 32.01 -4.71 -31.38
C ARG L 72 32.06 -4.08 -29.97
N LYS L 73 31.05 -4.35 -29.15
CA LYS L 73 31.03 -3.89 -27.75
C LYS L 73 32.11 -4.54 -26.88
N PRO L 74 32.78 -3.75 -26.01
CA PRO L 74 33.92 -4.23 -25.23
C PRO L 74 33.48 -5.21 -24.16
N ILE L 75 34.41 -6.08 -23.78
CA ILE L 75 34.18 -7.06 -22.72
C ILE L 75 35.12 -6.80 -21.56
N HIS L 76 34.60 -6.81 -20.34
CA HIS L 76 35.42 -6.47 -19.17
C HIS L 76 35.78 -7.67 -18.33
N LEU L 77 37.05 -8.07 -18.39
CA LEU L 77 37.53 -9.26 -17.71
C LEU L 77 38.27 -8.85 -16.44
N TYR L 78 37.64 -9.10 -15.30
CA TYR L 78 38.26 -8.78 -14.03
C TYR L 78 38.99 -10.01 -13.48
N ILE L 79 40.21 -9.81 -13.02
CA ILE L 79 41.04 -10.93 -12.62
C ILE L 79 41.61 -10.79 -11.21
N ASN L 80 41.21 -11.69 -10.32
CA ASN L 80 41.97 -11.88 -9.09
C ASN L 80 42.23 -13.37 -8.92
N SER L 81 43.45 -13.82 -9.21
CA SER L 81 43.75 -15.25 -9.28
C SER L 81 45.21 -15.61 -9.09
N THR L 82 45.45 -16.78 -8.51
CA THR L 82 46.80 -17.30 -8.30
C THR L 82 47.25 -18.23 -9.43
N GLY L 83 46.46 -18.30 -10.49
CA GLY L 83 46.75 -19.18 -11.61
C GLY L 83 46.44 -20.63 -11.35
N ASP L 84 47.39 -21.51 -11.65
CA ASP L 84 47.17 -22.94 -11.54
C ASP L 84 47.61 -23.54 -10.21
N ILE L 85 48.03 -22.69 -9.27
CA ILE L 85 48.40 -23.17 -7.95
C ILE L 85 47.47 -22.61 -6.88
N ASP L 86 47.15 -23.43 -5.89
CA ASP L 86 46.39 -22.97 -4.72
C ASP L 86 46.99 -23.57 -3.45
N ASN L 87 47.46 -22.69 -2.57
CA ASN L 87 48.05 -23.12 -1.31
C ASN L 87 49.33 -23.92 -1.53
N ASN L 88 49.98 -23.68 -2.66
CA ASN L 88 51.22 -24.36 -3.00
C ASN L 88 50.98 -25.60 -3.85
N LYS L 89 49.73 -26.04 -3.91
CA LYS L 89 49.38 -27.24 -4.70
C LYS L 89 48.87 -26.92 -6.12
N ILE L 90 49.38 -27.63 -7.12
CA ILE L 90 48.91 -27.42 -8.48
C ILE L 90 47.48 -27.94 -8.60
N ILE L 91 46.55 -27.05 -8.95
CA ILE L 91 45.16 -27.44 -9.07
C ILE L 91 44.72 -27.66 -10.52
N ASN L 92 45.61 -27.40 -11.46
CA ASN L 92 45.35 -27.71 -12.86
C ASN L 92 46.61 -28.21 -13.58
N LEU L 93 46.56 -29.42 -14.10
CA LEU L 93 47.71 -29.97 -14.80
C LEU L 93 47.75 -29.46 -16.23
N ASN L 94 46.62 -28.92 -16.68
CA ASN L 94 46.48 -28.33 -18.00
C ASN L 94 46.61 -26.81 -18.07
N GLY L 95 46.97 -26.19 -16.96
CA GLY L 95 46.87 -24.74 -16.85
C GLY L 95 47.43 -23.97 -18.03
N ILE L 96 48.67 -24.24 -18.42
CA ILE L 96 49.25 -23.55 -19.56
C ILE L 96 48.38 -23.65 -20.81
N THR L 97 48.23 -24.87 -21.35
CA THR L 97 47.44 -25.06 -22.56
C THR L 97 46.05 -24.43 -22.44
N ASP L 98 45.49 -24.45 -21.24
CA ASP L 98 44.17 -23.88 -21.01
C ASP L 98 44.18 -22.37 -21.23
N VAL L 99 45.07 -21.67 -20.54
CA VAL L 99 45.17 -20.23 -20.70
C VAL L 99 45.46 -19.85 -22.15
N ILE L 100 46.37 -20.59 -22.79
CA ILE L 100 46.63 -20.40 -24.22
C ILE L 100 45.35 -20.44 -25.06
N SER L 101 44.46 -21.38 -24.76
CA SER L 101 43.20 -21.46 -25.49
C SER L 101 42.43 -20.17 -25.32
N ILE L 102 42.42 -19.67 -24.10
CA ILE L 102 41.65 -18.46 -23.81
C ILE L 102 42.15 -17.30 -24.63
N VAL L 103 43.45 -17.06 -24.59
CA VAL L 103 44.04 -15.91 -25.25
C VAL L 103 43.74 -16.04 -26.73
N ASP L 104 43.82 -17.27 -27.24
CA ASP L 104 43.56 -17.50 -28.65
C ASP L 104 42.18 -17.01 -29.06
N VAL L 105 41.16 -17.40 -28.29
CA VAL L 105 39.80 -16.95 -28.53
C VAL L 105 39.70 -15.44 -28.35
N ILE L 106 40.39 -14.93 -27.32
CA ILE L 106 40.44 -13.50 -27.08
C ILE L 106 40.93 -12.77 -28.33
N ASN L 107 41.87 -13.40 -29.04
CA ASN L 107 42.41 -12.81 -30.27
C ASN L 107 41.52 -13.06 -31.48
N TYR L 108 40.70 -14.08 -31.39
CA TYR L 108 39.82 -14.46 -32.48
C TYR L 108 38.62 -13.53 -32.57
N ILE L 109 38.06 -13.16 -31.41
CA ILE L 109 36.83 -12.38 -31.43
C ILE L 109 37.07 -10.91 -31.74
N SER L 110 36.04 -10.25 -32.27
CA SER L 110 36.11 -8.85 -32.70
C SER L 110 35.98 -7.89 -31.51
N SER L 111 35.21 -8.31 -30.51
CA SER L 111 35.03 -7.51 -29.30
C SER L 111 36.36 -7.37 -28.57
N ASP L 112 36.71 -6.13 -28.23
CA ASP L 112 37.95 -5.88 -27.49
C ASP L 112 37.73 -6.35 -26.05
N VAL L 113 38.76 -6.97 -25.49
CA VAL L 113 38.70 -7.38 -24.10
C VAL L 113 39.59 -6.46 -23.29
N TYR L 114 39.01 -5.81 -22.30
CA TYR L 114 39.77 -5.05 -21.32
C TYR L 114 40.02 -5.92 -20.11
N THR L 115 41.17 -5.75 -19.46
CA THR L 115 41.46 -6.52 -18.27
C THR L 115 41.71 -5.63 -17.05
N TYR L 116 41.24 -6.10 -15.91
CA TYR L 116 41.41 -5.36 -14.66
C TYR L 116 41.88 -6.33 -13.62
N CYS L 117 43.08 -6.10 -13.09
CA CYS L 117 43.59 -6.95 -12.03
C CYS L 117 43.17 -6.36 -10.69
N LEU L 118 42.40 -7.12 -9.92
CA LEU L 118 41.92 -6.62 -8.66
C LEU L 118 42.91 -6.90 -7.52
N GLY L 119 42.96 -8.13 -7.03
CA GLY L 119 44.02 -8.51 -6.10
C GLY L 119 45.35 -9.00 -6.68
N LYS L 120 45.30 -10.04 -7.50
CA LYS L 120 46.52 -10.70 -7.91
C LYS L 120 46.32 -11.34 -9.26
N ALA L 121 47.38 -11.32 -10.07
CA ALA L 121 47.45 -12.20 -11.22
C ALA L 121 48.80 -12.90 -11.18
N TYR L 122 48.80 -14.19 -10.87
CA TYR L 122 50.04 -14.95 -10.77
C TYR L 122 50.05 -16.03 -11.84
N GLY L 123 51.24 -16.44 -12.26
CA GLY L 123 51.36 -17.51 -13.22
C GLY L 123 50.50 -17.26 -14.44
N ILE L 124 49.71 -18.26 -14.82
CA ILE L 124 48.86 -18.15 -16.00
C ILE L 124 47.84 -17.00 -15.93
N ALA L 125 47.51 -16.57 -14.71
CA ALA L 125 46.62 -15.42 -14.53
C ALA L 125 47.29 -14.15 -15.01
N CYS L 126 48.60 -14.05 -14.79
CA CYS L 126 49.36 -12.90 -15.28
C CYS L 126 49.42 -12.87 -16.80
N ILE L 127 49.80 -14.00 -17.39
CA ILE L 127 49.74 -14.16 -18.83
C ILE L 127 48.39 -13.72 -19.36
N LEU L 128 47.32 -14.12 -18.67
CA LEU L 128 45.97 -13.79 -19.10
C LEU L 128 45.70 -12.29 -19.00
N ALA L 129 46.08 -11.70 -17.88
CA ALA L 129 45.82 -10.28 -17.66
C ALA L 129 46.46 -9.45 -18.76
N SER L 130 47.69 -9.82 -19.12
CA SER L 130 48.47 -9.03 -20.07
C SER L 130 48.03 -9.21 -21.51
N SER L 131 47.08 -10.12 -21.73
CA SER L 131 46.63 -10.40 -23.08
C SER L 131 45.46 -9.54 -23.50
N GLY L 132 44.97 -8.72 -22.56
CA GLY L 132 43.95 -7.72 -22.89
C GLY L 132 44.42 -6.70 -23.90
N LYS L 133 43.48 -5.99 -24.52
CA LYS L 133 43.80 -4.99 -25.55
C LYS L 133 44.80 -3.97 -25.04
N LYS L 134 45.84 -3.71 -25.84
CA LYS L 134 46.84 -2.76 -25.41
C LYS L 134 46.24 -1.38 -25.20
N GLY L 135 46.54 -0.81 -24.05
CA GLY L 135 46.01 0.48 -23.66
C GLY L 135 44.84 0.29 -22.72
N TYR L 136 44.21 -0.88 -22.83
CA TYR L 136 43.10 -1.28 -21.98
C TYR L 136 43.36 -2.27 -20.83
N ARG L 137 44.64 -2.53 -20.55
CA ARG L 137 45.00 -3.42 -19.46
C ARG L 137 45.19 -2.64 -18.16
N PHE L 138 44.32 -2.91 -17.18
CA PHE L 138 44.27 -2.12 -15.95
C PHE L 138 44.64 -2.88 -14.69
N SER L 139 45.01 -2.13 -13.65
CA SER L 139 45.26 -2.68 -12.33
C SER L 139 44.89 -1.66 -11.27
N LEU L 140 44.58 -2.14 -10.08
CA LEU L 140 44.38 -1.24 -8.95
C LEU L 140 45.73 -0.99 -8.27
N LYS L 141 45.74 -0.10 -7.28
CA LYS L 141 46.98 0.36 -6.70
C LYS L 141 47.79 -0.77 -6.04
N ASN L 142 47.10 -1.61 -5.27
CA ASN L 142 47.77 -2.62 -4.46
C ASN L 142 47.90 -3.99 -5.14
N SER L 143 47.52 -4.08 -6.40
CA SER L 143 47.60 -5.35 -7.13
C SER L 143 49.04 -5.88 -7.19
N SER L 144 49.16 -7.19 -7.28
CA SER L 144 50.46 -7.84 -7.41
C SER L 144 50.46 -8.77 -8.61
N PHE L 145 51.61 -8.88 -9.26
CA PHE L 145 51.74 -9.75 -10.44
C PHE L 145 52.93 -10.69 -10.30
N CYS L 146 52.85 -11.83 -10.98
CA CYS L 146 53.97 -12.76 -10.98
C CYS L 146 54.02 -13.58 -12.27
N LEU L 147 55.24 -13.82 -12.75
CA LEU L 147 55.46 -14.77 -13.84
C LEU L 147 56.21 -15.98 -13.32
N ASN L 148 55.78 -17.16 -13.72
CA ASN L 148 56.34 -18.37 -13.15
C ASN L 148 57.14 -19.18 -14.14
N SER L 152 55.38 -27.72 -16.08
CA SER L 152 54.82 -28.87 -16.80
C SER L 152 55.11 -30.14 -16.00
N ILE L 153 54.05 -30.85 -15.64
CA ILE L 153 54.19 -32.04 -14.79
C ILE L 153 53.59 -33.25 -15.50
N ILE L 154 54.24 -34.40 -15.35
CA ILE L 154 53.88 -35.61 -16.09
C ILE L 154 53.77 -36.84 -15.21
N PRO L 155 52.55 -37.16 -14.77
CA PRO L 155 52.33 -38.27 -13.84
C PRO L 155 52.78 -39.57 -14.49
N PHE L 156 52.70 -40.68 -13.77
CA PHE L 156 52.89 -41.97 -14.43
C PHE L 156 51.53 -42.52 -14.83
N ASN L 161 53.16 -41.72 -24.94
CA ASN L 161 54.35 -41.61 -25.77
C ASN L 161 55.01 -40.28 -25.51
N ILE L 162 56.19 -40.34 -24.90
CA ILE L 162 56.86 -39.14 -24.44
C ILE L 162 57.72 -38.55 -25.56
N GLU L 163 57.74 -39.26 -26.69
CA GLU L 163 58.32 -38.72 -27.91
C GLU L 163 57.27 -37.82 -28.55
N ILE L 164 56.12 -37.75 -27.88
CA ILE L 164 55.05 -36.80 -28.19
C ILE L 164 54.80 -35.93 -26.97
N GLN L 165 54.43 -36.58 -25.86
CA GLN L 165 54.11 -35.89 -24.61
C GLN L 165 55.15 -34.80 -24.34
N ASN L 166 56.40 -35.21 -24.13
CA ASN L 166 57.49 -34.25 -23.96
C ASN L 166 57.60 -33.29 -25.14
N LYS L 167 57.16 -33.72 -26.32
CA LYS L 167 57.23 -32.89 -27.52
C LYS L 167 56.04 -31.92 -27.65
N GLU L 168 55.02 -32.13 -26.84
CA GLU L 168 53.97 -31.12 -26.65
C GLU L 168 54.45 -30.04 -25.69
N ILE L 169 55.26 -30.45 -24.72
CA ILE L 169 55.84 -29.52 -23.76
C ILE L 169 56.77 -28.49 -24.46
N MET L 170 57.73 -28.95 -25.27
CA MET L 170 58.64 -28.01 -25.92
C MET L 170 57.82 -26.98 -26.70
N ASN L 171 56.89 -27.48 -27.50
CA ASN L 171 56.00 -26.64 -28.29
C ASN L 171 55.21 -25.68 -27.42
N THR L 172 54.77 -26.16 -26.27
CA THR L 172 53.97 -25.36 -25.36
C THR L 172 54.79 -24.27 -24.66
N LYS L 173 55.91 -24.64 -24.06
CA LYS L 173 56.77 -23.68 -23.38
C LYS L 173 57.18 -22.54 -24.32
N LYS L 174 57.19 -22.83 -25.62
CA LYS L 174 57.59 -21.85 -26.62
C LYS L 174 56.46 -20.86 -26.90
N LYS L 175 55.24 -21.37 -26.96
CA LYS L 175 54.07 -20.55 -27.24
C LYS L 175 53.80 -19.53 -26.13
N VAL L 176 54.00 -19.95 -24.88
CA VAL L 176 53.90 -19.06 -23.73
C VAL L 176 54.93 -17.93 -23.65
N ILE L 177 56.19 -18.25 -23.95
CA ILE L 177 57.23 -17.24 -24.16
C ILE L 177 56.80 -16.26 -25.25
N GLU L 178 56.33 -16.81 -26.37
CA GLU L 178 55.91 -16.02 -27.52
C GLU L 178 54.76 -15.06 -27.18
N ILE L 179 53.85 -15.52 -26.33
CA ILE L 179 52.72 -14.68 -25.92
C ILE L 179 53.16 -13.54 -25.00
N ILE L 180 53.92 -13.87 -23.97
CA ILE L 180 54.44 -12.83 -23.09
C ILE L 180 55.22 -11.78 -23.87
N SER L 181 56.03 -12.23 -24.81
CA SER L 181 56.84 -11.34 -25.64
C SER L 181 55.98 -10.32 -26.36
N LYS L 182 55.02 -10.82 -27.12
CA LYS L 182 54.16 -9.93 -27.88
C LYS L 182 53.45 -8.96 -26.94
N ASN L 183 53.05 -9.45 -25.77
CA ASN L 183 52.31 -8.65 -24.80
C ASN L 183 53.13 -7.53 -24.21
N THR L 184 54.34 -7.87 -23.77
CA THR L 184 55.22 -6.91 -23.11
C THR L 184 56.18 -6.22 -24.06
N GLU L 185 56.03 -6.48 -25.36
CA GLU L 185 56.85 -5.86 -26.38
C GLU L 185 58.34 -6.03 -26.08
N LYS L 186 58.73 -7.28 -25.84
CA LYS L 186 60.13 -7.63 -25.58
C LYS L 186 60.54 -8.82 -26.45
N ASP L 187 61.86 -9.03 -26.58
CA ASP L 187 62.38 -10.10 -27.41
C ASP L 187 62.27 -11.44 -26.69
N THR L 188 62.09 -12.50 -27.46
CA THR L 188 61.92 -13.83 -26.90
C THR L 188 63.04 -14.17 -25.90
N ASN L 189 64.24 -13.68 -26.17
CA ASN L 189 65.40 -14.01 -25.34
C ASN L 189 65.29 -13.41 -23.94
N VAL L 190 65.01 -12.11 -23.88
CA VAL L 190 64.97 -11.42 -22.61
C VAL L 190 63.86 -11.98 -21.72
N ILE L 191 62.80 -12.48 -22.36
CA ILE L 191 61.69 -13.07 -21.62
C ILE L 191 62.06 -14.43 -21.02
N SER L 192 62.68 -15.28 -21.83
CA SER L 192 63.12 -16.59 -21.35
C SER L 192 64.10 -16.47 -20.19
N ASN L 193 64.82 -15.36 -20.14
CA ASN L 193 65.68 -15.06 -19.00
C ASN L 193 64.87 -14.70 -17.75
N VAL L 194 63.94 -13.77 -17.92
CA VAL L 194 63.08 -13.35 -16.82
C VAL L 194 62.35 -14.53 -16.19
N LEU L 195 62.09 -15.56 -16.99
CA LEU L 195 61.33 -16.71 -16.51
C LEU L 195 62.18 -17.70 -15.72
N GLU L 196 63.49 -17.54 -15.80
CA GLU L 196 64.40 -18.43 -15.05
C GLU L 196 64.25 -18.22 -13.55
N ARG L 197 63.88 -16.99 -13.16
CA ARG L 197 63.66 -16.65 -11.76
C ARG L 197 62.24 -16.20 -11.52
N ASP L 198 61.64 -16.66 -10.42
CA ASP L 198 60.33 -16.14 -10.03
C ASP L 198 60.46 -14.66 -9.76
N LYS L 199 59.66 -13.86 -10.44
CA LYS L 199 59.76 -12.41 -10.35
C LYS L 199 58.39 -11.81 -10.02
N TYR L 200 58.32 -11.07 -8.91
CA TYR L 200 57.08 -10.43 -8.50
C TYR L 200 57.07 -8.92 -8.81
N PHE L 201 55.94 -8.43 -9.30
CA PHE L 201 55.79 -7.02 -9.60
C PHE L 201 54.73 -6.42 -8.67
N ASN L 202 54.86 -5.14 -8.39
CA ASN L 202 53.74 -4.37 -7.88
C ASN L 202 53.16 -3.62 -9.07
N ALA L 203 52.09 -2.87 -8.86
CA ALA L 203 51.43 -2.22 -9.99
C ALA L 203 52.42 -1.44 -10.85
N ASP L 204 53.15 -0.52 -10.25
CA ASP L 204 54.05 0.34 -11.02
C ASP L 204 55.12 -0.47 -11.74
N GLU L 205 55.68 -1.46 -11.06
CA GLU L 205 56.68 -2.33 -11.67
C GLU L 205 56.09 -3.00 -12.92
N ALA L 206 54.85 -3.45 -12.80
CA ALA L 206 54.17 -4.14 -13.89
C ALA L 206 53.89 -3.21 -15.06
N VAL L 207 53.71 -1.92 -14.77
CA VAL L 207 53.43 -0.95 -15.82
C VAL L 207 54.68 -0.67 -16.64
N ASP L 208 55.82 -0.65 -15.97
CA ASP L 208 57.09 -0.39 -16.63
C ASP L 208 57.48 -1.59 -17.49
N PHE L 209 57.23 -2.79 -16.97
CA PHE L 209 57.56 -4.00 -17.71
C PHE L 209 56.62 -4.17 -18.90
N LYS L 210 55.59 -3.33 -18.94
CA LYS L 210 54.57 -3.36 -19.99
C LYS L 210 53.64 -4.59 -19.96
N LEU L 211 53.43 -5.16 -18.77
CA LEU L 211 52.36 -6.14 -18.57
C LEU L 211 51.02 -5.40 -18.49
N ILE L 212 51.06 -4.19 -17.94
CA ILE L 212 49.88 -3.40 -17.70
C ILE L 212 50.05 -2.04 -18.35
N ASP L 213 48.93 -1.38 -18.60
CA ASP L 213 48.94 -0.05 -19.19
C ASP L 213 48.73 1.06 -18.17
N HIS L 214 47.60 1.02 -17.47
CA HIS L 214 47.26 2.08 -16.52
C HIS L 214 46.89 1.57 -15.13
N ILE L 215 47.11 2.42 -14.13
CA ILE L 215 46.67 2.14 -12.78
C ILE L 215 45.44 2.98 -12.48
N LEU L 216 44.39 2.34 -11.97
CA LEU L 216 43.15 3.03 -11.65
C LEU L 216 43.17 3.62 -10.25
N GLU L 217 42.48 4.74 -10.07
CA GLU L 217 42.42 5.40 -8.77
C GLU L 217 41.12 6.18 -8.62
N LYS L 218 40.91 6.76 -7.44
CA LYS L 218 39.71 7.53 -7.16
C LYS L 218 38.69 7.38 -8.28
N PRO M 36 8.13 -28.72 -20.77
CA PRO M 36 8.03 -28.31 -22.15
C PRO M 36 9.44 -28.06 -22.64
N SER M 37 9.97 -28.97 -23.42
CA SER M 37 11.32 -28.80 -23.96
C SER M 37 11.45 -28.57 -25.46
N LEU M 38 11.74 -27.35 -25.88
CA LEU M 38 12.52 -27.18 -27.08
C LEU M 38 11.90 -28.16 -28.05
N LEU M 39 12.60 -29.26 -28.29
CA LEU M 39 12.35 -30.13 -29.43
C LEU M 39 10.86 -30.42 -29.42
N LEU M 40 10.27 -30.46 -28.25
CA LEU M 40 8.86 -30.82 -28.16
C LEU M 40 8.09 -29.78 -28.96
N SER M 41 8.55 -28.54 -28.88
CA SER M 41 7.83 -27.41 -29.44
C SER M 41 7.72 -27.62 -30.94
N LYS M 42 8.68 -28.39 -31.47
CA LYS M 42 8.74 -28.71 -32.89
C LYS M 42 8.12 -30.07 -33.23
N ARG M 43 7.49 -30.70 -32.25
CA ARG M 43 6.87 -32.00 -32.44
C ARG M 43 7.93 -33.07 -32.73
N ILE M 44 9.07 -32.90 -32.09
CA ILE M 44 10.16 -33.87 -32.19
C ILE M 44 10.31 -34.65 -30.88
N ILE M 45 10.42 -35.95 -31.00
CA ILE M 45 10.79 -36.81 -29.89
C ILE M 45 12.07 -37.52 -30.26
N PHE M 46 13.10 -37.36 -29.45
CA PHE M 46 14.41 -37.90 -29.77
C PHE M 46 14.80 -38.93 -28.74
N LEU M 47 14.80 -40.20 -29.13
CA LEU M 47 15.27 -41.23 -28.22
C LEU M 47 16.74 -41.46 -28.52
N SER M 48 17.61 -40.95 -27.64
CA SER M 48 19.05 -41.04 -27.85
C SER M 48 19.74 -42.12 -27.02
N SER M 49 19.00 -42.87 -26.23
CA SER M 49 19.60 -43.81 -25.26
C SER M 49 19.03 -45.21 -25.39
N PRO M 50 19.55 -46.16 -24.58
CA PRO M 50 18.91 -47.47 -24.46
C PRO M 50 17.53 -47.21 -23.89
N ILE M 51 16.61 -48.16 -23.99
CA ILE M 51 15.29 -47.84 -23.49
C ILE M 51 15.20 -48.38 -22.07
N TYR M 52 15.38 -47.46 -21.13
CA TYR M 52 15.34 -47.78 -19.72
C TYR M 52 13.89 -47.79 -19.31
N PRO M 53 13.61 -48.29 -18.10
CA PRO M 53 12.21 -48.33 -17.63
C PRO M 53 11.49 -46.97 -17.75
N HIS M 54 12.16 -45.89 -17.35
CA HIS M 54 11.52 -44.57 -17.35
C HIS M 54 11.32 -43.97 -18.75
N ILE M 55 11.95 -44.58 -19.76
CA ILE M 55 11.89 -44.05 -21.11
C ILE M 55 10.50 -44.22 -21.73
N SER M 56 9.93 -45.41 -21.61
CA SER M 56 8.60 -45.67 -22.15
C SER M 56 7.63 -44.62 -21.63
N GLU M 57 7.62 -44.40 -20.31
CA GLU M 57 6.76 -43.37 -19.72
C GLU M 57 6.92 -42.02 -20.44
N GLN M 58 8.16 -41.60 -20.68
CA GLN M 58 8.41 -40.29 -21.29
C GLN M 58 7.87 -40.21 -22.72
N ILE M 59 8.21 -41.20 -23.52
CA ILE M 59 7.78 -41.23 -24.91
C ILE M 59 6.26 -41.18 -25.00
N ILE M 60 5.58 -41.96 -24.16
CA ILE M 60 4.13 -42.00 -24.21
C ILE M 60 3.55 -40.64 -23.82
N SER M 61 4.04 -40.09 -22.71
CA SER M 61 3.58 -38.78 -22.26
C SER M 61 3.72 -37.79 -23.40
N GLN M 62 4.89 -37.78 -24.05
CA GLN M 62 5.10 -36.86 -25.15
C GLN M 62 4.14 -37.08 -26.33
N LEU M 63 3.90 -38.34 -26.70
CA LEU M 63 2.91 -38.63 -27.75
C LEU M 63 1.53 -38.11 -27.38
N LEU M 64 1.05 -38.49 -26.18
CA LEU M 64 -0.24 -37.98 -25.70
C LEU M 64 -0.28 -36.47 -25.76
N TYR M 65 0.73 -35.82 -25.22
CA TYR M 65 0.75 -34.37 -25.23
C TYR M 65 0.64 -33.83 -26.65
N LEU M 66 1.49 -34.30 -27.55
CA LEU M 66 1.49 -33.78 -28.93
C LEU M 66 0.16 -34.01 -29.62
N GLU M 67 -0.45 -35.17 -29.37
CA GLU M 67 -1.75 -35.49 -29.96
C GLU M 67 -2.82 -34.52 -29.48
N TYR M 68 -2.84 -34.24 -28.17
CA TYR M 68 -3.82 -33.30 -27.63
C TYR M 68 -3.56 -31.86 -28.07
N GLU M 69 -2.32 -31.54 -28.46
CA GLU M 69 -1.98 -30.18 -28.86
C GLU M 69 -2.51 -29.87 -30.25
N SER M 70 -2.17 -30.72 -31.20
CA SER M 70 -2.61 -30.59 -32.58
C SER M 70 -2.98 -31.97 -33.12
N LYS M 71 -4.23 -32.13 -33.52
CA LYS M 71 -4.75 -33.47 -33.71
C LYS M 71 -4.06 -34.20 -34.85
N ARG M 72 -4.07 -33.62 -36.05
CA ARG M 72 -3.56 -34.30 -37.23
C ARG M 72 -2.07 -34.11 -37.51
N LYS M 73 -1.50 -33.02 -37.02
CA LYS M 73 -0.10 -32.67 -37.31
C LYS M 73 0.87 -33.83 -37.00
N PRO M 74 1.81 -34.07 -37.92
CA PRO M 74 2.73 -35.22 -37.78
C PRO M 74 3.66 -35.06 -36.61
N ILE M 75 4.17 -36.19 -36.13
CA ILE M 75 5.13 -36.24 -35.04
C ILE M 75 6.42 -36.88 -35.55
N HIS M 76 7.56 -36.30 -35.19
CA HIS M 76 8.83 -36.82 -35.69
C HIS M 76 9.63 -37.51 -34.61
N LEU M 77 9.72 -38.84 -34.71
CA LEU M 77 10.40 -39.64 -33.71
C LEU M 77 11.78 -40.03 -34.22
N TYR M 78 12.82 -39.43 -33.65
CA TYR M 78 14.19 -39.75 -34.06
C TYR M 78 14.74 -40.81 -33.13
N ILE M 79 15.38 -41.83 -33.71
CA ILE M 79 15.84 -42.96 -32.92
C ILE M 79 17.30 -43.28 -33.11
N ASN M 80 18.08 -43.18 -32.05
CA ASN M 80 19.39 -43.82 -32.02
C ASN M 80 19.50 -44.59 -30.72
N SER M 81 19.37 -45.91 -30.78
CA SER M 81 19.24 -46.72 -29.57
C SER M 81 19.63 -48.19 -29.74
N THR M 82 20.16 -48.78 -28.68
CA THR M 82 20.51 -50.20 -28.64
C THR M 82 19.39 -51.09 -28.07
N GLY M 83 18.22 -50.49 -27.84
CA GLY M 83 17.11 -51.18 -27.22
C GLY M 83 17.25 -51.39 -25.72
N ASP M 84 17.03 -52.63 -25.28
CA ASP M 84 17.04 -52.96 -23.85
C ASP M 84 18.40 -53.47 -23.33
N ILE M 85 19.42 -53.44 -24.18
CA ILE M 85 20.77 -53.83 -23.74
C ILE M 85 21.74 -52.65 -23.82
N ASP M 86 22.62 -52.55 -22.84
CA ASP M 86 23.71 -51.57 -22.89
C ASP M 86 25.03 -52.19 -22.43
N ASN M 87 26.03 -52.20 -23.30
CA ASN M 87 27.31 -52.85 -23.00
C ASN M 87 27.12 -54.28 -22.49
N ASN M 88 26.35 -55.03 -23.30
CA ASN M 88 25.96 -56.42 -23.12
C ASN M 88 25.20 -56.73 -21.83
N LYS M 89 24.62 -55.71 -21.21
CA LYS M 89 23.84 -55.90 -20.00
C LYS M 89 22.41 -55.44 -20.24
N ILE M 90 21.45 -56.28 -19.85
CA ILE M 90 20.05 -55.91 -20.01
C ILE M 90 19.73 -54.78 -19.03
N ILE M 91 19.33 -53.64 -19.56
CA ILE M 91 19.00 -52.48 -18.73
C ILE M 91 17.49 -52.30 -18.52
N ASN M 92 16.69 -53.13 -19.18
CA ASN M 92 15.26 -53.16 -18.94
C ASN M 92 14.70 -54.59 -18.99
N LEU M 93 14.10 -55.04 -17.88
CA LEU M 93 13.51 -56.37 -17.86
C LEU M 93 12.14 -56.35 -18.49
N ASN M 94 11.58 -55.14 -18.62
CA ASN M 94 10.27 -54.94 -19.23
C ASN M 94 10.29 -54.52 -20.70
N GLY M 95 11.48 -54.51 -21.30
CA GLY M 95 11.67 -53.87 -22.59
C GLY M 95 10.61 -54.22 -23.63
N ILE M 96 10.36 -55.52 -23.84
CA ILE M 96 9.34 -55.91 -24.81
C ILE M 96 7.98 -55.27 -24.52
N THR M 97 7.37 -55.63 -23.40
CA THR M 97 6.07 -55.08 -23.04
C THR M 97 6.03 -53.56 -23.10
N ASP M 98 7.12 -52.92 -22.74
CA ASP M 98 7.21 -51.46 -22.81
C ASP M 98 7.09 -50.93 -24.25
N VAL M 99 7.88 -51.48 -25.14
CA VAL M 99 7.88 -51.05 -26.53
C VAL M 99 6.50 -51.32 -27.13
N ILE M 100 5.92 -52.46 -26.78
CA ILE M 100 4.57 -52.78 -27.23
C ILE M 100 3.58 -51.69 -26.83
N SER M 101 3.69 -51.20 -25.59
CA SER M 101 2.81 -50.13 -25.14
C SER M 101 2.95 -48.92 -26.02
N ILE M 102 4.18 -48.57 -26.34
CA ILE M 102 4.43 -47.42 -27.19
C ILE M 102 3.76 -47.52 -28.54
N VAL M 103 3.97 -48.64 -29.22
CA VAL M 103 3.45 -48.82 -30.56
C VAL M 103 1.94 -48.75 -30.46
N ASP M 104 1.38 -49.30 -29.39
CA ASP M 104 -0.07 -49.34 -29.25
C ASP M 104 -0.66 -47.93 -29.23
N VAL M 105 -0.03 -47.05 -28.46
CA VAL M 105 -0.41 -45.64 -28.43
C VAL M 105 -0.16 -44.97 -29.78
N ILE M 106 0.97 -45.32 -30.39
CA ILE M 106 1.29 -44.83 -31.73
C ILE M 106 0.17 -45.15 -32.71
N ASN M 107 -0.42 -46.33 -32.56
CA ASN M 107 -1.57 -46.72 -33.37
C ASN M 107 -2.90 -46.11 -32.92
N TYR M 108 -2.98 -45.73 -31.66
CA TYR M 108 -4.19 -45.17 -31.11
C TYR M 108 -4.38 -43.72 -31.57
N ILE M 109 -3.31 -42.93 -31.56
CA ILE M 109 -3.46 -41.50 -31.84
C ILE M 109 -3.65 -41.21 -33.32
N SER M 110 -4.26 -40.06 -33.61
CA SER M 110 -4.59 -39.67 -34.98
C SER M 110 -3.40 -39.09 -35.73
N SER M 111 -2.52 -38.42 -34.98
CA SER M 111 -1.30 -37.85 -35.55
C SER M 111 -0.41 -38.95 -36.09
N ASP M 112 0.03 -38.81 -37.32
CA ASP M 112 0.95 -39.78 -37.89
C ASP M 112 2.31 -39.60 -37.22
N VAL M 113 2.98 -40.72 -36.96
CA VAL M 113 4.34 -40.66 -36.45
C VAL M 113 5.29 -41.07 -37.56
N TYR M 114 6.21 -40.18 -37.88
CA TYR M 114 7.32 -40.52 -38.75
C TYR M 114 8.51 -40.96 -37.90
N THR M 115 9.31 -41.89 -38.42
CA THR M 115 10.50 -42.33 -37.71
C THR M 115 11.78 -42.11 -38.51
N TYR M 116 12.84 -41.72 -37.81
CA TYR M 116 14.14 -41.48 -38.42
C TYR M 116 15.19 -42.18 -37.57
N CYS M 117 15.87 -43.15 -38.17
CA CYS M 117 16.94 -43.81 -37.45
C CYS M 117 18.24 -43.06 -37.73
N LEU M 118 18.92 -42.60 -36.66
CA LEU M 118 20.12 -41.75 -36.87
C LEU M 118 21.52 -42.41 -36.74
N GLY M 119 21.76 -43.15 -35.66
CA GLY M 119 22.79 -44.18 -35.61
C GLY M 119 22.37 -45.63 -35.69
N LYS M 120 21.50 -46.06 -34.79
CA LYS M 120 21.19 -47.48 -34.65
C LYS M 120 19.80 -47.66 -34.11
N ALA M 121 19.14 -48.72 -34.58
CA ALA M 121 17.97 -49.22 -33.89
C ALA M 121 18.15 -50.72 -33.74
N TYR M 122 18.39 -51.16 -32.51
CA TYR M 122 18.60 -52.58 -32.23
C TYR M 122 17.50 -53.09 -31.33
N GLY M 123 17.20 -54.38 -31.44
CA GLY M 123 16.19 -54.99 -30.60
C GLY M 123 14.90 -54.21 -30.62
N ILE M 124 14.39 -53.88 -29.45
CA ILE M 124 13.10 -53.20 -29.34
C ILE M 124 13.11 -51.85 -30.06
N ALA M 125 14.29 -51.25 -30.21
CA ALA M 125 14.41 -49.97 -30.92
C ALA M 125 14.10 -50.17 -32.40
N CYS M 126 14.50 -51.31 -32.94
CA CYS M 126 14.19 -51.63 -34.32
C CYS M 126 12.68 -51.84 -34.49
N ILE M 127 12.08 -52.63 -33.61
CA ILE M 127 10.64 -52.81 -33.61
C ILE M 127 9.95 -51.47 -33.60
N LEU M 128 10.49 -50.56 -32.79
CA LEU M 128 9.90 -49.23 -32.64
C LEU M 128 10.03 -48.45 -33.95
N ALA M 129 11.24 -48.44 -34.51
CA ALA M 129 11.49 -47.66 -35.72
C ALA M 129 10.51 -48.05 -36.81
N SER M 130 10.31 -49.37 -36.96
CA SER M 130 9.52 -49.90 -38.07
C SER M 130 8.02 -49.70 -37.88
N SER M 131 7.62 -49.19 -36.71
CA SER M 131 6.20 -49.01 -36.42
C SER M 131 5.68 -47.64 -36.86
N GLY M 132 6.58 -46.80 -37.36
CA GLY M 132 6.18 -45.51 -37.89
C GLY M 132 5.28 -45.67 -39.11
N LYS M 133 4.60 -44.59 -39.50
CA LYS M 133 3.69 -44.62 -40.65
C LYS M 133 4.37 -45.14 -41.91
N LYS M 134 3.75 -46.10 -42.60
CA LYS M 134 4.35 -46.64 -43.81
C LYS M 134 4.54 -45.55 -44.84
N GLY M 135 5.74 -45.52 -45.41
CA GLY M 135 6.16 -44.50 -46.35
C GLY M 135 6.89 -43.37 -45.66
N TYR M 136 6.64 -43.24 -44.36
CA TYR M 136 7.34 -42.27 -43.52
C TYR M 136 8.47 -42.76 -42.59
N ARG M 137 8.89 -44.01 -42.76
CA ARG M 137 9.97 -44.56 -41.96
C ARG M 137 11.32 -44.31 -42.62
N PHE M 138 12.17 -43.53 -41.98
CA PHE M 138 13.40 -43.08 -42.61
C PHE M 138 14.66 -43.59 -41.90
N SER M 139 15.77 -43.56 -42.63
CA SER M 139 17.08 -43.83 -42.07
C SER M 139 18.16 -43.02 -42.78
N LEU M 140 19.27 -42.79 -42.08
CA LEU M 140 20.41 -42.15 -42.73
C LEU M 140 21.26 -43.22 -43.40
N LYS M 141 22.29 -42.79 -44.11
CA LYS M 141 23.06 -43.71 -44.95
C LYS M 141 23.73 -44.81 -44.13
N ASN M 142 24.37 -44.42 -43.04
CA ASN M 142 25.20 -45.32 -42.25
C ASN M 142 24.50 -46.00 -41.09
N SER M 143 23.17 -45.83 -41.01
CA SER M 143 22.40 -46.43 -39.93
C SER M 143 22.47 -47.95 -39.96
N SER M 144 22.34 -48.56 -38.78
CA SER M 144 22.36 -50.02 -38.66
C SER M 144 21.11 -50.49 -37.93
N PHE M 145 20.62 -51.67 -38.29
CA PHE M 145 19.44 -52.23 -37.66
C PHE M 145 19.67 -53.65 -37.20
N CYS M 146 18.93 -54.05 -36.17
CA CYS M 146 19.01 -55.43 -35.69
C CYS M 146 17.70 -55.91 -35.06
N LEU M 147 17.38 -57.19 -35.29
CA LEU M 147 16.28 -57.83 -34.60
C LEU M 147 16.85 -58.93 -33.71
N ASN M 148 16.34 -59.02 -32.49
CA ASN M 148 16.90 -59.95 -31.50
C ASN M 148 15.93 -61.04 -31.08
N THR M 172 3.28 -62.71 -25.03
CA THR M 172 4.11 -61.57 -25.39
C THR M 172 4.96 -61.82 -26.62
N LYS M 173 5.69 -62.93 -26.63
CA LYS M 173 6.53 -63.28 -27.78
C LYS M 173 5.72 -63.35 -29.08
N LYS M 174 4.41 -63.61 -28.94
CA LYS M 174 3.53 -63.71 -30.10
C LYS M 174 3.14 -62.33 -30.63
N LYS M 175 2.89 -61.40 -29.72
CA LYS M 175 2.50 -60.04 -30.09
C LYS M 175 3.62 -59.33 -30.84
N VAL M 176 4.87 -59.60 -30.45
CA VAL M 176 6.02 -58.96 -31.10
C VAL M 176 6.23 -59.50 -32.50
N ILE M 177 6.16 -60.82 -32.66
CA ILE M 177 6.17 -61.42 -33.99
C ILE M 177 5.08 -60.78 -34.85
N GLU M 178 3.89 -60.65 -34.27
CA GLU M 178 2.73 -60.09 -34.96
C GLU M 178 2.97 -58.65 -35.41
N ILE M 179 3.67 -57.88 -34.59
CA ILE M 179 3.97 -56.49 -34.92
C ILE M 179 4.99 -56.40 -36.05
N ILE M 180 6.09 -57.13 -35.92
CA ILE M 180 7.09 -57.13 -36.98
C ILE M 180 6.48 -57.54 -38.31
N SER M 181 5.62 -58.55 -38.26
CA SER M 181 4.96 -59.05 -39.48
C SER M 181 4.18 -57.95 -40.19
N LYS M 182 3.28 -57.31 -39.46
CA LYS M 182 2.47 -56.26 -40.03
C LYS M 182 3.36 -55.15 -40.59
N ASN M 183 4.42 -54.84 -39.86
CA ASN M 183 5.33 -53.77 -40.24
C ASN M 183 6.09 -54.08 -41.54
N THR M 184 6.67 -55.26 -41.61
CA THR M 184 7.50 -55.66 -42.75
C THR M 184 6.70 -56.37 -43.85
N GLU M 185 5.39 -56.45 -43.67
CA GLU M 185 4.51 -57.12 -44.64
C GLU M 185 4.99 -58.52 -44.98
N LYS M 186 5.21 -59.33 -43.94
CA LYS M 186 5.63 -60.72 -44.10
C LYS M 186 4.76 -61.62 -43.23
N ASP M 187 4.78 -62.92 -43.50
CA ASP M 187 3.97 -63.89 -42.77
C ASP M 187 4.61 -64.21 -41.43
N THR M 188 3.77 -64.52 -40.44
CA THR M 188 4.24 -64.78 -39.09
C THR M 188 5.34 -65.85 -39.08
N ASN M 189 5.24 -66.80 -40.00
CA ASN M 189 6.20 -67.90 -40.04
C ASN M 189 7.62 -67.45 -40.41
N VAL M 190 7.72 -66.72 -41.52
CA VAL M 190 9.02 -66.29 -42.02
C VAL M 190 9.71 -65.37 -41.02
N ILE M 191 8.92 -64.64 -40.23
CA ILE M 191 9.47 -63.77 -39.20
C ILE M 191 10.03 -64.56 -38.02
N SER M 192 9.27 -65.51 -37.52
CA SER M 192 9.73 -66.33 -36.40
C SER M 192 11.02 -67.08 -36.76
N ASN M 193 11.22 -67.32 -38.05
CA ASN M 193 12.47 -67.90 -38.53
C ASN M 193 13.62 -66.89 -38.47
N VAL M 194 13.37 -65.71 -39.01
CA VAL M 194 14.37 -64.63 -38.98
C VAL M 194 14.86 -64.33 -37.56
N LEU M 195 13.99 -64.56 -36.58
CA LEU M 195 14.30 -64.24 -35.20
C LEU M 195 15.14 -65.32 -34.52
N TYR M 200 21.72 -58.63 -38.65
CA TYR M 200 21.98 -57.19 -38.75
C TYR M 200 21.75 -56.67 -40.15
N PHE M 201 21.16 -55.48 -40.25
CA PHE M 201 20.91 -54.85 -41.53
C PHE M 201 21.72 -53.57 -41.62
N ASN M 202 22.09 -53.19 -42.84
CA ASN M 202 22.49 -51.83 -43.11
C ASN M 202 21.27 -51.12 -43.69
N ALA M 203 21.38 -49.84 -43.99
CA ALA M 203 20.22 -49.09 -44.46
C ALA M 203 19.53 -49.81 -45.63
N ASP M 204 20.27 -50.07 -46.71
CA ASP M 204 19.68 -50.69 -47.89
C ASP M 204 19.06 -52.05 -47.59
N GLU M 205 19.77 -52.87 -46.82
CA GLU M 205 19.24 -54.17 -46.41
C GLU M 205 17.90 -53.99 -45.69
N ALA M 206 17.83 -52.97 -44.83
CA ALA M 206 16.62 -52.71 -44.06
C ALA M 206 15.47 -52.23 -44.92
N VAL M 207 15.79 -51.58 -46.03
CA VAL M 207 14.76 -51.08 -46.92
C VAL M 207 14.13 -52.21 -47.72
N ASP M 208 14.95 -53.18 -48.09
CA ASP M 208 14.47 -54.33 -48.85
C ASP M 208 13.61 -55.21 -47.97
N PHE M 209 14.02 -55.37 -46.71
CA PHE M 209 13.27 -56.19 -45.76
C PHE M 209 11.97 -55.49 -45.36
N LYS M 210 11.83 -54.24 -45.81
CA LYS M 210 10.66 -53.42 -45.51
C LYS M 210 10.52 -53.02 -44.02
N LEU M 211 11.65 -52.91 -43.33
CA LEU M 211 11.65 -52.28 -42.01
C LEU M 211 11.61 -50.76 -42.19
N ILE M 212 12.23 -50.30 -43.28
CA ILE M 212 12.36 -48.89 -43.58
C ILE M 212 11.77 -48.60 -44.96
N ASP M 213 11.42 -47.35 -45.20
CA ASP M 213 10.90 -46.93 -46.48
C ASP M 213 11.95 -46.22 -47.33
N HIS M 214 12.48 -45.11 -46.80
CA HIS M 214 13.44 -44.30 -47.55
C HIS M 214 14.76 -44.00 -46.82
N ILE M 215 15.81 -43.80 -47.60
CA ILE M 215 17.09 -43.37 -47.07
C ILE M 215 17.26 -41.88 -47.40
N LEU M 216 17.59 -41.10 -46.38
CA LEU M 216 17.70 -39.65 -46.51
C LEU M 216 19.04 -39.20 -47.05
N GLU M 217 19.03 -38.29 -48.01
CA GLU M 217 20.25 -37.61 -48.43
C GLU M 217 19.91 -36.13 -48.67
N LYS M 218 20.89 -35.27 -48.98
CA LYS M 218 20.62 -33.82 -48.91
C LYS M 218 19.88 -33.22 -50.11
N PRO N 36 11.69 -13.93 -2.60
CA PRO N 36 10.46 -13.16 -2.83
C PRO N 36 9.19 -13.95 -2.56
N SER N 37 9.01 -14.45 -1.34
CA SER N 37 7.99 -15.46 -1.08
C SER N 37 6.64 -14.89 -0.67
N LEU N 38 5.66 -14.97 -1.56
CA LEU N 38 4.27 -15.10 -1.10
C LEU N 38 4.16 -14.08 0.02
N LEU N 39 4.10 -14.58 1.25
CA LEU N 39 3.68 -13.80 2.39
C LEU N 39 4.41 -12.48 2.36
N LEU N 40 5.69 -12.51 1.97
CA LEU N 40 6.44 -11.25 1.88
C LEU N 40 5.76 -10.24 0.95
N SER N 41 5.03 -10.73 -0.04
CA SER N 41 4.39 -9.83 -0.99
C SER N 41 3.28 -9.08 -0.28
N LYS N 42 2.81 -9.66 0.82
CA LYS N 42 1.78 -9.04 1.64
C LYS N 42 2.34 -8.31 2.86
N ARG N 43 3.66 -8.21 2.96
CA ARG N 43 4.32 -7.55 4.09
C ARG N 43 4.10 -8.33 5.37
N ILE N 44 4.04 -9.65 5.23
CA ILE N 44 3.94 -10.55 6.36
C ILE N 44 5.26 -11.27 6.61
N ILE N 45 5.67 -11.29 7.86
CA ILE N 45 6.77 -12.12 8.30
C ILE N 45 6.23 -13.09 9.33
N PHE N 46 6.40 -14.39 9.09
CA PHE N 46 5.87 -15.40 9.97
C PHE N 46 6.96 -16.22 10.62
N LEU N 47 7.20 -16.01 11.90
CA LEU N 47 8.17 -16.82 12.62
C LEU N 47 7.42 -17.98 13.27
N SER N 48 7.56 -19.17 12.67
CA SER N 48 6.84 -20.37 13.12
C SER N 48 7.69 -21.36 13.92
N SER N 49 8.95 -21.01 14.17
CA SER N 49 9.88 -21.96 14.78
C SER N 49 10.62 -21.38 16.00
N PRO N 50 11.46 -22.20 16.65
CA PRO N 50 12.38 -21.66 17.65
C PRO N 50 13.30 -20.71 16.90
N ILE N 51 13.99 -19.83 17.61
CA ILE N 51 14.77 -18.87 16.86
C ILE N 51 16.18 -19.43 16.81
N TYR N 52 16.48 -20.05 15.67
CA TYR N 52 17.78 -20.65 15.43
C TYR N 52 18.72 -19.55 14.99
N PRO N 53 20.02 -19.84 14.95
CA PRO N 53 20.99 -18.83 14.52
C PRO N 53 20.62 -18.15 13.20
N HIS N 54 20.21 -18.94 12.21
CA HIS N 54 19.90 -18.40 10.89
C HIS N 54 18.60 -17.61 10.84
N ILE N 55 17.78 -17.70 11.87
CA ILE N 55 16.50 -17.01 11.88
C ILE N 55 16.61 -15.48 12.00
N SER N 56 17.44 -15.02 12.93
CA SER N 56 17.69 -13.59 13.06
C SER N 56 18.06 -12.98 11.71
N GLU N 57 19.03 -13.60 11.02
CA GLU N 57 19.43 -13.10 9.70
C GLU N 57 18.22 -12.93 8.78
N GLN N 58 17.34 -13.92 8.73
CA GLN N 58 16.19 -13.90 7.83
C GLN N 58 15.22 -12.78 8.15
N ILE N 59 14.88 -12.67 9.43
CA ILE N 59 13.92 -11.66 9.87
C ILE N 59 14.46 -10.27 9.57
N ILE N 60 15.73 -10.05 9.84
CA ILE N 60 16.32 -8.74 9.55
C ILE N 60 16.32 -8.46 8.05
N SER N 61 16.80 -9.39 7.24
CA SER N 61 16.76 -9.20 5.80
C SER N 61 15.37 -8.83 5.34
N GLN N 62 14.35 -9.54 5.83
CA GLN N 62 12.99 -9.24 5.44
C GLN N 62 12.52 -7.85 5.88
N LEU N 63 12.86 -7.45 7.10
CA LEU N 63 12.54 -6.09 7.55
C LEU N 63 13.20 -5.04 6.66
N LEU N 64 14.51 -5.14 6.47
CA LEU N 64 15.21 -4.23 5.54
C LEU N 64 14.53 -4.20 4.18
N TYR N 65 14.25 -5.37 3.62
CA TYR N 65 13.63 -5.42 2.30
C TYR N 65 12.32 -4.67 2.30
N LEU N 66 11.43 -5.00 3.23
CA LEU N 66 10.11 -4.36 3.25
C LEU N 66 10.21 -2.87 3.44
N GLU N 67 11.16 -2.43 4.25
CA GLU N 67 11.36 -1.02 4.50
C GLU N 67 11.78 -0.29 3.24
N TYR N 68 12.68 -0.90 2.49
CA TYR N 68 13.15 -0.29 1.24
C TYR N 68 12.09 -0.34 0.13
N GLU N 69 11.15 -1.27 0.25
CA GLU N 69 10.10 -1.40 -0.77
C GLU N 69 9.05 -0.29 -0.65
N SER N 70 8.49 -0.14 0.55
CA SER N 70 7.52 0.91 0.85
C SER N 70 7.86 1.50 2.20
N LYS N 71 8.06 2.81 2.25
CA LYS N 71 8.67 3.40 3.43
C LYS N 71 7.81 3.35 4.68
N ARG N 72 6.60 3.90 4.62
CA ARG N 72 5.78 3.92 5.83
C ARG N 72 4.65 2.87 5.97
N LYS N 73 4.53 1.97 4.99
CA LYS N 73 3.57 0.88 5.05
C LYS N 73 3.89 -0.08 6.21
N PRO N 74 2.88 -0.47 6.98
CA PRO N 74 3.09 -1.34 8.14
C PRO N 74 3.57 -2.72 7.73
N ILE N 75 4.22 -3.41 8.67
CA ILE N 75 4.73 -4.75 8.49
C ILE N 75 4.10 -5.67 9.53
N HIS N 76 3.66 -6.85 9.12
CA HIS N 76 2.94 -7.72 10.04
C HIS N 76 3.78 -8.92 10.42
N LEU N 77 4.21 -8.94 11.68
CA LEU N 77 5.08 -10.00 12.19
C LEU N 77 4.27 -10.96 13.03
N TYR N 78 4.05 -12.16 12.49
CA TYR N 78 3.30 -13.17 13.20
C TYR N 78 4.26 -14.09 13.93
N ILE N 79 3.97 -14.38 15.19
CA ILE N 79 4.90 -15.11 16.04
C ILE N 79 4.27 -16.31 16.70
N ASN N 80 4.76 -17.52 16.38
CA ASN N 80 4.52 -18.66 17.22
C ASN N 80 5.85 -19.35 17.47
N SER N 81 6.41 -19.17 18.65
CA SER N 81 7.78 -19.60 18.92
C SER N 81 8.13 -19.84 20.40
N THR N 82 9.01 -20.79 20.64
CA THR N 82 9.49 -21.10 21.99
C THR N 82 10.78 -20.37 22.35
N GLY N 83 11.19 -19.45 21.48
CA GLY N 83 12.43 -18.73 21.66
C GLY N 83 13.67 -19.53 21.34
N ASP N 84 14.64 -19.51 22.26
CA ASP N 84 15.92 -20.18 22.03
C ASP N 84 16.00 -21.61 22.56
N ILE N 85 14.88 -22.13 23.05
CA ILE N 85 14.85 -23.51 23.53
C ILE N 85 13.88 -24.36 22.69
N ASP N 86 14.27 -25.60 22.42
CA ASP N 86 13.37 -26.56 21.78
C ASP N 86 13.48 -27.93 22.46
N ASN N 87 12.37 -28.43 22.99
CA ASN N 87 12.36 -29.69 23.73
C ASN N 87 13.45 -29.73 24.81
N ASN N 88 13.43 -28.67 25.62
CA ASN N 88 14.32 -28.38 26.73
C ASN N 88 15.80 -28.29 26.40
N LYS N 89 16.11 -28.08 25.11
CA LYS N 89 17.50 -27.95 24.68
C LYS N 89 17.70 -26.58 24.05
N ILE N 90 18.75 -25.88 24.46
CA ILE N 90 19.03 -24.56 23.90
C ILE N 90 19.49 -24.73 22.46
N ILE N 91 18.75 -24.15 21.53
CA ILE N 91 19.09 -24.28 20.12
C ILE N 91 19.80 -23.05 19.57
N ASN N 92 19.93 -22.02 20.40
CA ASN N 92 20.72 -20.84 20.03
C ASN N 92 21.51 -20.29 21.21
N LEU N 93 22.83 -20.28 21.12
CA LEU N 93 23.65 -19.75 22.19
C LEU N 93 23.70 -18.23 22.13
N ASN N 94 23.31 -17.70 20.97
CA ASN N 94 23.27 -16.26 20.73
C ASN N 94 21.90 -15.62 20.87
N GLY N 95 20.92 -16.39 21.32
CA GLY N 95 19.53 -15.97 21.26
C GLY N 95 19.27 -14.56 21.75
N ILE N 96 19.76 -14.20 22.94
CA ILE N 96 19.55 -12.86 23.46
C ILE N 96 20.07 -11.79 22.49
N THR N 97 21.39 -11.74 22.30
CA THR N 97 21.98 -10.75 21.40
C THR N 97 21.29 -10.72 20.04
N ASP N 98 20.84 -11.87 19.56
CA ASP N 98 20.15 -11.95 18.27
C ASP N 98 18.82 -11.18 18.29
N VAL N 99 17.96 -11.52 19.23
CA VAL N 99 16.70 -10.84 19.34
C VAL N 99 16.93 -9.34 19.49
N ILE N 100 17.91 -8.96 20.32
CA ILE N 100 18.22 -7.55 20.52
C ILE N 100 18.53 -6.86 19.19
N SER N 101 19.27 -7.53 18.31
CA SER N 101 19.54 -6.97 16.99
C SER N 101 18.24 -6.71 16.24
N ILE N 102 17.33 -7.68 16.30
CA ILE N 102 16.06 -7.54 15.61
C ILE N 102 15.31 -6.30 16.07
N VAL N 103 15.08 -6.19 17.39
CA VAL N 103 14.30 -5.06 17.88
C VAL N 103 15.00 -3.73 17.59
N ASP N 104 16.33 -3.74 17.58
CA ASP N 104 17.05 -2.53 17.19
C ASP N 104 16.70 -2.07 15.78
N VAL N 105 16.71 -3.01 14.84
CA VAL N 105 16.30 -2.73 13.46
C VAL N 105 14.82 -2.33 13.42
N ILE N 106 14.02 -3.02 14.21
CA ILE N 106 12.59 -2.72 14.30
C ILE N 106 12.41 -1.25 14.70
N ASN N 107 13.27 -0.78 15.60
CA ASN N 107 13.22 0.61 16.02
C ASN N 107 13.86 1.58 15.02
N TYR N 108 14.77 1.06 14.19
CA TYR N 108 15.48 1.89 13.23
C TYR N 108 14.59 2.24 12.04
N ILE N 109 13.82 1.29 11.54
CA ILE N 109 13.05 1.52 10.33
C ILE N 109 11.82 2.39 10.58
N SER N 110 11.35 3.04 9.52
CA SER N 110 10.20 3.93 9.58
C SER N 110 8.86 3.19 9.57
N SER N 111 8.82 2.06 8.87
CA SER N 111 7.62 1.23 8.84
C SER N 111 7.30 0.71 10.24
N ASP N 112 6.06 0.90 10.66
CA ASP N 112 5.64 0.35 11.94
C ASP N 112 5.56 -1.17 11.82
N VAL N 113 5.92 -1.87 12.88
CA VAL N 113 5.78 -3.31 12.91
C VAL N 113 4.65 -3.64 13.87
N TYR N 114 3.65 -4.35 13.36
CA TYR N 114 2.63 -4.91 14.21
C TYR N 114 3.02 -6.35 14.55
N THR N 115 2.65 -6.81 15.75
CA THR N 115 2.90 -8.19 16.13
C THR N 115 1.64 -8.96 16.49
N TYR N 116 1.62 -10.22 16.08
CA TYR N 116 0.49 -11.10 16.36
C TYR N 116 1.03 -12.40 16.90
N CYS N 117 0.72 -12.71 18.15
CA CYS N 117 1.12 -13.99 18.69
C CYS N 117 0.05 -15.03 18.39
N LEU N 118 0.43 -16.08 17.66
CA LEU N 118 -0.52 -17.12 17.30
C LEU N 118 -0.63 -18.21 18.37
N GLY N 119 0.34 -19.12 18.43
CA GLY N 119 0.38 -20.05 19.54
C GLY N 119 1.07 -19.63 20.82
N LYS N 120 2.35 -19.25 20.70
CA LYS N 120 3.19 -19.03 21.88
C LYS N 120 4.26 -18.02 21.56
N ALA N 121 4.60 -17.19 22.54
CA ALA N 121 5.86 -16.47 22.51
C ALA N 121 6.54 -16.66 23.84
N TYR N 122 7.63 -17.43 23.84
CA TYR N 122 8.35 -17.73 25.08
C TYR N 122 9.75 -17.15 24.99
N GLY N 123 10.32 -16.80 26.13
CA GLY N 123 11.67 -16.28 26.16
C GLY N 123 11.86 -15.15 25.18
N ILE N 124 12.89 -15.23 24.37
CA ILE N 124 13.20 -14.16 23.44
C ILE N 124 12.05 -13.86 22.48
N ALA N 125 11.19 -14.85 22.24
CA ALA N 125 10.02 -14.64 21.38
C ALA N 125 9.04 -13.68 22.03
N CYS N 126 8.95 -13.75 23.36
CA CYS N 126 8.08 -12.85 24.10
C CYS N 126 8.62 -11.43 24.04
N ILE N 127 9.93 -11.29 24.31
CA ILE N 127 10.61 -10.02 24.15
C ILE N 127 10.32 -9.43 22.77
N LEU N 128 10.36 -10.29 21.76
CA LEU N 128 10.16 -9.86 20.38
C LEU N 128 8.72 -9.41 20.18
N ALA N 129 7.77 -10.22 20.61
CA ALA N 129 6.36 -9.89 20.40
C ALA N 129 6.06 -8.52 20.97
N SER N 130 6.58 -8.24 22.17
CA SER N 130 6.24 -7.02 22.90
C SER N 130 6.92 -5.78 22.35
N SER N 131 7.82 -5.97 21.39
CA SER N 131 8.54 -4.83 20.84
C SER N 131 7.83 -4.20 19.65
N GLY N 132 6.69 -4.77 19.28
CA GLY N 132 5.88 -4.19 18.22
C GLY N 132 5.35 -2.83 18.63
N LYS N 133 4.84 -2.08 17.66
CA LYS N 133 4.29 -0.74 17.89
C LYS N 133 3.21 -0.76 18.95
N LYS N 134 3.31 0.13 19.93
CA LYS N 134 2.32 0.14 21.00
C LYS N 134 0.94 0.44 20.43
N GLY N 135 -0.01 -0.39 20.83
CA GLY N 135 -1.37 -0.31 20.34
C GLY N 135 -1.58 -1.32 19.24
N TYR N 136 -0.48 -1.71 18.61
CA TYR N 136 -0.48 -2.72 17.56
C TYR N 136 0.01 -4.12 17.90
N ARG N 137 0.25 -4.39 19.18
CA ARG N 137 0.66 -5.73 19.60
C ARG N 137 -0.53 -6.62 19.91
N PHE N 138 -0.69 -7.70 19.14
CA PHE N 138 -1.89 -8.52 19.20
C PHE N 138 -1.62 -9.95 19.61
N SER N 139 -2.68 -10.60 20.07
CA SER N 139 -2.66 -12.02 20.41
C SER N 139 -4.02 -12.65 20.15
N LEU N 140 -4.02 -13.96 19.94
CA LEU N 140 -5.28 -14.67 19.83
C LEU N 140 -5.71 -15.11 21.23
N LYS N 141 -6.88 -15.73 21.33
CA LYS N 141 -7.50 -16.00 22.63
C LYS N 141 -6.66 -16.96 23.45
N ASN N 142 -6.17 -18.02 22.80
CA ASN N 142 -5.51 -19.11 23.49
C ASN N 142 -3.99 -19.01 23.56
N SER N 143 -3.45 -17.90 23.10
CA SER N 143 -2.00 -17.70 23.10
C SER N 143 -1.43 -17.72 24.50
N SER N 144 -0.17 -18.14 24.61
CA SER N 144 0.53 -18.17 25.88
C SER N 144 1.85 -17.39 25.78
N PHE N 145 2.25 -16.76 26.88
CA PHE N 145 3.47 -15.98 26.91
C PHE N 145 4.34 -16.39 28.09
N CYS N 146 5.65 -16.18 27.96
CA CYS N 146 6.57 -16.47 29.03
C CYS N 146 7.82 -15.59 28.97
N LEU N 147 8.29 -15.18 30.15
CA LEU N 147 9.57 -14.48 30.25
C LEU N 147 10.54 -15.36 31.04
N ASN N 148 11.77 -15.47 30.55
CA ASN N 148 12.72 -16.40 31.14
C ASN N 148 13.90 -15.74 31.85
N GLN N 149 14.41 -16.46 32.87
CA GLN N 149 15.44 -15.99 33.82
C GLN N 149 16.83 -16.50 33.46
N SER N 150 17.76 -15.58 33.25
CA SER N 150 19.15 -15.98 33.01
C SER N 150 20.12 -14.84 33.29
N ILE N 169 28.36 -10.07 29.45
CA ILE N 169 27.16 -10.81 29.82
C ILE N 169 26.37 -9.97 30.82
N MET N 170 27.08 -9.01 31.41
CA MET N 170 26.43 -8.01 32.27
C MET N 170 25.75 -6.96 31.42
N ASN N 171 26.47 -6.47 30.40
CA ASN N 171 25.95 -5.48 29.47
C ASN N 171 24.69 -5.97 28.76
N THR N 172 24.70 -7.25 28.42
CA THR N 172 23.58 -7.87 27.71
C THR N 172 22.35 -8.03 28.58
N LYS N 173 22.52 -8.66 29.74
CA LYS N 173 21.40 -8.87 30.66
C LYS N 173 20.72 -7.56 31.03
N LYS N 174 21.47 -6.47 30.94
CA LYS N 174 20.95 -5.13 31.28
C LYS N 174 20.09 -4.59 30.16
N LYS N 175 20.53 -4.80 28.92
CA LYS N 175 19.84 -4.30 27.75
C LYS N 175 18.47 -4.97 27.61
N VAL N 176 18.40 -6.27 27.91
CA VAL N 176 17.15 -7.02 27.90
C VAL N 176 16.10 -6.61 28.94
N ILE N 177 16.56 -6.36 30.17
CA ILE N 177 15.74 -5.73 31.18
C ILE N 177 15.22 -4.37 30.69
N GLU N 178 16.14 -3.57 30.14
CA GLU N 178 15.80 -2.23 29.64
C GLU N 178 14.73 -2.28 28.56
N ILE N 179 14.80 -3.29 27.69
CA ILE N 179 13.83 -3.43 26.61
C ILE N 179 12.45 -3.82 27.15
N ILE N 180 12.40 -4.84 27.98
CA ILE N 180 11.14 -5.26 28.58
C ILE N 180 10.49 -4.10 29.32
N SER N 181 11.30 -3.35 30.07
CA SER N 181 10.80 -2.18 30.81
C SER N 181 10.10 -1.18 29.91
N LYS N 182 10.80 -0.72 28.88
CA LYS N 182 10.21 0.25 27.96
C LYS N 182 8.94 -0.30 27.36
N ASN N 183 8.95 -1.59 27.02
CA ASN N 183 7.80 -2.23 26.37
C ASN N 183 6.58 -2.31 27.27
N THR N 184 6.79 -2.75 28.50
CA THR N 184 5.70 -2.97 29.45
C THR N 184 5.44 -1.76 30.33
N GLU N 185 6.15 -0.67 30.07
CA GLU N 185 5.99 0.56 30.85
C GLU N 185 6.12 0.31 32.36
N LYS N 186 7.21 -0.34 32.75
CA LYS N 186 7.50 -0.61 34.15
C LYS N 186 8.94 -0.23 34.47
N ASP N 187 9.25 -0.10 35.76
CA ASP N 187 10.59 0.30 36.19
C ASP N 187 11.55 -0.87 36.12
N THR N 188 12.83 -0.57 35.88
CA THR N 188 13.83 -1.60 35.72
C THR N 188 13.86 -2.57 36.90
N ASN N 189 13.54 -2.06 38.08
CA ASN N 189 13.57 -2.87 39.30
C ASN N 189 12.50 -3.95 39.29
N VAL N 190 11.25 -3.55 39.08
CA VAL N 190 10.14 -4.49 39.13
C VAL N 190 10.28 -5.58 38.08
N ILE N 191 10.92 -5.26 36.96
CA ILE N 191 11.17 -6.23 35.90
C ILE N 191 12.22 -7.26 36.32
N SER N 192 13.35 -6.77 36.83
CA SER N 192 14.41 -7.68 37.27
C SER N 192 13.91 -8.65 38.34
N ASN N 193 12.88 -8.24 39.07
CA ASN N 193 12.22 -9.13 40.03
C ASN N 193 11.39 -10.18 39.34
N VAL N 194 10.56 -9.75 38.40
CA VAL N 194 9.71 -10.67 37.65
C VAL N 194 10.55 -11.74 36.98
N LEU N 195 11.79 -11.40 36.65
CA LEU N 195 12.65 -12.31 35.89
C LEU N 195 13.30 -13.37 36.77
N GLU N 196 13.25 -13.16 38.08
CA GLU N 196 13.82 -14.12 39.01
C GLU N 196 13.06 -15.44 38.98
N ARG N 197 11.78 -15.37 38.64
CA ARG N 197 10.93 -16.55 38.55
C ARG N 197 10.36 -16.70 37.16
N ASP N 198 10.35 -17.92 36.63
CA ASP N 198 9.67 -18.17 35.37
C ASP N 198 8.19 -17.86 35.57
N LYS N 199 7.67 -16.98 34.73
CA LYS N 199 6.29 -16.53 34.85
C LYS N 199 5.55 -16.68 33.54
N TYR N 200 4.44 -17.43 33.56
CA TYR N 200 3.64 -17.65 32.36
C TYR N 200 2.37 -16.81 32.35
N PHE N 201 2.05 -16.27 31.18
CA PHE N 201 0.83 -15.47 31.02
C PHE N 201 -0.11 -16.17 30.05
N ASN N 202 -1.40 -15.93 30.22
CA ASN N 202 -2.36 -16.21 29.18
C ASN N 202 -2.63 -14.87 28.52
N ALA N 203 -3.48 -14.86 27.50
CA ALA N 203 -3.68 -13.62 26.76
C ALA N 203 -4.03 -12.46 27.69
N ASP N 204 -5.09 -12.63 28.48
CA ASP N 204 -5.55 -11.56 29.34
C ASP N 204 -4.48 -11.11 30.33
N GLU N 205 -3.80 -12.08 30.94
CA GLU N 205 -2.71 -11.77 31.86
C GLU N 205 -1.66 -10.91 31.16
N ALA N 206 -1.39 -11.23 29.90
CA ALA N 206 -0.36 -10.55 29.13
C ALA N 206 -0.78 -9.12 28.76
N VAL N 207 -2.08 -8.92 28.64
CA VAL N 207 -2.60 -7.60 28.31
C VAL N 207 -2.51 -6.66 29.51
N ASP N 208 -2.72 -7.21 30.70
CA ASP N 208 -2.65 -6.42 31.92
C ASP N 208 -1.22 -6.05 32.21
N PHE N 209 -0.30 -6.98 31.95
CA PHE N 209 1.10 -6.72 32.24
C PHE N 209 1.66 -5.76 31.20
N LYS N 210 0.84 -5.46 30.20
CA LYS N 210 1.22 -4.58 29.11
C LYS N 210 2.32 -5.13 28.17
N LEU N 211 2.40 -6.45 28.06
CA LEU N 211 3.17 -7.08 26.98
C LEU N 211 2.41 -6.98 25.67
N ILE N 212 1.08 -7.02 25.76
CA ILE N 212 0.20 -7.03 24.61
C ILE N 212 -0.81 -5.88 24.75
N ASP N 213 -1.39 -5.47 23.63
CA ASP N 213 -2.41 -4.44 23.62
C ASP N 213 -3.82 -5.01 23.50
N HIS N 214 -4.08 -5.72 22.42
CA HIS N 214 -5.42 -6.24 22.17
C HIS N 214 -5.49 -7.74 21.91
N ILE N 215 -6.63 -8.34 22.22
CA ILE N 215 -6.90 -9.73 21.87
C ILE N 215 -7.86 -9.77 20.69
N LEU N 216 -7.52 -10.54 19.67
CA LEU N 216 -8.28 -10.59 18.43
C LEU N 216 -9.45 -11.56 18.49
N GLU N 217 -10.60 -11.12 18.00
CA GLU N 217 -11.74 -12.01 17.79
C GLU N 217 -12.42 -11.56 16.50
N LYS N 218 -13.49 -12.19 16.04
CA LYS N 218 -14.04 -11.77 14.75
C LYS N 218 -14.71 -10.39 14.79
#